data_9MZ4
#
_entry.id   9MZ4
#
_cell.length_a   58.811
_cell.length_b   151.138
_cell.length_c   107.785
_cell.angle_alpha   90.00
_cell.angle_beta   90.61
_cell.angle_gamma   90.00
#
_symmetry.space_group_name_H-M   'P 1 21 1'
#
loop_
_entity.id
_entity.type
_entity.pdbx_description
1 polymer 'Nitric oxide synthase 3'
2 non-polymer 'PROTOPORPHYRIN IX CONTAINING FE'
3 non-polymer 5,6,7,8-TETRAHYDROBIOPTERIN
4 non-polymer (7P)-7-[3-(aminomethyl)-4-(cyclopropylmethoxy)phenyl]-6-fluoro-4-methylquinolin-2-amine
5 non-polymer 2-[BIS-(2-HYDROXY-ETHYL)-AMINO]-2-HYDROXYMETHYL-PROPANE-1,3-DIOL
6 non-polymer GLYCEROL
7 non-polymer 'CHLORIDE ION'
8 non-polymer 'GADOLINIUM ATOM'
9 non-polymer 'ZINC ION'
10 non-polymer 'CALCIUM ION'
11 water water
#
_entity_poly.entity_id   1
_entity_poly.type   'polypeptide(L)'
_entity_poly.pdbx_seq_one_letter_code
;APASLLPPAPEHSPPSSPLTQPPEGPKFPRVKNWEVGSITYDTLSAQAQQDGPCTPRRCLGSLVFPRKLQGRPSPGPPAP
EQLLSQARDFINQYYSSIKRSGSQAHEQRLQEVEAEVAATGTYQLRESELVFGAKQAWRNAPRCVGRIQWGKLQVFDARD
CRSAQEMFTYICNHIKYATNRGNLRSAITVFPQRCPGRGDFRIWNSQLVRYAGYRQQDGSVRGDPANVEITELCIQHGWT
PGNGRFDVLPLLLQAPDEPPELFLLPPELVLEVPLEHPTLEWFAALGLRWYALPAVSNMLLEIGGLEFPAAPFSGWYMST
EIGTRNLCDPHRYNILEDVAVCMDLDTRTTSSLWKDKAAVEINVAVLHSYQLAKVTIVDHHAATASFMKHLENEQKARGG
CPADWAWIVPPISGSLTPVFHQEMVNYFLSPAFRYQPDPW
;
_entity_poly.pdbx_strand_id   A,B,C,D
#
loop_
_chem_comp.id
_chem_comp.type
_chem_comp.name
_chem_comp.formula
A1BU3 non-polymer (7P)-7-[3-(aminomethyl)-4-(cyclopropylmethoxy)phenyl]-6-fluoro-4-methylquinolin-2-amine 'C21 H22 F N3 O'
BTB non-polymer 2-[BIS-(2-HYDROXY-ETHYL)-AMINO]-2-HYDROXYMETHYL-PROPANE-1,3-DIOL 'C8 H19 N O5'
CA non-polymer 'CALCIUM ION' 'Ca 2'
CL non-polymer 'CHLORIDE ION' 'Cl -1'
GD non-polymer 'GADOLINIUM ATOM' Gd
GOL non-polymer GLYCEROL 'C3 H8 O3'
H4B non-polymer 5,6,7,8-TETRAHYDROBIOPTERIN 'C9 H15 N5 O3'
HEM non-polymer 'PROTOPORPHYRIN IX CONTAINING FE' 'C34 H32 Fe N4 O4'
ZN non-polymer 'ZINC ION' 'Zn 2'
#
# COMPACT_ATOMS: atom_id res chain seq x y z
N LYS A 27 -40.04 -18.72 -34.10
CA LYS A 27 -39.89 -17.37 -34.64
C LYS A 27 -39.72 -16.33 -33.54
N PHE A 28 -40.68 -16.28 -32.62
CA PHE A 28 -40.64 -15.30 -31.54
C PHE A 28 -39.97 -15.92 -30.31
N PRO A 29 -38.87 -15.34 -29.83
CA PRO A 29 -38.18 -15.94 -28.68
C PRO A 29 -39.11 -16.08 -27.47
N ARG A 30 -39.08 -17.27 -26.86
CA ARG A 30 -39.70 -17.52 -25.57
C ARG A 30 -38.76 -17.00 -24.47
N VAL A 31 -39.32 -16.29 -23.49
CA VAL A 31 -38.56 -15.55 -22.48
C VAL A 31 -39.13 -15.90 -21.11
N LYS A 32 -38.28 -16.43 -20.22
CA LYS A 32 -38.78 -16.94 -18.96
C LYS A 32 -38.19 -16.19 -17.77
N ASN A 33 -39.03 -15.96 -16.78
CA ASN A 33 -38.58 -15.52 -15.47
C ASN A 33 -38.44 -16.76 -14.60
N TRP A 34 -37.24 -16.99 -14.10
CA TRP A 34 -36.92 -18.20 -13.34
C TRP A 34 -37.26 -18.08 -11.86
N GLU A 35 -37.41 -16.87 -11.34
CA GLU A 35 -37.93 -16.71 -9.98
C GLU A 35 -39.43 -17.01 -9.95
N VAL A 36 -40.16 -16.54 -10.95
CA VAL A 36 -41.61 -16.56 -10.94
C VAL A 36 -42.15 -17.73 -11.74
N GLY A 37 -41.46 -18.12 -12.81
CA GLY A 37 -41.96 -19.12 -13.72
C GLY A 37 -42.86 -18.57 -14.81
N SER A 38 -42.90 -17.25 -14.99
CA SER A 38 -43.72 -16.61 -16.00
C SER A 38 -43.02 -16.63 -17.36
N ILE A 39 -43.79 -16.92 -18.40
CA ILE A 39 -43.34 -16.93 -19.78
C ILE A 39 -43.95 -15.74 -20.50
N THR A 40 -43.16 -15.08 -21.34
CA THR A 40 -43.66 -14.20 -22.40
C THR A 40 -42.90 -14.51 -23.67
N TYR A 41 -43.39 -13.99 -24.78
CA TYR A 41 -42.72 -14.08 -26.05
C TYR A 41 -42.40 -12.68 -26.53
N ASP A 42 -41.20 -12.48 -27.05
CA ASP A 42 -40.79 -11.15 -27.50
C ASP A 42 -41.11 -11.08 -28.97
N THR A 43 -42.23 -10.44 -29.30
CA THR A 43 -42.59 -10.26 -30.70
C THR A 43 -41.92 -9.02 -31.27
N LEU A 44 -41.43 -8.12 -30.42
CA LEU A 44 -40.83 -6.87 -30.91
C LEU A 44 -39.49 -7.12 -31.58
N SER A 45 -38.75 -8.15 -31.14
CA SER A 45 -37.43 -8.43 -31.71
C SER A 45 -37.49 -8.66 -33.20
N ALA A 46 -38.64 -9.06 -33.75
CA ALA A 46 -38.82 -9.18 -35.19
C ALA A 46 -38.61 -7.84 -35.90
N GLN A 47 -38.84 -6.73 -35.21
CA GLN A 47 -38.67 -5.40 -35.79
C GLN A 47 -37.25 -4.87 -35.69
N ALA A 48 -36.28 -5.73 -35.35
CA ALA A 48 -34.91 -5.29 -35.14
C ALA A 48 -34.35 -4.62 -36.39
N GLN A 49 -34.23 -3.29 -36.34
CA GLN A 49 -33.83 -2.53 -37.51
C GLN A 49 -32.45 -2.93 -38.00
N GLN A 50 -31.48 -3.02 -37.09
CA GLN A 50 -30.09 -3.27 -37.47
C GLN A 50 -29.69 -4.70 -37.09
N ASP A 51 -28.40 -4.98 -37.23
CA ASP A 51 -27.85 -6.29 -36.91
C ASP A 51 -26.85 -6.15 -35.77
N GLY A 52 -27.01 -7.01 -34.76
CA GLY A 52 -26.05 -7.08 -33.68
C GLY A 52 -24.84 -7.93 -34.01
N PRO A 53 -24.01 -8.20 -33.00
CA PRO A 53 -22.72 -8.86 -33.23
C PRO A 53 -22.77 -10.38 -33.19
N CYS A 54 -23.85 -10.96 -32.71
CA CYS A 54 -23.91 -12.38 -32.45
C CYS A 54 -24.26 -13.11 -33.73
N THR A 55 -23.83 -14.36 -33.83
CA THR A 55 -24.23 -15.23 -34.92
C THR A 55 -24.62 -16.56 -34.31
N PRO A 56 -25.20 -17.46 -35.10
CA PRO A 56 -25.43 -18.82 -34.57
C PRO A 56 -24.16 -19.49 -34.07
N ARG A 57 -23.01 -19.12 -34.63
CA ARG A 57 -21.74 -19.71 -34.25
C ARG A 57 -21.25 -19.23 -32.88
N ARG A 58 -21.55 -18.00 -32.50
CA ARG A 58 -20.90 -17.44 -31.30
C ARG A 58 -21.68 -16.22 -30.85
N CYS A 59 -21.90 -16.13 -29.53
CA CYS A 59 -22.55 -14.97 -28.93
C CYS A 59 -21.48 -14.00 -28.46
N LEU A 60 -21.61 -12.74 -28.88
CA LEU A 60 -20.72 -11.67 -28.46
C LEU A 60 -21.45 -10.68 -27.55
N GLY A 61 -22.52 -11.12 -26.90
CA GLY A 61 -23.30 -10.23 -26.06
C GLY A 61 -22.46 -9.43 -25.09
N SER A 62 -21.44 -10.05 -24.51
CA SER A 62 -20.65 -9.38 -23.48
C SER A 62 -19.75 -8.28 -24.00
N LEU A 63 -19.63 -8.10 -25.32
CA LEU A 63 -18.75 -7.05 -25.84
C LEU A 63 -19.38 -5.69 -25.59
N VAL A 64 -18.58 -4.75 -25.09
CA VAL A 64 -19.11 -3.41 -24.85
C VAL A 64 -19.44 -2.72 -26.15
N PHE A 65 -18.50 -2.72 -27.09
CA PHE A 65 -18.72 -2.22 -28.43
C PHE A 65 -18.90 -3.41 -29.36
N PRO A 66 -20.15 -3.78 -29.72
CA PRO A 66 -20.36 -4.90 -30.64
C PRO A 66 -19.44 -4.84 -31.86
N ARG A 67 -19.47 -3.72 -32.58
CA ARG A 67 -18.47 -3.46 -33.62
C ARG A 67 -18.32 -1.95 -33.85
N ALA A 79 -27.61 7.86 -47.39
CA ALA A 79 -28.06 8.86 -48.37
C ALA A 79 -27.87 8.34 -49.79
N PRO A 80 -28.77 8.73 -50.72
CA PRO A 80 -29.98 9.54 -50.52
C PRO A 80 -31.26 8.72 -50.29
N GLU A 81 -31.45 7.63 -51.04
CA GLU A 81 -32.61 6.77 -50.87
C GLU A 81 -32.52 5.91 -49.61
N GLN A 82 -31.32 5.69 -49.08
CA GLN A 82 -31.17 5.03 -47.79
C GLN A 82 -31.74 5.90 -46.67
N LEU A 83 -31.35 7.18 -46.67
CA LEU A 83 -31.98 8.16 -45.78
C LEU A 83 -33.50 8.03 -45.81
N LEU A 84 -34.05 7.99 -47.02
CA LEU A 84 -35.50 7.99 -47.22
C LEU A 84 -36.20 6.87 -46.46
N SER A 85 -35.66 5.66 -46.56
CA SER A 85 -36.35 4.50 -46.00
C SER A 85 -36.31 4.52 -44.48
N GLN A 86 -35.20 4.97 -43.88
CA GLN A 86 -35.19 5.19 -42.45
C GLN A 86 -36.13 6.32 -42.07
N ALA A 87 -36.09 7.42 -42.84
CA ALA A 87 -36.98 8.55 -42.56
C ALA A 87 -38.44 8.14 -42.72
N ARG A 88 -38.75 7.40 -43.80
CA ARG A 88 -40.12 6.93 -43.98
C ARG A 88 -40.58 6.09 -42.79
N ASP A 89 -39.75 5.16 -42.33
CA ASP A 89 -40.24 4.24 -41.31
C ASP A 89 -40.33 4.89 -39.94
N PHE A 90 -39.47 5.86 -39.63
CA PHE A 90 -39.64 6.61 -38.39
C PHE A 90 -40.91 7.45 -38.44
N ILE A 91 -41.20 8.10 -39.58
CA ILE A 91 -42.45 8.84 -39.70
C ILE A 91 -43.62 7.90 -39.47
N ASN A 92 -43.54 6.71 -40.06
CA ASN A 92 -44.57 5.70 -39.87
C ASN A 92 -44.72 5.34 -38.40
N GLN A 93 -43.61 5.03 -37.73
CA GLN A 93 -43.56 4.84 -36.29
C GLN A 93 -44.33 5.94 -35.57
N TYR A 94 -43.84 7.17 -35.74
CA TYR A 94 -44.42 8.32 -35.04
C TYR A 94 -45.92 8.41 -35.27
N TYR A 95 -46.35 8.38 -36.53
CA TYR A 95 -47.77 8.55 -36.79
C TYR A 95 -48.55 7.34 -36.31
N SER A 96 -47.90 6.18 -36.21
CA SER A 96 -48.54 5.03 -35.58
C SER A 96 -48.75 5.28 -34.09
N SER A 97 -47.74 5.82 -33.41
CA SER A 97 -47.78 5.98 -31.96
C SER A 97 -48.83 7.01 -31.52
N ILE A 98 -49.18 7.97 -32.37
CA ILE A 98 -50.14 8.99 -31.97
C ILE A 98 -51.53 8.57 -32.45
N LYS A 99 -51.66 7.32 -32.88
CA LYS A 99 -52.92 6.74 -33.32
C LYS A 99 -53.46 7.42 -34.58
N ARG A 100 -52.59 8.11 -35.31
CA ARG A 100 -52.97 8.76 -36.56
C ARG A 100 -52.32 8.03 -37.73
N SER A 101 -52.57 6.73 -37.80
CA SER A 101 -51.91 5.88 -38.78
C SER A 101 -52.56 6.02 -40.15
N GLY A 102 -51.73 6.30 -41.16
CA GLY A 102 -52.19 6.38 -42.53
C GLY A 102 -53.06 7.60 -42.79
N SER A 103 -53.21 8.45 -41.78
CA SER A 103 -54.15 9.56 -41.84
C SER A 103 -53.64 10.71 -42.71
N GLN A 104 -54.15 11.91 -42.44
CA GLN A 104 -54.00 13.04 -43.34
C GLN A 104 -52.63 13.71 -43.20
N ALA A 105 -52.28 14.11 -41.98
CA ALA A 105 -50.95 14.65 -41.71
C ALA A 105 -49.86 13.62 -41.98
N HIS A 106 -50.19 12.34 -41.91
CA HIS A 106 -49.21 11.30 -42.24
C HIS A 106 -48.72 11.44 -43.67
N GLU A 107 -49.64 11.47 -44.64
CA GLU A 107 -49.21 11.56 -46.04
C GLU A 107 -48.45 12.85 -46.29
N GLN A 108 -48.92 13.97 -45.72
CA GLN A 108 -48.25 15.25 -45.95
C GLN A 108 -46.81 15.21 -45.45
N ARG A 109 -46.62 14.70 -44.24
CA ARG A 109 -45.28 14.58 -43.68
C ARG A 109 -44.37 13.77 -44.60
N LEU A 110 -44.85 12.62 -45.06
CA LEU A 110 -44.04 11.78 -45.94
C LEU A 110 -43.58 12.53 -47.18
N GLN A 111 -44.50 13.21 -47.88
CA GLN A 111 -44.11 13.95 -49.07
C GLN A 111 -43.23 15.15 -48.73
N GLU A 112 -43.34 15.65 -47.50
CA GLU A 112 -42.46 16.74 -47.08
C GLU A 112 -41.01 16.28 -47.03
N VAL A 113 -40.73 15.18 -46.31
CA VAL A 113 -39.35 14.73 -46.19
C VAL A 113 -38.80 14.34 -47.55
N GLU A 114 -39.60 13.62 -48.34
CA GLU A 114 -39.23 13.29 -49.71
C GLU A 114 -38.74 14.53 -50.45
N ALA A 115 -39.56 15.59 -50.47
CA ALA A 115 -39.17 16.80 -51.17
C ALA A 115 -37.97 17.47 -50.52
N GLU A 116 -37.92 17.46 -49.17
CA GLU A 116 -36.80 18.04 -48.44
C GLU A 116 -35.48 17.41 -48.84
N VAL A 117 -35.43 16.07 -48.90
CA VAL A 117 -34.19 15.38 -49.24
C VAL A 117 -33.86 15.55 -50.72
N ALA A 118 -34.88 15.63 -51.58
CA ALA A 118 -34.65 15.94 -52.99
C ALA A 118 -34.03 17.32 -53.13
N ALA A 119 -34.63 18.32 -52.49
CA ALA A 119 -34.03 19.64 -52.36
C ALA A 119 -32.63 19.61 -51.74
N THR A 120 -32.51 19.18 -50.48
CA THR A 120 -31.32 19.43 -49.69
C THR A 120 -30.38 18.23 -49.56
N GLY A 121 -30.87 17.00 -49.64
CA GLY A 121 -30.10 15.83 -49.28
C GLY A 121 -30.34 15.36 -47.86
N THR A 122 -31.13 16.11 -47.11
CA THR A 122 -31.50 15.78 -45.74
C THR A 122 -32.90 16.33 -45.53
N TYR A 123 -33.43 16.16 -44.32
CA TYR A 123 -34.70 16.79 -44.00
C TYR A 123 -34.68 17.26 -42.56
N GLN A 124 -35.77 17.89 -42.14
CA GLN A 124 -35.90 18.48 -40.81
C GLN A 124 -36.99 17.77 -40.02
N LEU A 125 -36.70 17.48 -38.75
CA LEU A 125 -37.71 16.93 -37.86
C LEU A 125 -38.63 18.04 -37.37
N ARG A 126 -39.93 17.75 -37.35
CA ARG A 126 -40.84 18.55 -36.54
C ARG A 126 -40.41 18.43 -35.10
N GLU A 127 -40.67 19.47 -34.31
CA GLU A 127 -40.20 19.48 -32.93
C GLU A 127 -40.81 18.34 -32.13
N SER A 128 -42.02 17.91 -32.49
CA SER A 128 -42.65 16.81 -31.77
C SER A 128 -42.04 15.47 -32.16
N GLU A 129 -41.78 15.28 -33.46
CA GLU A 129 -41.04 14.11 -33.92
C GLU A 129 -39.69 13.99 -33.23
N LEU A 130 -39.04 15.13 -33.00
CA LEU A 130 -37.76 15.13 -32.29
C LEU A 130 -37.97 14.66 -30.85
N VAL A 131 -38.97 15.22 -30.16
CA VAL A 131 -39.27 14.77 -28.80
C VAL A 131 -39.57 13.28 -28.80
N PHE A 132 -40.45 12.84 -29.68
CA PHE A 132 -40.79 11.41 -29.77
C PHE A 132 -39.56 10.57 -30.09
N GLY A 133 -38.70 11.06 -30.99
CA GLY A 133 -37.52 10.30 -31.36
C GLY A 133 -36.50 10.20 -30.23
N ALA A 134 -36.34 11.28 -29.45
CA ALA A 134 -35.46 11.23 -28.30
C ALA A 134 -35.98 10.28 -27.24
N LYS A 135 -37.29 10.31 -26.96
CA LYS A 135 -37.86 9.39 -25.96
C LYS A 135 -37.77 7.95 -26.42
N GLN A 136 -38.12 7.68 -27.68
CA GLN A 136 -38.04 6.33 -28.19
C GLN A 136 -36.61 5.79 -28.13
N ALA A 137 -35.63 6.64 -28.43
CA ALA A 137 -34.24 6.21 -28.44
C ALA A 137 -33.77 5.83 -27.05
N TRP A 138 -34.29 6.51 -26.02
CA TRP A 138 -34.05 6.09 -24.65
C TRP A 138 -34.79 4.81 -24.34
N ARG A 139 -36.09 4.78 -24.65
CA ARG A 139 -36.92 3.58 -24.50
C ARG A 139 -36.27 2.36 -25.14
N ASN A 140 -35.52 2.56 -26.22
CA ASN A 140 -34.95 1.48 -27.00
C ASN A 140 -33.56 1.08 -26.52
N ALA A 141 -32.95 1.84 -25.62
CA ALA A 141 -31.55 1.69 -25.26
C ALA A 141 -31.45 0.44 -24.40
N PRO A 142 -30.91 -0.67 -24.93
CA PRO A 142 -31.09 -1.94 -24.23
C PRO A 142 -30.34 -2.02 -22.91
N ARG A 143 -29.22 -1.33 -22.79
CA ARG A 143 -28.46 -1.37 -21.54
C ARG A 143 -28.98 -0.42 -20.48
N CYS A 144 -30.07 0.31 -20.71
CA CYS A 144 -30.51 1.30 -19.73
C CYS A 144 -31.51 0.71 -18.76
N VAL A 145 -31.14 0.66 -17.47
CA VAL A 145 -32.06 0.11 -16.46
C VAL A 145 -33.07 1.15 -15.97
N GLY A 146 -32.91 2.41 -16.33
CA GLY A 146 -33.80 3.44 -15.81
C GLY A 146 -34.94 3.78 -16.73
N ARG A 147 -35.28 2.86 -17.63
CA ARG A 147 -36.21 3.17 -18.71
C ARG A 147 -37.67 3.24 -18.27
N ILE A 148 -38.02 2.82 -17.05
CA ILE A 148 -39.35 3.07 -16.52
C ILE A 148 -39.72 4.54 -16.67
N GLN A 149 -38.71 5.42 -16.67
CA GLN A 149 -38.85 6.87 -16.79
C GLN A 149 -38.94 7.38 -18.23
N TRP A 150 -38.96 6.49 -19.24
CA TRP A 150 -38.69 6.93 -20.60
C TRP A 150 -39.70 7.97 -21.09
N GLY A 151 -40.94 7.91 -20.61
CA GLY A 151 -41.91 8.89 -21.07
C GLY A 151 -41.78 10.28 -20.48
N LYS A 152 -40.97 10.44 -19.43
CA LYS A 152 -40.76 11.71 -18.77
C LYS A 152 -39.33 12.16 -19.09
N LEU A 153 -39.20 12.91 -20.18
CA LEU A 153 -37.90 13.40 -20.61
C LEU A 153 -38.10 14.82 -21.12
N GLN A 154 -37.23 15.72 -20.70
CA GLN A 154 -37.28 17.09 -21.15
C GLN A 154 -36.38 17.24 -22.37
N VAL A 155 -36.95 17.62 -23.50
CA VAL A 155 -36.19 17.74 -24.74
C VAL A 155 -35.94 19.21 -25.01
N PHE A 156 -34.67 19.60 -25.06
CA PHE A 156 -34.29 20.97 -25.40
C PHE A 156 -33.82 20.99 -26.83
N ASP A 157 -34.58 21.68 -27.69
CA ASP A 157 -34.22 21.83 -29.09
C ASP A 157 -33.13 22.90 -29.18
N ALA A 158 -31.88 22.46 -29.38
CA ALA A 158 -30.75 23.33 -29.68
C ALA A 158 -30.33 23.23 -31.14
N ARG A 159 -31.22 22.77 -32.02
CA ARG A 159 -30.90 22.63 -33.44
C ARG A 159 -30.61 23.95 -34.12
N ASP A 160 -30.84 25.08 -33.45
CA ASP A 160 -30.51 26.39 -34.00
C ASP A 160 -29.20 26.92 -33.44
N CYS A 161 -28.29 26.03 -33.03
CA CYS A 161 -27.05 26.45 -32.42
C CYS A 161 -25.96 26.69 -33.45
N ARG A 162 -25.05 27.60 -33.13
CA ARG A 162 -23.85 27.86 -33.90
C ARG A 162 -22.80 28.45 -32.95
N SER A 163 -21.54 28.14 -33.23
CA SER A 163 -20.41 28.46 -32.35
C SER A 163 -20.47 27.69 -31.03
N ALA A 164 -19.30 27.43 -30.44
CA ALA A 164 -19.25 26.71 -29.17
C ALA A 164 -19.79 27.53 -28.01
N GLN A 165 -19.85 28.86 -28.14
CA GLN A 165 -20.39 29.69 -27.06
C GLN A 165 -21.89 29.47 -26.88
N GLU A 166 -22.61 29.21 -27.97
CA GLU A 166 -24.03 28.91 -27.80
C GLU A 166 -24.22 27.49 -27.29
N MET A 167 -23.41 26.56 -27.79
CA MET A 167 -23.35 25.22 -27.22
C MET A 167 -23.23 25.29 -25.70
N PHE A 168 -22.28 26.11 -25.23
CA PHE A 168 -22.01 26.21 -23.80
C PHE A 168 -23.23 26.73 -23.04
N THR A 169 -23.94 27.71 -23.60
CA THR A 169 -25.12 28.22 -22.94
C THR A 169 -26.22 27.17 -22.88
N TYR A 170 -26.47 26.49 -24.01
CA TYR A 170 -27.41 25.38 -24.01
C TYR A 170 -27.04 24.34 -22.94
N ILE A 171 -25.76 23.96 -22.89
CA ILE A 171 -25.34 22.93 -21.96
C ILE A 171 -25.58 23.38 -20.52
N CYS A 172 -25.21 24.63 -20.22
CA CYS A 172 -25.39 25.15 -18.87
C CYS A 172 -26.85 25.24 -18.49
N ASN A 173 -27.72 25.64 -19.42
CA ASN A 173 -29.15 25.59 -19.14
C ASN A 173 -29.58 24.15 -18.86
N HIS A 174 -29.12 23.21 -19.69
CA HIS A 174 -29.43 21.80 -19.46
C HIS A 174 -29.03 21.39 -18.04
N ILE A 175 -27.74 21.56 -17.71
CA ILE A 175 -27.24 21.22 -16.38
C ILE A 175 -28.09 21.86 -15.30
N LYS A 176 -28.30 23.18 -15.42
CA LYS A 176 -29.14 23.89 -14.46
C LYS A 176 -30.54 23.30 -14.39
N TYR A 177 -31.14 23.02 -15.55
CA TYR A 177 -32.51 22.50 -15.52
C TYR A 177 -32.54 21.08 -14.95
N ALA A 178 -31.57 20.26 -15.32
CA ALA A 178 -31.57 18.86 -14.94
C ALA A 178 -31.21 18.68 -13.48
N THR A 179 -30.25 19.46 -12.98
CA THR A 179 -29.90 19.37 -11.57
C THR A 179 -31.08 19.79 -10.70
N ASN A 180 -31.68 20.96 -10.99
CA ASN A 180 -32.88 21.36 -10.29
C ASN A 180 -32.67 21.32 -8.78
N ARG A 181 -31.53 21.82 -8.33
CA ARG A 181 -31.17 21.89 -6.92
C ARG A 181 -31.18 20.52 -6.24
N GLY A 182 -30.97 19.45 -6.99
CA GLY A 182 -30.94 18.11 -6.43
C GLY A 182 -32.16 17.27 -6.77
N ASN A 183 -33.29 17.88 -7.11
CA ASN A 183 -34.43 17.09 -7.56
C ASN A 183 -34.28 16.89 -9.05
N LEU A 184 -33.52 15.86 -9.41
CA LEU A 184 -33.05 15.69 -10.78
C LEU A 184 -34.22 15.37 -11.71
N ARG A 185 -34.13 15.90 -12.93
CA ARG A 185 -35.12 15.70 -13.97
C ARG A 185 -34.40 15.28 -15.24
N SER A 186 -34.91 14.24 -15.89
CA SER A 186 -34.27 13.77 -17.11
C SER A 186 -34.42 14.79 -18.22
N ALA A 187 -33.39 14.89 -19.06
CA ALA A 187 -33.42 15.92 -20.09
C ALA A 187 -32.41 15.56 -21.18
N ILE A 188 -32.69 16.01 -22.39
CA ILE A 188 -31.75 15.91 -23.49
C ILE A 188 -31.71 17.25 -24.20
N THR A 189 -30.54 17.65 -24.67
CA THR A 189 -30.41 18.81 -25.53
C THR A 189 -29.90 18.35 -26.88
N VAL A 190 -30.57 18.75 -27.95
CA VAL A 190 -30.30 18.23 -29.28
C VAL A 190 -29.71 19.36 -30.11
N PHE A 191 -28.42 19.23 -30.40
CA PHE A 191 -27.69 20.16 -31.23
C PHE A 191 -27.88 19.80 -32.69
N PRO A 192 -27.48 20.66 -33.63
CA PRO A 192 -27.83 20.43 -35.03
C PRO A 192 -27.33 19.09 -35.56
N GLN A 193 -28.13 18.52 -36.46
CA GLN A 193 -27.78 17.25 -37.06
C GLN A 193 -26.57 17.39 -37.95
N ARG A 194 -25.81 16.31 -38.05
CA ARG A 194 -24.85 16.16 -39.13
C ARG A 194 -25.55 16.35 -40.47
N CYS A 195 -24.88 17.02 -41.40
CA CYS A 195 -25.36 17.17 -42.76
C CYS A 195 -24.17 17.05 -43.71
N PRO A 196 -24.42 16.81 -44.99
CA PRO A 196 -23.31 16.75 -45.95
C PRO A 196 -22.63 18.10 -46.10
N GLY A 197 -21.31 18.05 -46.32
CA GLY A 197 -20.54 19.23 -46.60
C GLY A 197 -20.03 19.96 -45.37
N ARG A 198 -20.81 19.90 -44.29
CA ARG A 198 -20.52 20.62 -43.05
C ARG A 198 -19.97 19.66 -41.99
N GLY A 199 -19.07 20.18 -41.17
CA GLY A 199 -18.57 19.42 -40.04
C GLY A 199 -19.65 19.10 -39.02
N ASP A 200 -19.26 18.81 -37.80
CA ASP A 200 -20.22 18.39 -36.79
C ASP A 200 -20.03 19.15 -35.51
N PHE A 201 -21.15 19.32 -34.80
CA PHE A 201 -21.11 19.67 -33.40
C PHE A 201 -20.76 18.43 -32.60
N ARG A 202 -19.68 18.50 -31.83
CA ARG A 202 -19.23 17.40 -30.98
C ARG A 202 -18.91 17.95 -29.60
N ILE A 203 -19.35 17.26 -28.57
CA ILE A 203 -18.89 17.48 -27.22
C ILE A 203 -17.77 16.47 -26.96
N TRP A 204 -16.52 16.96 -26.94
CA TRP A 204 -15.37 16.06 -26.80
C TRP A 204 -15.40 15.31 -25.48
N ASN A 205 -16.00 15.89 -24.44
CA ASN A 205 -16.11 15.22 -23.17
C ASN A 205 -17.10 14.07 -23.25
N SER A 206 -16.74 12.95 -22.63
CA SER A 206 -17.67 11.82 -22.57
C SER A 206 -18.88 12.13 -21.71
N GLN A 207 -18.72 13.01 -20.70
CA GLN A 207 -19.81 13.44 -19.86
C GLN A 207 -19.63 14.92 -19.55
N LEU A 208 -20.74 15.58 -19.21
CA LEU A 208 -20.68 17.01 -18.94
C LEU A 208 -19.90 17.28 -17.66
N VAL A 209 -19.99 16.37 -16.69
CA VAL A 209 -19.25 16.47 -15.44
C VAL A 209 -18.31 15.27 -15.39
N ARG A 210 -17.00 15.55 -15.34
CA ARG A 210 -15.97 14.53 -15.27
C ARG A 210 -14.83 15.04 -14.40
N TYR A 211 -14.32 14.18 -13.53
CA TYR A 211 -13.14 14.51 -12.73
C TYR A 211 -11.86 14.21 -13.50
N ALA A 212 -10.88 15.10 -13.37
CA ALA A 212 -9.64 14.94 -14.11
C ALA A 212 -8.90 13.68 -13.67
N GLY A 213 -8.02 13.21 -14.55
CA GLY A 213 -7.06 12.17 -14.23
C GLY A 213 -5.67 12.54 -14.69
N TYR A 214 -4.71 12.60 -13.76
CA TYR A 214 -3.35 13.05 -14.04
C TYR A 214 -2.36 11.91 -13.82
N ARG A 215 -1.34 11.82 -14.68
CA ARG A 215 -0.27 10.84 -14.50
C ARG A 215 0.93 11.46 -13.80
N GLN A 216 1.80 10.59 -13.26
CA GLN A 216 3.03 11.03 -12.60
C GLN A 216 4.16 10.06 -12.93
N GLN A 217 5.35 10.37 -12.40
CA GLN A 217 6.56 9.61 -12.71
C GLN A 217 6.63 8.30 -11.94
N ASP A 218 5.48 7.76 -11.54
CA ASP A 218 5.35 6.36 -11.17
C ASP A 218 4.22 5.69 -11.93
N GLY A 219 3.67 6.36 -12.96
CA GLY A 219 2.66 5.78 -13.82
C GLY A 219 1.25 5.84 -13.31
N SER A 220 1.04 6.05 -12.01
CA SER A 220 -0.30 6.02 -11.45
C SER A 220 -1.09 7.24 -11.91
N VAL A 221 -2.38 7.25 -11.56
CA VAL A 221 -3.29 8.34 -11.91
C VAL A 221 -3.87 8.91 -10.62
N ARG A 222 -3.78 10.23 -10.49
CA ARG A 222 -4.49 10.97 -9.45
C ARG A 222 -5.79 11.49 -10.06
N GLY A 223 -6.90 11.19 -9.41
CA GLY A 223 -8.19 11.47 -10.00
C GLY A 223 -8.77 10.26 -10.70
N ASP A 224 -9.51 10.49 -11.76
CA ASP A 224 -10.28 9.43 -12.41
C ASP A 224 -9.48 8.85 -13.56
N PRO A 225 -8.97 7.63 -13.45
CA PRO A 225 -8.20 7.05 -14.57
C PRO A 225 -8.97 7.05 -15.88
N ALA A 226 -10.30 7.01 -15.82
CA ALA A 226 -11.12 7.00 -17.02
C ALA A 226 -10.90 8.22 -17.90
N ASN A 227 -10.46 9.34 -17.31
CA ASN A 227 -10.43 10.62 -18.00
C ASN A 227 -9.03 11.13 -18.29
N VAL A 228 -8.01 10.25 -18.27
CA VAL A 228 -6.64 10.69 -18.54
C VAL A 228 -6.53 11.31 -19.93
N GLU A 229 -7.30 10.78 -20.89
CA GLU A 229 -7.22 11.25 -22.27
C GLU A 229 -7.83 12.65 -22.40
N ILE A 230 -9.06 12.84 -21.92
CA ILE A 230 -9.69 14.14 -22.04
C ILE A 230 -9.00 15.16 -21.14
N THR A 231 -8.41 14.69 -20.03
CA THR A 231 -7.66 15.62 -19.18
C THR A 231 -6.44 16.16 -19.93
N GLU A 232 -5.72 15.29 -20.64
CA GLU A 232 -4.60 15.77 -21.43
C GLU A 232 -5.07 16.73 -22.51
N LEU A 233 -6.23 16.46 -23.11
CA LEU A 233 -6.76 17.33 -24.16
C LEU A 233 -7.14 18.69 -23.59
N CYS A 234 -7.86 18.70 -22.46
CA CYS A 234 -8.19 19.96 -21.81
C CYS A 234 -6.94 20.74 -21.46
N ILE A 235 -5.93 20.05 -20.93
CA ILE A 235 -4.66 20.69 -20.61
C ILE A 235 -4.03 21.26 -21.88
N GLN A 236 -4.00 20.46 -22.95
CA GLN A 236 -3.38 20.91 -24.20
C GLN A 236 -4.10 22.11 -24.78
N HIS A 237 -5.44 22.10 -24.78
CA HIS A 237 -6.25 23.15 -25.39
C HIS A 237 -6.48 24.34 -24.46
N GLY A 238 -5.67 24.52 -23.42
CA GLY A 238 -5.64 25.76 -22.67
C GLY A 238 -5.81 25.59 -21.17
N TRP A 239 -6.52 24.55 -20.74
CA TRP A 239 -6.92 24.44 -19.33
C TRP A 239 -5.69 24.30 -18.44
N THR A 240 -5.64 25.11 -17.40
CA THR A 240 -4.63 24.97 -16.37
C THR A 240 -5.08 23.92 -15.36
N PRO A 241 -4.36 22.82 -15.19
CA PRO A 241 -4.89 21.70 -14.41
C PRO A 241 -4.85 21.96 -12.91
N GLY A 242 -5.83 21.38 -12.22
CA GLY A 242 -5.77 21.25 -10.77
C GLY A 242 -4.82 20.14 -10.38
N ASN A 243 -4.84 19.80 -9.10
CA ASN A 243 -4.04 18.67 -8.64
C ASN A 243 -4.79 17.85 -7.59
N GLY A 244 -6.12 17.80 -7.69
CA GLY A 244 -6.94 17.05 -6.76
C GLY A 244 -7.50 15.81 -7.42
N ARG A 245 -8.00 14.90 -6.56
CA ARG A 245 -8.65 13.68 -7.01
C ARG A 245 -10.01 13.93 -7.61
N PHE A 246 -10.59 15.13 -7.44
CA PHE A 246 -11.93 15.40 -7.92
C PHE A 246 -12.00 16.79 -8.54
N ASP A 247 -11.07 17.08 -9.45
CA ASP A 247 -11.09 18.33 -10.20
C ASP A 247 -12.03 18.19 -11.40
N VAL A 248 -13.15 18.91 -11.36
CA VAL A 248 -14.14 18.87 -12.44
C VAL A 248 -13.53 19.40 -13.73
N LEU A 249 -13.52 18.58 -14.76
CA LEU A 249 -12.89 18.96 -16.01
C LEU A 249 -13.66 20.08 -16.71
N PRO A 250 -13.00 20.85 -17.57
CA PRO A 250 -13.71 21.81 -18.42
C PRO A 250 -14.33 21.12 -19.61
N LEU A 251 -15.20 21.85 -20.29
CA LEU A 251 -15.92 21.33 -21.45
C LEU A 251 -15.15 21.68 -22.72
N LEU A 252 -14.71 20.67 -23.45
CA LEU A 252 -14.14 20.85 -24.78
C LEU A 252 -15.30 20.72 -25.77
N LEU A 253 -15.85 21.87 -26.15
CA LEU A 253 -16.96 21.95 -27.08
C LEU A 253 -16.45 22.36 -28.47
N GLN A 254 -16.94 21.68 -29.49
CA GLN A 254 -16.41 21.82 -30.84
C GLN A 254 -17.53 22.21 -31.78
N ALA A 255 -17.38 23.35 -32.47
CA ALA A 255 -18.29 23.79 -33.51
C ALA A 255 -17.85 23.23 -34.87
N PRO A 256 -18.77 23.12 -35.83
CA PRO A 256 -18.41 22.57 -37.15
C PRO A 256 -17.18 23.22 -37.78
N ASP A 257 -16.19 22.39 -38.12
CA ASP A 257 -14.96 22.77 -38.81
C ASP A 257 -14.01 23.51 -37.89
N GLU A 258 -14.54 24.22 -36.89
CA GLU A 258 -13.69 24.95 -35.97
C GLU A 258 -13.01 23.99 -34.99
N PRO A 259 -11.85 24.36 -34.46
CA PRO A 259 -11.28 23.62 -33.34
C PRO A 259 -12.20 23.70 -32.13
N PRO A 260 -12.02 22.82 -31.14
CA PRO A 260 -12.87 22.88 -29.95
C PRO A 260 -12.37 23.91 -28.95
N GLU A 261 -13.31 24.64 -28.36
CA GLU A 261 -12.98 25.70 -27.42
C GLU A 261 -13.11 25.20 -25.98
N LEU A 262 -12.18 25.65 -25.14
CA LEU A 262 -12.14 25.30 -23.72
C LEU A 262 -13.12 26.17 -22.95
N PHE A 263 -14.08 25.54 -22.28
CA PHE A 263 -15.07 26.22 -21.44
C PHE A 263 -15.02 25.65 -20.04
N LEU A 264 -15.03 26.53 -19.03
CA LEU A 264 -15.08 26.10 -17.64
C LEU A 264 -16.53 26.15 -17.14
N LEU A 265 -16.94 25.10 -16.45
CA LEU A 265 -18.27 25.11 -15.86
C LEU A 265 -18.26 25.97 -14.60
N PRO A 266 -19.25 26.86 -14.44
CA PRO A 266 -19.36 27.63 -13.20
C PRO A 266 -19.50 26.71 -12.00
N PRO A 267 -18.63 26.84 -10.99
CA PRO A 267 -18.67 25.91 -9.85
C PRO A 267 -20.07 25.73 -9.25
N GLU A 268 -20.84 26.81 -9.14
CA GLU A 268 -22.20 26.76 -8.58
C GLU A 268 -23.18 25.99 -9.46
N LEU A 269 -22.80 25.67 -10.69
CA LEU A 269 -23.65 24.86 -11.55
C LEU A 269 -23.48 23.36 -11.31
N VAL A 270 -22.30 22.94 -10.87
CA VAL A 270 -21.94 21.54 -10.75
C VAL A 270 -22.20 21.09 -9.32
N LEU A 271 -23.37 20.49 -9.10
CA LEU A 271 -23.74 20.03 -7.76
C LEU A 271 -23.01 18.74 -7.45
N GLU A 272 -22.17 18.77 -6.41
CA GLU A 272 -21.42 17.60 -5.98
C GLU A 272 -21.93 17.13 -4.63
N VAL A 273 -21.75 15.84 -4.35
CA VAL A 273 -22.17 15.31 -3.06
C VAL A 273 -20.94 14.80 -2.32
N PRO A 274 -20.52 15.45 -1.23
CA PRO A 274 -19.46 14.89 -0.40
C PRO A 274 -19.95 13.60 0.24
N LEU A 275 -19.14 12.55 0.13
CA LEU A 275 -19.59 11.24 0.59
C LEU A 275 -19.22 11.02 2.05
N GLU A 276 -20.20 10.61 2.86
CA GLU A 276 -19.96 10.20 4.23
C GLU A 276 -20.79 8.95 4.49
N HIS A 277 -20.53 8.32 5.61
CA HIS A 277 -21.22 7.09 5.94
C HIS A 277 -22.07 7.30 7.18
N PRO A 278 -23.26 6.69 7.26
CA PRO A 278 -24.14 6.98 8.40
C PRO A 278 -23.57 6.55 9.75
N THR A 279 -22.68 5.56 9.80
CA THR A 279 -22.16 5.07 11.07
C THR A 279 -20.63 5.01 11.13
N LEU A 280 -19.94 5.06 9.99
CA LEU A 280 -18.48 5.00 9.92
C LEU A 280 -17.99 6.44 9.80
N GLU A 281 -17.69 7.06 10.95
CA GLU A 281 -17.41 8.48 10.98
C GLU A 281 -16.13 8.84 10.24
N TRP A 282 -15.20 7.90 10.06
CA TRP A 282 -13.97 8.19 9.34
C TRP A 282 -14.15 8.24 7.83
N PHE A 283 -15.29 7.76 7.33
CA PHE A 283 -15.49 7.70 5.88
C PHE A 283 -15.43 9.08 5.25
N ALA A 284 -16.07 10.07 5.88
CA ALA A 284 -16.04 11.42 5.35
C ALA A 284 -14.62 11.91 5.17
N ALA A 285 -13.73 11.57 6.09
CA ALA A 285 -12.38 12.10 6.02
C ALA A 285 -11.61 11.53 4.83
N LEU A 286 -12.10 10.43 4.24
CA LEU A 286 -11.47 9.92 3.03
C LEU A 286 -11.55 10.92 1.89
N GLY A 287 -12.44 11.92 1.98
CA GLY A 287 -12.50 12.98 0.99
C GLY A 287 -13.21 12.60 -0.29
N LEU A 288 -13.99 11.52 -0.27
CA LEU A 288 -14.70 11.10 -1.45
C LEU A 288 -15.86 12.04 -1.75
N ARG A 289 -16.10 12.23 -3.04
CA ARG A 289 -17.25 13.00 -3.50
C ARG A 289 -17.61 12.50 -4.88
N TRP A 290 -18.85 12.78 -5.28
CA TRP A 290 -19.27 12.55 -6.66
C TRP A 290 -20.27 13.65 -7.00
N TYR A 291 -20.61 13.73 -8.29
CA TYR A 291 -21.47 14.79 -8.79
C TYR A 291 -22.87 14.25 -9.00
N ALA A 292 -23.85 15.15 -8.89
CA ALA A 292 -25.26 14.78 -8.94
C ALA A 292 -25.70 14.31 -10.33
N LEU A 293 -25.14 14.91 -11.38
CA LEU A 293 -25.78 14.82 -12.69
C LEU A 293 -25.02 13.86 -13.61
N PRO A 294 -25.53 12.65 -13.84
CA PRO A 294 -24.97 11.80 -14.90
C PRO A 294 -25.47 12.28 -16.24
N ALA A 295 -24.59 12.86 -17.03
CA ALA A 295 -24.98 13.55 -18.25
C ALA A 295 -23.99 13.13 -19.31
N VAL A 296 -24.39 12.18 -20.13
CA VAL A 296 -23.51 11.57 -21.10
C VAL A 296 -23.55 12.39 -22.39
N SER A 297 -22.37 12.72 -22.91
CA SER A 297 -22.23 13.75 -23.92
C SER A 297 -21.41 13.32 -25.12
N ASN A 298 -21.15 12.03 -25.27
CA ASN A 298 -20.33 11.52 -26.36
C ASN A 298 -21.05 10.52 -27.24
N MET A 299 -22.36 10.32 -27.04
CA MET A 299 -23.13 9.42 -27.87
C MET A 299 -23.86 10.18 -28.97
N LEU A 300 -24.23 9.43 -30.01
CA LEU A 300 -24.86 9.96 -31.20
C LEU A 300 -26.32 9.56 -31.20
N LEU A 301 -27.21 10.54 -31.36
CA LEU A 301 -28.64 10.28 -31.39
C LEU A 301 -29.09 10.11 -32.84
N GLU A 302 -29.65 8.95 -33.15
CA GLU A 302 -30.12 8.62 -34.49
C GLU A 302 -31.64 8.59 -34.51
N ILE A 303 -32.24 9.43 -35.36
CA ILE A 303 -33.69 9.52 -35.53
C ILE A 303 -34.02 9.55 -37.01
N GLY A 304 -34.71 8.52 -37.50
CA GLY A 304 -35.25 8.53 -38.85
C GLY A 304 -34.24 8.82 -39.94
N GLY A 305 -33.09 8.18 -39.84
CA GLY A 305 -31.98 8.41 -40.74
C GLY A 305 -31.16 9.62 -40.42
N LEU A 306 -31.60 10.47 -39.49
CA LEU A 306 -30.85 11.65 -39.09
C LEU A 306 -29.95 11.33 -37.90
N GLU A 307 -28.82 12.01 -37.84
CA GLU A 307 -27.77 11.70 -36.88
C GLU A 307 -27.38 12.98 -36.17
N PHE A 308 -27.46 12.96 -34.84
CA PHE A 308 -27.10 14.10 -34.02
C PHE A 308 -25.86 13.73 -33.22
N PRO A 309 -24.67 14.05 -33.74
CA PRO A 309 -23.44 13.63 -33.05
C PRO A 309 -23.23 14.33 -31.72
N ALA A 310 -24.01 15.36 -31.39
CA ALA A 310 -23.97 15.97 -30.08
C ALA A 310 -25.40 16.15 -29.59
N ALA A 311 -25.75 15.38 -28.56
CA ALA A 311 -27.08 15.41 -27.96
C ALA A 311 -26.97 14.89 -26.53
N PRO A 312 -26.40 15.69 -25.63
CA PRO A 312 -26.19 15.20 -24.27
C PRO A 312 -27.52 14.95 -23.59
N PHE A 313 -27.57 13.88 -22.80
CA PHE A 313 -28.75 13.51 -22.05
C PHE A 313 -28.35 13.16 -20.63
N SER A 314 -29.31 13.31 -19.71
CA SER A 314 -28.99 13.12 -18.30
C SER A 314 -30.22 12.57 -17.61
N GLY A 315 -29.98 11.79 -16.57
CA GLY A 315 -31.05 11.35 -15.72
C GLY A 315 -30.66 11.61 -14.29
N TRP A 316 -30.66 10.57 -13.46
CA TRP A 316 -30.03 10.56 -12.16
C TRP A 316 -29.30 9.24 -12.00
N TYR A 317 -28.47 9.17 -10.96
CA TYR A 317 -27.62 8.00 -10.79
C TYR A 317 -28.36 6.84 -10.14
N MET A 318 -28.00 5.64 -10.56
CA MET A 318 -28.15 4.48 -9.70
C MET A 318 -26.91 4.43 -8.81
N SER A 319 -27.12 4.15 -7.52
CA SER A 319 -26.00 4.26 -6.58
C SER A 319 -24.84 3.32 -6.91
N THR A 320 -25.09 2.18 -7.53
CA THR A 320 -23.98 1.26 -7.81
C THR A 320 -23.06 1.81 -8.90
N GLU A 321 -23.58 2.68 -9.77
CA GLU A 321 -22.71 3.30 -10.78
C GLU A 321 -21.63 4.11 -10.11
N ILE A 322 -21.99 4.77 -9.00
CA ILE A 322 -21.04 5.54 -8.23
C ILE A 322 -20.24 4.66 -7.29
N GLY A 323 -20.92 3.95 -6.40
CA GLY A 323 -20.24 3.31 -5.29
C GLY A 323 -19.45 2.11 -5.75
N THR A 324 -20.02 1.34 -6.66
CA THR A 324 -19.35 0.14 -7.11
C THR A 324 -18.48 0.40 -8.33
N ARG A 325 -19.02 0.96 -9.40
CA ARG A 325 -18.22 1.04 -10.62
C ARG A 325 -17.21 2.18 -10.55
N ASN A 326 -17.68 3.41 -10.30
CA ASN A 326 -16.77 4.55 -10.42
C ASN A 326 -15.76 4.59 -9.29
N LEU A 327 -16.17 4.20 -8.08
CA LEU A 327 -15.24 4.29 -6.96
C LEU A 327 -14.48 2.99 -6.74
N CYS A 328 -15.05 1.84 -7.09
CA CYS A 328 -14.43 0.55 -6.78
C CYS A 328 -13.87 -0.21 -7.97
N ASP A 329 -14.10 0.21 -9.20
CA ASP A 329 -13.46 -0.53 -10.29
C ASP A 329 -11.95 -0.43 -10.14
N PRO A 330 -11.20 -1.49 -10.45
CA PRO A 330 -9.74 -1.42 -10.32
C PRO A 330 -9.12 -0.39 -11.25
N HIS A 331 -9.79 -0.05 -12.35
CA HIS A 331 -9.27 0.93 -13.28
C HIS A 331 -9.99 2.26 -13.16
N ARG A 332 -10.82 2.41 -12.13
CA ARG A 332 -11.36 3.73 -11.83
C ARG A 332 -10.69 4.21 -10.55
N TYR A 333 -11.45 4.77 -9.60
CA TYR A 333 -10.82 5.25 -8.37
C TYR A 333 -10.23 4.12 -7.54
N ASN A 334 -10.72 2.90 -7.67
CA ASN A 334 -10.11 1.73 -7.06
C ASN A 334 -9.90 1.90 -5.55
N ILE A 335 -10.94 2.36 -4.84
CA ILE A 335 -10.80 2.69 -3.43
C ILE A 335 -11.17 1.55 -2.50
N LEU A 336 -11.53 0.37 -3.03
CA LEU A 336 -12.01 -0.73 -2.20
C LEU A 336 -11.04 -1.06 -1.07
N GLU A 337 -9.76 -1.16 -1.37
CA GLU A 337 -8.87 -1.62 -0.34
C GLU A 337 -8.64 -0.54 0.71
N ASP A 338 -8.68 0.72 0.29
CA ASP A 338 -8.59 1.83 1.24
C ASP A 338 -9.71 1.73 2.26
N VAL A 339 -10.95 1.60 1.79
CA VAL A 339 -12.11 1.50 2.67
C VAL A 339 -12.01 0.25 3.54
N ALA A 340 -11.60 -0.88 2.97
CA ALA A 340 -11.53 -2.10 3.77
C ALA A 340 -10.51 -1.97 4.89
N VAL A 341 -9.37 -1.32 4.62
CA VAL A 341 -8.37 -1.09 5.65
C VAL A 341 -8.95 -0.26 6.78
N CYS A 342 -9.74 0.77 6.45
CA CYS A 342 -10.34 1.59 7.50
C CYS A 342 -11.41 0.82 8.25
N MET A 343 -12.04 -0.17 7.62
CA MET A 343 -13.00 -0.97 8.35
C MET A 343 -12.31 -2.07 9.14
N ASP A 344 -10.99 -2.07 9.15
CA ASP A 344 -10.18 -3.08 9.86
C ASP A 344 -10.60 -4.49 9.44
N LEU A 345 -10.76 -4.68 8.14
CA LEU A 345 -11.03 -6.01 7.60
C LEU A 345 -9.72 -6.75 7.34
N ASP A 346 -9.80 -8.07 7.26
CA ASP A 346 -8.65 -8.90 6.90
C ASP A 346 -8.51 -8.92 5.39
N THR A 347 -7.57 -8.14 4.85
CA THR A 347 -7.43 -8.03 3.41
C THR A 347 -6.45 -9.01 2.79
N ARG A 348 -5.83 -9.90 3.58
CA ARG A 348 -4.84 -10.80 2.99
C ARG A 348 -5.40 -12.18 2.67
N THR A 349 -6.70 -12.40 2.88
CA THR A 349 -7.38 -13.57 2.37
C THR A 349 -8.66 -13.13 1.68
N THR A 350 -8.92 -13.70 0.50
CA THR A 350 -10.15 -13.38 -0.21
C THR A 350 -11.38 -13.88 0.53
N SER A 351 -11.25 -14.97 1.29
CA SER A 351 -12.44 -15.62 1.82
C SER A 351 -13.09 -14.87 2.96
N SER A 352 -12.45 -13.85 3.55
CA SER A 352 -13.20 -13.03 4.50
C SER A 352 -14.24 -12.15 3.83
N LEU A 353 -14.23 -12.06 2.49
CA LEU A 353 -15.17 -11.23 1.72
C LEU A 353 -15.03 -9.74 2.04
N TRP A 354 -13.80 -9.32 2.33
CA TRP A 354 -13.57 -7.91 2.65
C TRP A 354 -13.91 -7.01 1.47
N LYS A 355 -13.74 -7.52 0.25
CA LYS A 355 -14.12 -6.74 -0.93
C LYS A 355 -15.62 -6.50 -0.96
N ASP A 356 -16.39 -7.53 -0.64
CA ASP A 356 -17.84 -7.43 -0.60
C ASP A 356 -18.31 -6.54 0.55
N LYS A 357 -17.73 -6.70 1.74
CA LYS A 357 -18.16 -5.86 2.86
C LYS A 357 -17.83 -4.40 2.60
N ALA A 358 -16.65 -4.13 2.04
CA ALA A 358 -16.26 -2.75 1.80
C ALA A 358 -17.04 -2.14 0.64
N ALA A 359 -17.31 -2.93 -0.40
CA ALA A 359 -18.16 -2.46 -1.49
C ALA A 359 -19.54 -2.04 -0.97
N VAL A 360 -20.17 -2.88 -0.15
CA VAL A 360 -21.52 -2.56 0.32
C VAL A 360 -21.52 -1.27 1.13
N GLU A 361 -20.52 -1.10 1.98
CA GLU A 361 -20.50 0.10 2.81
C GLU A 361 -20.25 1.34 1.98
N ILE A 362 -19.46 1.23 0.90
CA ILE A 362 -19.30 2.36 0.00
C ILE A 362 -20.64 2.71 -0.64
N ASN A 363 -21.38 1.70 -1.09
CA ASN A 363 -22.70 1.96 -1.67
C ASN A 363 -23.65 2.56 -0.66
N VAL A 364 -23.61 2.08 0.59
CA VAL A 364 -24.37 2.70 1.69
C VAL A 364 -23.97 4.16 1.86
N ALA A 365 -22.68 4.43 1.93
CA ALA A 365 -22.21 5.81 2.01
C ALA A 365 -22.80 6.65 0.88
N VAL A 366 -22.76 6.10 -0.34
CA VAL A 366 -23.26 6.83 -1.50
C VAL A 366 -24.74 7.13 -1.33
N LEU A 367 -25.52 6.11 -0.98
CA LEU A 367 -26.95 6.31 -0.84
C LEU A 367 -27.25 7.30 0.28
N HIS A 368 -26.58 7.14 1.42
CA HIS A 368 -26.81 8.03 2.55
C HIS A 368 -26.42 9.46 2.19
N SER A 369 -25.29 9.64 1.53
CA SER A 369 -24.80 10.99 1.22
C SER A 369 -25.68 11.70 0.19
N TYR A 370 -26.22 10.99 -0.79
CA TYR A 370 -27.11 11.64 -1.74
C TYR A 370 -28.45 11.98 -1.10
N GLN A 371 -29.00 11.06 -0.31
CA GLN A 371 -30.25 11.32 0.41
C GLN A 371 -30.11 12.49 1.36
N LEU A 372 -29.05 12.50 2.16
CA LEU A 372 -28.83 13.57 3.13
C LEU A 372 -28.71 14.91 2.42
N ALA A 373 -28.13 14.91 1.22
CA ALA A 373 -27.97 16.10 0.41
C ALA A 373 -29.18 16.41 -0.45
N LYS A 374 -30.21 15.55 -0.39
CA LYS A 374 -31.46 15.77 -1.14
C LYS A 374 -31.20 15.77 -2.64
N VAL A 375 -30.26 14.93 -3.07
CA VAL A 375 -29.98 14.71 -4.48
C VAL A 375 -30.59 13.40 -4.90
N THR A 376 -31.33 13.40 -6.00
CA THR A 376 -31.96 12.18 -6.49
C THR A 376 -30.93 11.07 -6.67
N ILE A 377 -31.24 9.93 -6.06
CA ILE A 377 -30.45 8.71 -6.22
C ILE A 377 -31.41 7.54 -6.11
N VAL A 378 -31.10 6.46 -6.83
CA VAL A 378 -31.90 5.25 -6.74
C VAL A 378 -30.96 4.09 -6.49
N ASP A 379 -31.32 3.22 -5.55
CA ASP A 379 -30.47 2.09 -5.28
C ASP A 379 -30.78 0.99 -6.28
N HIS A 380 -29.84 0.05 -6.44
CA HIS A 380 -30.03 -0.96 -7.47
C HIS A 380 -31.23 -1.86 -7.18
N HIS A 381 -31.70 -1.95 -5.95
CA HIS A 381 -32.88 -2.77 -5.70
C HIS A 381 -34.12 -2.09 -6.24
N ALA A 382 -34.35 -0.85 -5.82
CA ALA A 382 -35.45 -0.06 -6.36
C ALA A 382 -35.36 0.02 -7.88
N ALA A 383 -34.16 0.26 -8.43
CA ALA A 383 -34.04 0.47 -9.86
C ALA A 383 -34.39 -0.79 -10.63
N THR A 384 -33.90 -1.95 -10.18
CA THR A 384 -34.19 -3.18 -10.90
C THR A 384 -35.62 -3.63 -10.69
N ALA A 385 -36.21 -3.31 -9.52
CA ALA A 385 -37.64 -3.57 -9.37
C ALA A 385 -38.45 -2.73 -10.35
N SER A 386 -37.99 -1.50 -10.62
CA SER A 386 -38.70 -0.64 -11.56
CA SER A 386 -38.70 -0.64 -11.56
C SER A 386 -38.53 -1.13 -13.00
N PHE A 387 -37.35 -1.63 -13.34
CA PHE A 387 -37.17 -2.13 -14.70
C PHE A 387 -38.00 -3.38 -14.95
N MET A 388 -38.18 -4.23 -13.93
CA MET A 388 -39.15 -5.31 -14.05
C MET A 388 -40.52 -4.76 -14.45
N LYS A 389 -40.98 -3.70 -13.77
CA LYS A 389 -42.21 -3.03 -14.16
C LYS A 389 -42.14 -2.52 -15.59
N HIS A 390 -40.99 -1.93 -15.96
CA HIS A 390 -40.81 -1.49 -17.33
C HIS A 390 -40.97 -2.64 -18.32
N LEU A 391 -40.35 -3.79 -18.03
CA LEU A 391 -40.50 -4.96 -18.89
C LEU A 391 -41.97 -5.33 -19.02
N GLU A 392 -42.71 -5.29 -17.91
CA GLU A 392 -44.10 -5.71 -17.94
C GLU A 392 -44.97 -4.72 -18.72
N ASN A 393 -44.73 -3.41 -18.56
CA ASN A 393 -45.47 -2.44 -19.36
C ASN A 393 -45.11 -2.56 -20.83
N GLU A 394 -43.81 -2.71 -21.15
CA GLU A 394 -43.42 -2.80 -22.56
C GLU A 394 -43.92 -4.09 -23.19
N GLN A 395 -43.99 -5.18 -22.43
CA GLN A 395 -44.59 -6.39 -22.96
C GLN A 395 -45.98 -6.11 -23.50
N LYS A 396 -46.77 -5.32 -22.77
CA LYS A 396 -48.13 -5.04 -23.20
C LYS A 396 -48.21 -3.88 -24.16
N ALA A 397 -47.30 -2.91 -24.05
CA ALA A 397 -47.28 -1.77 -24.95
C ALA A 397 -46.86 -2.16 -26.37
N ARG A 398 -45.79 -2.97 -26.52
CA ARG A 398 -45.35 -3.25 -27.88
C ARG A 398 -44.66 -4.60 -28.05
N GLY A 399 -45.05 -5.61 -27.26
CA GLY A 399 -44.65 -6.98 -27.52
C GLY A 399 -43.32 -7.41 -26.94
N GLY A 400 -42.53 -6.48 -26.39
CA GLY A 400 -41.24 -6.84 -25.86
C GLY A 400 -40.46 -5.61 -25.45
N CYS A 401 -39.18 -5.83 -25.21
CA CYS A 401 -38.30 -4.77 -24.76
C CYS A 401 -36.85 -5.22 -24.92
N PRO A 402 -36.08 -4.57 -25.79
CA PRO A 402 -34.66 -4.94 -25.90
C PRO A 402 -33.91 -4.67 -24.61
N ALA A 403 -33.23 -5.69 -24.11
CA ALA A 403 -32.53 -5.51 -22.85
C ALA A 403 -31.26 -6.36 -22.88
N ASP A 404 -30.21 -5.81 -22.30
CA ASP A 404 -28.86 -6.35 -22.35
C ASP A 404 -28.61 -6.79 -20.91
N TRP A 405 -28.84 -8.06 -20.66
CA TRP A 405 -28.85 -8.61 -19.30
C TRP A 405 -27.61 -8.20 -18.54
N ALA A 406 -26.44 -8.30 -19.19
CA ALA A 406 -25.15 -8.01 -18.54
C ALA A 406 -25.10 -6.60 -17.98
N TRP A 407 -25.80 -5.66 -18.62
CA TRP A 407 -25.81 -4.28 -18.18
C TRP A 407 -27.01 -3.94 -17.31
N ILE A 408 -28.09 -4.71 -17.42
CA ILE A 408 -29.25 -4.49 -16.59
C ILE A 408 -29.00 -4.99 -15.17
N VAL A 409 -28.41 -6.18 -15.04
CA VAL A 409 -28.05 -6.76 -13.74
C VAL A 409 -27.01 -5.88 -13.04
N PRO A 410 -27.25 -5.45 -11.81
CA PRO A 410 -26.32 -4.54 -11.11
C PRO A 410 -24.96 -5.17 -10.85
N PRO A 411 -23.91 -4.37 -10.67
CA PRO A 411 -22.56 -4.91 -10.46
C PRO A 411 -22.30 -5.44 -9.06
N ILE A 412 -23.22 -5.28 -8.13
CA ILE A 412 -23.16 -5.96 -6.84
C ILE A 412 -24.52 -6.57 -6.58
N SER A 413 -24.50 -7.73 -5.92
CA SER A 413 -25.72 -8.36 -5.45
C SER A 413 -26.65 -8.76 -6.59
N GLY A 414 -26.05 -8.99 -7.77
CA GLY A 414 -26.76 -9.45 -8.97
C GLY A 414 -28.02 -10.26 -8.71
N SER A 415 -27.84 -11.47 -8.17
CA SER A 415 -28.95 -12.39 -7.98
C SER A 415 -29.87 -11.98 -6.85
N LEU A 416 -29.53 -10.96 -6.06
CA LEU A 416 -30.46 -10.42 -5.07
C LEU A 416 -31.53 -9.54 -5.71
N THR A 417 -31.33 -9.12 -7.01
CA THR A 417 -32.23 -8.29 -7.81
C THR A 417 -33.06 -9.16 -8.75
N PRO A 418 -34.32 -8.78 -9.01
CA PRO A 418 -35.18 -9.67 -9.79
C PRO A 418 -34.79 -9.77 -11.26
N VAL A 419 -34.07 -8.77 -11.80
CA VAL A 419 -33.66 -8.85 -13.19
C VAL A 419 -32.71 -10.02 -13.41
N PHE A 420 -31.97 -10.43 -12.38
CA PHE A 420 -31.06 -11.56 -12.53
C PHE A 420 -31.79 -12.79 -13.06
N HIS A 421 -32.96 -13.09 -12.50
CA HIS A 421 -33.70 -14.27 -12.88
C HIS A 421 -34.58 -14.07 -14.10
N GLN A 422 -34.45 -12.93 -14.78
CA GLN A 422 -35.28 -12.59 -15.92
C GLN A 422 -34.49 -12.79 -17.21
N GLU A 423 -34.93 -13.72 -18.05
CA GLU A 423 -34.32 -13.82 -19.37
C GLU A 423 -34.66 -12.59 -20.19
N MET A 424 -33.72 -12.17 -21.03
CA MET A 424 -33.86 -10.95 -21.80
C MET A 424 -33.47 -11.21 -23.24
N VAL A 425 -33.96 -10.36 -24.13
CA VAL A 425 -33.59 -10.39 -25.53
C VAL A 425 -32.96 -9.05 -25.89
N ASN A 426 -31.81 -9.10 -26.55
CA ASN A 426 -31.08 -7.89 -26.91
C ASN A 426 -31.11 -7.69 -28.42
N TYR A 427 -31.61 -6.53 -28.84
CA TYR A 427 -31.70 -6.17 -30.25
C TYR A 427 -31.71 -4.66 -30.38
N PHE A 428 -31.47 -4.18 -31.60
CA PHE A 428 -31.31 -2.76 -31.86
C PHE A 428 -32.57 -2.23 -32.53
N LEU A 429 -33.27 -1.33 -31.86
CA LEU A 429 -34.33 -0.58 -32.50
C LEU A 429 -33.82 0.82 -32.81
N SER A 430 -34.51 1.48 -33.75
CA SER A 430 -34.31 2.89 -34.02
C SER A 430 -35.64 3.60 -33.81
N PRO A 431 -35.64 4.86 -33.32
CA PRO A 431 -34.48 5.67 -32.93
C PRO A 431 -33.63 5.04 -31.85
N ALA A 432 -32.39 5.49 -31.77
CA ALA A 432 -31.42 4.86 -30.88
C ALA A 432 -30.32 5.85 -30.53
N PHE A 433 -29.74 5.65 -29.35
CA PHE A 433 -28.44 6.21 -29.04
C PHE A 433 -27.37 5.22 -29.46
N ARG A 434 -26.34 5.73 -30.12
CA ARG A 434 -25.23 4.89 -30.55
C ARG A 434 -23.91 5.52 -30.15
N TYR A 435 -22.94 4.67 -29.90
CA TYR A 435 -21.58 5.14 -29.70
C TYR A 435 -21.01 5.63 -31.02
N GLN A 436 -19.99 6.47 -30.94
CA GLN A 436 -19.39 7.02 -32.14
C GLN A 436 -17.91 7.16 -31.90
N PRO A 437 -17.09 7.23 -32.95
CA PRO A 437 -15.66 7.44 -32.73
C PRO A 437 -15.45 8.76 -32.02
N ASP A 438 -14.31 8.86 -31.34
CA ASP A 438 -13.92 10.12 -30.75
C ASP A 438 -13.74 11.16 -31.85
N PRO A 439 -13.89 12.45 -31.54
CA PRO A 439 -13.62 13.49 -32.54
C PRO A 439 -12.15 13.61 -32.89
N TRP A 440 -11.26 12.96 -32.15
CA TRP A 440 -9.84 12.90 -32.51
C TRP A 440 -9.45 11.47 -32.91
N LYS B 27 -12.20 -11.66 -40.01
CA LYS B 27 -11.71 -11.22 -38.70
C LYS B 27 -12.42 -11.98 -37.57
N PHE B 28 -11.62 -12.55 -36.68
CA PHE B 28 -12.14 -13.16 -35.46
C PHE B 28 -12.57 -12.07 -34.48
N PRO B 29 -13.47 -12.38 -33.55
CA PRO B 29 -13.94 -11.34 -32.64
C PRO B 29 -12.81 -10.81 -31.75
N ARG B 30 -12.67 -9.49 -31.75
CA ARG B 30 -11.77 -8.82 -30.83
C ARG B 30 -12.38 -8.80 -29.45
N VAL B 31 -11.62 -9.27 -28.47
CA VAL B 31 -12.08 -9.49 -27.11
C VAL B 31 -11.24 -8.60 -26.21
N LYS B 32 -11.88 -7.71 -25.46
CA LYS B 32 -11.15 -6.77 -24.63
C LYS B 32 -11.29 -7.08 -23.14
N ASN B 33 -10.22 -6.88 -22.40
CA ASN B 33 -10.30 -6.77 -20.95
C ASN B 33 -10.29 -5.30 -20.59
N TRP B 34 -11.36 -4.83 -19.93
CA TRP B 34 -11.48 -3.41 -19.60
C TRP B 34 -10.75 -3.04 -18.32
N GLU B 35 -10.30 -4.00 -17.54
CA GLU B 35 -9.52 -3.67 -16.35
C GLU B 35 -8.08 -3.31 -16.70
N VAL B 36 -7.49 -4.02 -17.64
CA VAL B 36 -6.10 -3.80 -18.05
C VAL B 36 -5.98 -3.12 -19.41
N GLY B 37 -7.03 -3.15 -20.23
CA GLY B 37 -6.96 -2.63 -21.58
C GLY B 37 -6.48 -3.64 -22.59
N SER B 38 -6.25 -4.89 -22.17
CA SER B 38 -5.66 -5.88 -23.05
C SER B 38 -6.67 -6.42 -24.04
N ILE B 39 -6.17 -6.80 -25.21
CA ILE B 39 -6.98 -7.20 -26.34
C ILE B 39 -6.51 -8.55 -26.85
N THR B 40 -7.45 -9.46 -27.08
CA THR B 40 -7.17 -10.76 -27.69
C THR B 40 -8.17 -10.98 -28.81
N TYR B 41 -7.89 -11.97 -29.66
CA TYR B 41 -8.83 -12.40 -30.68
C TYR B 41 -9.14 -13.88 -30.47
N ASP B 42 -10.42 -14.20 -30.37
CA ASP B 42 -10.85 -15.57 -30.14
C ASP B 42 -10.92 -16.29 -31.48
N THR B 43 -9.79 -16.84 -31.93
CA THR B 43 -9.79 -17.64 -33.14
C THR B 43 -10.50 -18.96 -32.95
N LEU B 44 -10.58 -19.45 -31.72
CA LEU B 44 -11.14 -20.78 -31.48
C LEU B 44 -12.63 -20.84 -31.79
N SER B 45 -13.35 -19.73 -31.61
CA SER B 45 -14.78 -19.67 -31.89
C SER B 45 -15.10 -20.02 -33.33
N ALA B 46 -14.19 -19.70 -34.25
CA ALA B 46 -14.40 -20.04 -35.63
C ALA B 46 -14.54 -21.54 -35.85
N GLN B 47 -14.19 -22.36 -34.86
CA GLN B 47 -14.34 -23.80 -34.95
C GLN B 47 -15.61 -24.33 -34.28
N ALA B 48 -16.44 -23.44 -33.73
CA ALA B 48 -17.70 -23.87 -33.14
C ALA B 48 -18.54 -24.62 -34.18
N GLN B 49 -19.04 -25.79 -33.78
CA GLN B 49 -19.85 -26.63 -34.67
C GLN B 49 -21.33 -26.36 -34.43
N GLN B 50 -21.89 -26.97 -33.38
CA GLN B 50 -23.31 -26.83 -33.11
C GLN B 50 -23.65 -25.38 -32.79
N ASP B 51 -24.77 -24.92 -33.35
CA ASP B 51 -25.09 -23.50 -33.31
C ASP B 51 -25.78 -23.13 -32.01
N GLY B 52 -25.56 -21.88 -31.60
CA GLY B 52 -26.20 -21.33 -30.43
C GLY B 52 -27.47 -20.59 -30.81
N PRO B 53 -28.09 -19.93 -29.84
CA PRO B 53 -29.43 -19.36 -30.04
C PRO B 53 -29.45 -17.95 -30.61
N CYS B 54 -28.30 -17.32 -30.83
CA CYS B 54 -28.25 -15.93 -31.23
C CYS B 54 -28.21 -15.79 -32.74
N THR B 55 -28.75 -14.68 -33.22
CA THR B 55 -28.63 -14.26 -34.61
C THR B 55 -28.19 -12.80 -34.64
N PRO B 56 -27.73 -12.31 -35.81
CA PRO B 56 -27.50 -10.87 -35.96
C PRO B 56 -28.71 -10.03 -35.57
N ARG B 57 -29.90 -10.62 -35.57
CA ARG B 57 -31.11 -9.85 -35.27
C ARG B 57 -31.36 -9.71 -33.78
N ARG B 58 -30.90 -10.67 -32.97
CA ARG B 58 -31.23 -10.67 -31.54
C ARG B 58 -30.35 -11.63 -30.75
N CYS B 59 -29.72 -11.17 -29.69
CA CYS B 59 -28.90 -12.01 -28.83
C CYS B 59 -29.76 -12.63 -27.72
N LEU B 60 -29.63 -13.94 -27.56
CA LEU B 60 -30.33 -14.69 -26.53
C LEU B 60 -29.33 -15.30 -25.57
N GLY B 61 -28.20 -14.63 -25.37
CA GLY B 61 -27.20 -15.13 -24.46
C GLY B 61 -27.73 -15.35 -23.05
N SER B 62 -28.76 -14.60 -22.65
CA SER B 62 -29.27 -14.72 -21.29
C SER B 62 -30.20 -15.88 -21.11
N LEU B 63 -30.52 -16.62 -22.17
CA LEU B 63 -31.46 -17.73 -22.02
C LEU B 63 -30.81 -18.89 -21.28
N VAL B 64 -31.56 -19.45 -20.33
CA VAL B 64 -31.01 -20.51 -19.49
C VAL B 64 -30.82 -21.80 -20.30
N PHE B 65 -31.75 -22.08 -21.21
CA PHE B 65 -31.73 -23.26 -22.08
C PHE B 65 -31.78 -22.84 -23.55
N PRO B 66 -30.77 -23.14 -24.37
CA PRO B 66 -30.99 -23.24 -25.82
C PRO B 66 -31.44 -24.63 -26.30
N ARG B 67 -32.76 -24.78 -26.42
CA ARG B 67 -33.46 -26.09 -26.54
C ARG B 67 -32.89 -27.15 -27.47
N ALA B 79 -27.65 -42.91 -39.17
CA ALA B 79 -26.92 -41.66 -38.95
C ALA B 79 -25.41 -41.80 -39.16
N PRO B 80 -24.98 -42.44 -40.27
CA PRO B 80 -23.59 -42.90 -40.35
C PRO B 80 -22.56 -41.79 -40.50
N GLU B 81 -22.75 -40.92 -41.50
CA GLU B 81 -21.70 -40.00 -41.89
C GLU B 81 -21.55 -38.83 -40.93
N GLN B 82 -22.64 -38.36 -40.31
CA GLN B 82 -22.52 -37.27 -39.37
C GLN B 82 -21.72 -37.70 -38.14
N LEU B 83 -21.98 -38.92 -37.65
CA LEU B 83 -21.15 -39.49 -36.58
C LEU B 83 -19.68 -39.49 -36.97
N LEU B 84 -19.40 -39.83 -38.24
CA LEU B 84 -18.02 -40.02 -38.68
C LEU B 84 -17.23 -38.72 -38.63
N SER B 85 -17.82 -37.61 -39.06
CA SER B 85 -17.07 -36.35 -39.02
C SER B 85 -16.86 -35.91 -37.58
N GLN B 86 -17.85 -36.12 -36.70
CA GLN B 86 -17.67 -35.84 -35.29
C GLN B 86 -16.59 -36.75 -34.70
N ALA B 87 -16.67 -38.05 -35.02
CA ALA B 87 -15.65 -38.98 -34.53
C ALA B 87 -14.28 -38.58 -35.06
N ARG B 88 -14.16 -38.38 -36.37
CA ARG B 88 -12.89 -37.96 -36.96
C ARG B 88 -12.33 -36.74 -36.23
N ASP B 89 -13.16 -35.71 -36.07
CA ASP B 89 -12.67 -34.51 -35.41
C ASP B 89 -12.17 -34.81 -34.00
N PHE B 90 -12.89 -35.68 -33.28
CA PHE B 90 -12.47 -35.98 -31.92
C PHE B 90 -11.12 -36.70 -31.90
N ILE B 91 -10.97 -37.73 -32.76
CA ILE B 91 -9.71 -38.44 -32.89
C ILE B 91 -8.58 -37.46 -33.23
N ASN B 92 -8.82 -36.53 -34.16
CA ASN B 92 -7.82 -35.49 -34.42
C ASN B 92 -7.53 -34.68 -33.16
N GLN B 93 -8.56 -34.38 -32.37
CA GLN B 93 -8.32 -33.65 -31.13
C GLN B 93 -7.42 -34.46 -30.21
N TYR B 94 -7.72 -35.75 -30.06
CA TYR B 94 -6.90 -36.62 -29.21
C TYR B 94 -5.44 -36.59 -29.68
N TYR B 95 -5.21 -36.85 -30.96
CA TYR B 95 -3.85 -36.97 -31.45
C TYR B 95 -3.13 -35.63 -31.48
N SER B 96 -3.86 -34.52 -31.56
CA SER B 96 -3.22 -33.24 -31.33
C SER B 96 -2.75 -33.12 -29.89
N SER B 97 -3.58 -33.54 -28.93
CA SER B 97 -3.26 -33.33 -27.52
C SER B 97 -2.00 -34.07 -27.10
N ILE B 98 -1.73 -35.23 -27.68
CA ILE B 98 -0.52 -35.97 -27.36
C ILE B 98 0.58 -35.72 -28.39
N LYS B 99 0.45 -34.66 -29.18
CA LYS B 99 1.51 -34.20 -30.07
C LYS B 99 1.95 -35.32 -31.02
N ARG B 100 0.97 -35.98 -31.60
CA ARG B 100 1.23 -37.09 -32.51
C ARG B 100 0.27 -37.06 -33.68
N SER B 101 -0.13 -35.86 -34.10
CA SER B 101 -0.98 -35.70 -35.27
CA SER B 101 -0.98 -35.72 -35.27
C SER B 101 -0.25 -36.18 -36.52
N GLY B 102 -0.98 -36.83 -37.42
CA GLY B 102 -0.37 -37.38 -38.61
C GLY B 102 0.50 -38.60 -38.38
N SER B 103 0.54 -39.12 -37.17
CA SER B 103 1.34 -40.31 -36.91
C SER B 103 0.68 -41.55 -37.52
N GLN B 104 1.44 -42.65 -37.52
CA GLN B 104 0.89 -43.94 -37.92
C GLN B 104 -0.32 -44.31 -37.06
N ALA B 105 -0.22 -44.08 -35.75
CA ALA B 105 -1.31 -44.49 -34.87
C ALA B 105 -2.54 -43.62 -35.09
N HIS B 106 -2.32 -42.33 -35.35
CA HIS B 106 -3.42 -41.42 -35.67
C HIS B 106 -4.18 -41.90 -36.90
N GLU B 107 -3.47 -42.06 -38.03
CA GLU B 107 -4.07 -42.61 -39.24
C GLU B 107 -4.78 -43.93 -38.98
N GLN B 108 -4.16 -44.83 -38.21
CA GLN B 108 -4.75 -46.15 -37.99
C GLN B 108 -6.00 -46.07 -37.12
N ARG B 109 -5.99 -45.19 -36.13
CA ARG B 109 -7.17 -45.05 -35.28
C ARG B 109 -8.35 -44.49 -36.07
N LEU B 110 -8.12 -43.51 -36.93
CA LEU B 110 -9.16 -42.99 -37.82
C LEU B 110 -9.71 -44.10 -38.71
N GLN B 111 -8.83 -44.82 -39.41
CA GLN B 111 -9.27 -45.96 -40.21
C GLN B 111 -10.01 -46.96 -39.35
N GLU B 112 -9.56 -47.18 -38.12
CA GLU B 112 -10.21 -48.13 -37.23
C GLU B 112 -11.62 -47.67 -36.87
N VAL B 113 -11.80 -46.37 -36.59
CA VAL B 113 -13.13 -45.89 -36.25
C VAL B 113 -14.06 -45.96 -37.45
N GLU B 114 -13.56 -45.55 -38.62
CA GLU B 114 -14.34 -45.64 -39.84
C GLU B 114 -14.81 -47.06 -40.11
N ALA B 115 -13.96 -48.05 -39.83
CA ALA B 115 -14.36 -49.43 -40.06
C ALA B 115 -15.44 -49.85 -39.10
N GLU B 116 -15.35 -49.41 -37.84
CA GLU B 116 -16.34 -49.84 -36.86
C GLU B 116 -17.68 -49.16 -37.13
N VAL B 117 -17.67 -47.90 -37.53
CA VAL B 117 -18.90 -47.19 -37.81
C VAL B 117 -19.59 -47.79 -39.04
N ALA B 118 -18.79 -48.26 -40.00
CA ALA B 118 -19.37 -48.85 -41.21
C ALA B 118 -20.02 -50.19 -40.93
N ALA B 119 -19.49 -50.96 -39.98
CA ALA B 119 -20.01 -52.29 -39.67
C ALA B 119 -21.13 -52.27 -38.64
N THR B 120 -21.04 -51.37 -37.65
CA THR B 120 -21.96 -51.37 -36.53
C THR B 120 -22.85 -50.14 -36.46
N GLY B 121 -22.54 -49.10 -37.24
CA GLY B 121 -23.18 -47.82 -37.06
C GLY B 121 -22.68 -46.99 -35.90
N THR B 122 -21.80 -47.54 -35.06
CA THR B 122 -21.25 -46.76 -33.94
C THR B 122 -19.80 -47.17 -33.72
N TYR B 123 -19.22 -46.72 -32.62
CA TYR B 123 -17.86 -47.13 -32.30
C TYR B 123 -17.66 -46.99 -30.81
N GLN B 124 -16.54 -47.49 -30.34
CA GLN B 124 -16.19 -47.45 -28.92
C GLN B 124 -14.95 -46.59 -28.74
N LEU B 125 -14.99 -45.70 -27.77
CA LEU B 125 -13.79 -44.97 -27.42
C LEU B 125 -12.79 -45.92 -26.77
N ARG B 126 -11.53 -45.75 -27.14
CA ARG B 126 -10.47 -46.27 -26.30
C ARG B 126 -10.53 -45.60 -24.93
N GLU B 127 -9.97 -46.27 -23.92
CA GLU B 127 -9.98 -45.69 -22.58
C GLU B 127 -9.30 -44.33 -22.57
N SER B 128 -8.16 -44.21 -23.26
CA SER B 128 -7.40 -42.97 -23.25
CA SER B 128 -7.40 -42.98 -23.26
C SER B 128 -8.18 -41.83 -23.91
N GLU B 129 -9.01 -42.16 -24.90
CA GLU B 129 -9.86 -41.17 -25.55
C GLU B 129 -11.00 -40.77 -24.66
N LEU B 130 -11.53 -41.71 -23.87
CA LEU B 130 -12.61 -41.39 -22.96
C LEU B 130 -12.11 -40.39 -21.91
N VAL B 131 -10.97 -40.69 -21.29
CA VAL B 131 -10.37 -39.75 -20.34
C VAL B 131 -10.18 -38.39 -20.99
N PHE B 132 -9.49 -38.37 -22.12
CA PHE B 132 -9.31 -37.12 -22.85
C PHE B 132 -10.66 -36.45 -23.16
N GLY B 133 -11.64 -37.23 -23.61
CA GLY B 133 -12.93 -36.64 -23.97
C GLY B 133 -13.64 -35.98 -22.81
N ALA B 134 -13.62 -36.61 -21.63
CA ALA B 134 -14.34 -36.04 -20.50
C ALA B 134 -13.69 -34.75 -20.04
N LYS B 135 -12.35 -34.71 -20.03
CA LYS B 135 -11.63 -33.49 -19.68
C LYS B 135 -11.88 -32.38 -20.69
N GLN B 136 -11.90 -32.70 -21.99
CA GLN B 136 -12.22 -31.67 -22.97
C GLN B 136 -13.63 -31.15 -22.80
N ALA B 137 -14.57 -32.05 -22.43
CA ALA B 137 -15.96 -31.63 -22.24
C ALA B 137 -16.05 -30.61 -21.11
N TRP B 138 -15.31 -30.86 -20.05
CA TRP B 138 -15.20 -29.88 -18.96
C TRP B 138 -14.53 -28.60 -19.46
N ARG B 139 -13.37 -28.74 -20.07
CA ARG B 139 -12.66 -27.60 -20.64
C ARG B 139 -13.57 -26.75 -21.52
N ASN B 140 -14.51 -27.38 -22.21
CA ASN B 140 -15.36 -26.70 -23.19
C ASN B 140 -16.63 -26.09 -22.57
N ALA B 141 -16.90 -26.31 -21.28
CA ALA B 141 -18.17 -25.93 -20.68
C ALA B 141 -18.22 -24.42 -20.46
N PRO B 142 -19.00 -23.68 -21.24
CA PRO B 142 -18.86 -22.20 -21.20
C PRO B 142 -19.24 -21.59 -19.87
N ARG B 143 -20.17 -22.19 -19.15
CA ARG B 143 -20.64 -21.63 -17.89
C ARG B 143 -19.82 -22.07 -16.68
N CYS B 144 -18.71 -22.78 -16.87
CA CYS B 144 -17.97 -23.33 -15.73
C CYS B 144 -16.82 -22.39 -15.36
N VAL B 145 -16.89 -21.83 -14.16
CA VAL B 145 -15.82 -20.94 -13.75
C VAL B 145 -14.66 -21.74 -13.16
N GLY B 146 -14.85 -23.03 -12.92
CA GLY B 146 -13.82 -23.87 -12.32
C GLY B 146 -12.88 -24.58 -13.28
N ARG B 147 -12.88 -24.21 -14.56
CA ARG B 147 -12.11 -24.97 -15.54
C ARG B 147 -10.61 -24.77 -15.46
N ILE B 148 -10.08 -23.93 -14.56
CA ILE B 148 -8.64 -24.03 -14.32
C ILE B 148 -8.25 -25.48 -14.01
N GLN B 149 -9.16 -26.23 -13.42
CA GLN B 149 -8.87 -27.58 -12.95
C GLN B 149 -9.06 -28.66 -14.02
N TRP B 150 -9.37 -28.28 -15.27
CA TRP B 150 -9.93 -29.23 -16.22
C TRP B 150 -8.99 -30.41 -16.49
N GLY B 151 -7.69 -30.20 -16.41
CA GLY B 151 -6.76 -31.30 -16.65
C GLY B 151 -6.56 -32.24 -15.46
N LYS B 152 -7.14 -31.90 -14.31
CA LYS B 152 -7.07 -32.68 -13.09
C LYS B 152 -8.48 -33.19 -12.83
N LEU B 153 -8.78 -34.32 -13.43
CA LEU B 153 -10.11 -34.90 -13.43
C LEU B 153 -9.92 -36.39 -13.39
N GLN B 154 -10.48 -37.03 -12.38
CA GLN B 154 -10.44 -38.48 -12.24
C GLN B 154 -11.58 -39.05 -13.07
N VAL B 155 -11.25 -39.85 -14.09
CA VAL B 155 -12.26 -40.41 -14.98
C VAL B 155 -12.47 -41.87 -14.59
N PHE B 156 -13.63 -42.18 -14.02
CA PHE B 156 -13.98 -43.56 -13.70
C PHE B 156 -14.76 -44.15 -14.87
N ASP B 157 -14.24 -45.22 -15.45
CA ASP B 157 -14.83 -45.83 -16.64
C ASP B 157 -15.85 -46.87 -16.19
N ALA B 158 -17.12 -46.50 -16.19
CA ALA B 158 -18.19 -47.43 -15.87
C ALA B 158 -18.87 -48.00 -17.13
N ARG B 159 -18.15 -48.12 -18.23
CA ARG B 159 -18.82 -48.47 -19.49
C ARG B 159 -19.25 -49.92 -19.57
N ASP B 160 -18.76 -50.80 -18.69
CA ASP B 160 -19.30 -52.16 -18.68
C ASP B 160 -20.30 -52.37 -17.56
N CYS B 161 -20.88 -51.29 -17.06
CA CYS B 161 -21.97 -51.37 -16.09
C CYS B 161 -23.21 -51.96 -16.74
N ARG B 162 -23.92 -52.81 -16.00
CA ARG B 162 -25.03 -53.55 -16.59
C ARG B 162 -26.33 -53.55 -15.79
N SER B 163 -26.46 -52.75 -14.75
CA SER B 163 -27.72 -52.75 -14.00
C SER B 163 -27.74 -51.53 -13.10
N ALA B 164 -28.93 -51.26 -12.54
CA ALA B 164 -29.04 -50.14 -11.63
C ALA B 164 -28.27 -50.38 -10.35
N GLN B 165 -28.17 -51.64 -9.92
CA GLN B 165 -27.40 -51.94 -8.72
C GLN B 165 -25.91 -51.67 -8.95
N GLU B 166 -25.37 -52.11 -10.09
CA GLU B 166 -23.98 -51.82 -10.40
C GLU B 166 -23.74 -50.33 -10.52
N MET B 167 -24.72 -49.61 -11.05
CA MET B 167 -24.66 -48.15 -11.14
C MET B 167 -24.43 -47.54 -9.76
N PHE B 168 -25.32 -47.89 -8.83
CA PHE B 168 -25.24 -47.38 -7.46
C PHE B 168 -23.85 -47.60 -6.87
N THR B 169 -23.30 -48.80 -7.05
CA THR B 169 -21.94 -49.09 -6.56
C THR B 169 -20.92 -48.17 -7.22
N TYR B 170 -21.06 -47.92 -8.52
CA TYR B 170 -20.17 -46.97 -9.17
C TYR B 170 -20.32 -45.57 -8.59
N ILE B 171 -21.54 -45.19 -8.18
CA ILE B 171 -21.77 -43.83 -7.75
C ILE B 171 -21.22 -43.64 -6.36
N CYS B 172 -21.40 -44.65 -5.51
CA CYS B 172 -20.82 -44.63 -4.18
C CYS B 172 -19.30 -44.52 -4.24
N ASN B 173 -18.66 -45.33 -5.09
CA ASN B 173 -17.22 -45.18 -5.26
C ASN B 173 -16.87 -43.76 -5.69
N HIS B 174 -17.62 -43.22 -6.65
CA HIS B 174 -17.42 -41.84 -7.08
C HIS B 174 -17.53 -40.90 -5.87
N ILE B 175 -18.65 -40.96 -5.14
CA ILE B 175 -18.85 -40.06 -4.02
C ILE B 175 -17.72 -40.20 -3.01
N LYS B 176 -17.34 -41.45 -2.72
CA LYS B 176 -16.28 -41.67 -1.76
C LYS B 176 -14.97 -41.06 -2.24
N TYR B 177 -14.62 -41.32 -3.51
CA TYR B 177 -13.36 -40.81 -4.04
C TYR B 177 -13.35 -39.28 -4.05
N ALA B 178 -14.45 -38.68 -4.53
CA ALA B 178 -14.46 -37.23 -4.75
C ALA B 178 -14.61 -36.45 -3.45
N THR B 179 -15.36 -36.98 -2.49
CA THR B 179 -15.44 -36.37 -1.17
C THR B 179 -14.09 -36.45 -0.47
N ASN B 180 -13.52 -37.65 -0.38
CA ASN B 180 -12.19 -37.80 0.16
C ASN B 180 -12.11 -37.14 1.53
N ARG B 181 -13.14 -37.36 2.33
CA ARG B 181 -13.22 -36.86 3.70
C ARG B 181 -12.99 -35.35 3.79
N GLY B 182 -13.61 -34.61 2.86
CA GLY B 182 -13.52 -33.17 2.83
C GLY B 182 -12.45 -32.62 1.92
N ASN B 183 -11.48 -33.43 1.49
CA ASN B 183 -10.47 -32.95 0.56
C ASN B 183 -10.91 -33.32 -0.86
N LEU B 184 -11.80 -32.49 -1.40
CA LEU B 184 -12.56 -32.85 -2.60
C LEU B 184 -11.68 -32.97 -3.84
N ARG B 185 -12.03 -33.95 -4.68
CA ARG B 185 -11.29 -34.27 -5.89
C ARG B 185 -12.28 -34.34 -7.03
N SER B 186 -11.97 -33.71 -8.15
CA SER B 186 -12.89 -33.74 -9.26
C SER B 186 -12.89 -35.14 -9.83
N ALA B 187 -14.08 -35.63 -10.16
CA ALA B 187 -14.25 -36.96 -10.72
C ALA B 187 -15.41 -36.92 -11.70
N ILE B 188 -15.39 -37.86 -12.63
CA ILE B 188 -16.53 -38.18 -13.46
C ILE B 188 -16.56 -39.69 -13.62
N THR B 189 -17.75 -40.27 -13.48
CA THR B 189 -18.00 -41.68 -13.72
C THR B 189 -18.79 -41.75 -15.02
N VAL B 190 -18.27 -42.45 -16.02
CA VAL B 190 -18.91 -42.47 -17.33
C VAL B 190 -19.59 -43.81 -17.48
N PHE B 191 -20.92 -43.80 -17.49
CA PHE B 191 -21.69 -45.02 -17.68
C PHE B 191 -21.84 -45.30 -19.17
N PRO B 192 -22.37 -46.47 -19.54
CA PRO B 192 -22.36 -46.88 -20.96
C PRO B 192 -23.05 -45.87 -21.88
N GLN B 193 -22.45 -45.71 -23.05
CA GLN B 193 -22.98 -44.84 -24.08
C GLN B 193 -24.34 -45.31 -24.58
N ARG B 194 -25.12 -44.35 -25.06
CA ARG B 194 -26.37 -44.63 -25.74
C ARG B 194 -26.12 -45.46 -26.98
N CYS B 195 -26.95 -46.48 -27.19
CA CYS B 195 -26.75 -47.28 -28.39
C CYS B 195 -28.10 -47.76 -28.89
N PRO B 196 -28.24 -47.98 -30.20
CA PRO B 196 -29.54 -48.39 -30.76
C PRO B 196 -30.04 -49.68 -30.13
N GLY B 197 -31.35 -49.79 -30.00
CA GLY B 197 -31.95 -51.01 -29.51
C GLY B 197 -31.73 -51.28 -28.04
N ARG B 198 -31.49 -50.24 -27.26
CA ARG B 198 -31.31 -50.37 -25.82
C ARG B 198 -31.54 -49.00 -25.21
N GLY B 199 -32.32 -48.96 -24.14
CA GLY B 199 -32.54 -47.70 -23.44
C GLY B 199 -31.26 -47.16 -22.86
N ASP B 200 -31.34 -45.98 -22.26
CA ASP B 200 -30.20 -45.31 -21.66
C ASP B 200 -30.05 -45.67 -20.19
N PHE B 201 -28.81 -45.71 -19.73
CA PHE B 201 -28.58 -45.44 -18.32
C PHE B 201 -28.93 -43.99 -18.04
N ARG B 202 -29.74 -43.74 -17.02
CA ARG B 202 -30.07 -42.37 -16.62
C ARG B 202 -30.07 -42.28 -15.11
N ILE B 203 -29.55 -41.19 -14.58
CA ILE B 203 -29.70 -40.83 -13.17
C ILE B 203 -30.77 -39.77 -13.11
N TRP B 204 -31.90 -40.07 -12.48
CA TRP B 204 -33.03 -39.14 -12.52
C TRP B 204 -32.71 -37.88 -11.70
N ASN B 205 -32.00 -38.04 -10.59
CA ASN B 205 -31.58 -36.90 -9.78
C ASN B 205 -30.70 -35.96 -10.57
N SER B 206 -30.84 -34.65 -10.30
CA SER B 206 -30.03 -33.64 -10.97
C SER B 206 -28.64 -33.59 -10.36
N GLN B 207 -28.52 -33.93 -9.09
CA GLN B 207 -27.22 -34.06 -8.46
C GLN B 207 -27.24 -35.31 -7.59
N LEU B 208 -26.06 -35.86 -7.33
CA LEU B 208 -26.01 -37.06 -6.52
C LEU B 208 -26.53 -36.79 -5.13
N VAL B 209 -26.27 -35.59 -4.62
CA VAL B 209 -26.68 -35.21 -3.29
C VAL B 209 -27.54 -33.97 -3.44
N ARG B 210 -28.80 -34.11 -3.06
CA ARG B 210 -29.77 -33.04 -3.10
C ARG B 210 -30.65 -33.18 -1.87
N TYR B 211 -31.10 -32.04 -1.35
CA TYR B 211 -32.02 -32.04 -0.24
C TYR B 211 -33.44 -32.18 -0.76
N ALA B 212 -34.28 -32.88 0.00
CA ALA B 212 -35.66 -33.03 -0.40
C ALA B 212 -36.37 -31.68 -0.40
N GLY B 213 -37.42 -31.58 -1.20
CA GLY B 213 -38.26 -30.41 -1.21
C GLY B 213 -39.69 -30.87 -1.20
N TYR B 214 -40.35 -30.70 -0.07
CA TYR B 214 -41.70 -31.21 0.12
C TYR B 214 -42.71 -30.13 -0.26
N ARG B 215 -43.50 -30.39 -1.29
CA ARG B 215 -44.64 -29.51 -1.58
C ARG B 215 -45.57 -29.53 -0.38
N GLN B 216 -45.41 -28.56 0.52
CA GLN B 216 -46.33 -28.48 1.64
C GLN B 216 -47.70 -28.07 1.15
N GLN B 217 -48.73 -28.51 1.89
CA GLN B 217 -50.09 -28.42 1.41
C GLN B 217 -50.60 -26.99 1.28
N ASP B 218 -49.83 -26.00 1.74
CA ASP B 218 -50.20 -24.60 1.52
C ASP B 218 -50.01 -24.17 0.06
N GLY B 219 -49.23 -24.92 -0.71
CA GLY B 219 -48.61 -24.41 -1.91
C GLY B 219 -47.18 -23.94 -1.68
N SER B 220 -46.77 -23.79 -0.43
CA SER B 220 -45.39 -23.50 -0.07
C SER B 220 -44.56 -24.79 -0.22
N VAL B 221 -43.33 -24.76 0.31
CA VAL B 221 -42.40 -25.87 0.19
C VAL B 221 -41.59 -25.95 1.47
N ARG B 222 -41.38 -27.17 1.96
CA ARG B 222 -40.43 -27.43 3.05
C ARG B 222 -39.23 -28.17 2.47
N GLY B 223 -38.06 -27.58 2.61
CA GLY B 223 -36.85 -28.12 2.04
C GLY B 223 -36.43 -27.28 0.86
N ASP B 224 -35.83 -27.90 -0.15
CA ASP B 224 -35.31 -27.15 -1.29
C ASP B 224 -36.37 -27.09 -2.37
N PRO B 225 -36.91 -25.91 -2.69
CA PRO B 225 -37.92 -25.84 -3.76
C PRO B 225 -37.40 -26.30 -5.12
N ALA B 226 -36.08 -26.24 -5.35
CA ALA B 226 -35.53 -26.72 -6.60
C ALA B 226 -35.79 -28.20 -6.82
N ASN B 227 -36.11 -28.95 -5.77
CA ASN B 227 -36.13 -30.41 -5.81
C ASN B 227 -37.49 -30.98 -5.47
N VAL B 228 -38.57 -30.24 -5.70
CA VAL B 228 -39.90 -30.77 -5.40
C VAL B 228 -40.25 -31.90 -6.36
N GLU B 229 -39.82 -31.79 -7.61
CA GLU B 229 -40.24 -32.76 -8.62
C GLU B 229 -39.61 -34.13 -8.35
N ILE B 230 -38.29 -34.16 -8.13
CA ILE B 230 -37.61 -35.43 -7.89
C ILE B 230 -37.94 -35.94 -6.50
N THR B 231 -38.26 -35.04 -5.56
CA THR B 231 -38.84 -35.45 -4.29
C THR B 231 -40.15 -36.17 -4.53
N GLU B 232 -41.04 -35.57 -5.33
CA GLU B 232 -42.32 -36.22 -5.65
C GLU B 232 -42.09 -37.58 -6.28
N LEU B 233 -41.13 -37.68 -7.19
CA LEU B 233 -40.90 -38.96 -7.87
C LEU B 233 -40.24 -39.98 -6.95
N CYS B 234 -39.44 -39.53 -5.98
CA CYS B 234 -38.83 -40.46 -5.04
C CYS B 234 -39.88 -41.13 -4.17
N ILE B 235 -40.77 -40.33 -3.59
CA ILE B 235 -41.84 -40.89 -2.77
C ILE B 235 -42.67 -41.84 -3.60
N GLN B 236 -43.11 -41.38 -4.78
CA GLN B 236 -43.88 -42.20 -5.70
C GLN B 236 -43.22 -43.55 -5.97
N HIS B 237 -41.90 -43.66 -5.79
CA HIS B 237 -41.18 -44.91 -6.00
C HIS B 237 -40.85 -45.61 -4.70
N GLY B 238 -41.57 -45.32 -3.61
CA GLY B 238 -41.47 -46.09 -2.39
C GLY B 238 -40.66 -45.46 -1.27
N TRP B 239 -39.93 -44.37 -1.54
CA TRP B 239 -39.11 -43.75 -0.52
C TRP B 239 -39.99 -43.21 0.61
N THR B 240 -39.69 -43.61 1.84
CA THR B 240 -40.39 -43.00 2.95
C THR B 240 -39.81 -41.61 3.16
N PRO B 241 -40.57 -40.53 2.96
CA PRO B 241 -40.01 -39.19 3.07
C PRO B 241 -39.82 -38.79 4.51
N GLY B 242 -38.89 -37.85 4.71
CA GLY B 242 -38.72 -37.19 5.98
C GLY B 242 -39.56 -35.94 6.06
N ASN B 243 -39.19 -35.04 6.99
CA ASN B 243 -39.90 -33.77 7.10
C ASN B 243 -38.97 -32.60 7.41
N GLY B 244 -37.65 -32.80 7.38
CA GLY B 244 -36.73 -31.70 7.59
C GLY B 244 -36.51 -30.88 6.33
N ARG B 245 -35.81 -29.76 6.50
CA ARG B 245 -35.46 -28.93 5.36
C ARG B 245 -34.20 -29.41 4.67
N PHE B 246 -33.45 -30.34 5.27
CA PHE B 246 -32.19 -30.81 4.70
C PHE B 246 -32.17 -32.33 4.67
N ASP B 247 -33.19 -32.91 4.03
CA ASP B 247 -33.28 -34.36 3.89
C ASP B 247 -32.60 -34.78 2.59
N VAL B 248 -31.55 -35.59 2.70
CA VAL B 248 -30.87 -36.06 1.52
C VAL B 248 -31.78 -37.00 0.74
N LEU B 249 -31.96 -36.72 -0.53
CA LEU B 249 -32.80 -37.57 -1.36
C LEU B 249 -32.12 -38.90 -1.65
N PRO B 250 -32.90 -39.92 -1.95
CA PRO B 250 -32.32 -41.14 -2.51
C PRO B 250 -32.04 -40.93 -3.99
N LEU B 251 -31.26 -41.84 -4.55
CA LEU B 251 -31.02 -41.84 -5.97
C LEU B 251 -32.08 -42.68 -6.65
N LEU B 252 -32.58 -42.17 -7.78
CA LEU B 252 -33.45 -42.92 -8.68
C LEU B 252 -32.59 -43.27 -9.87
N LEU B 253 -32.19 -44.52 -9.96
CA LEU B 253 -31.24 -44.97 -10.98
C LEU B 253 -31.99 -45.79 -12.01
N GLN B 254 -31.81 -45.42 -13.27
CA GLN B 254 -32.45 -46.09 -14.41
C GLN B 254 -31.38 -46.87 -15.16
N ALA B 255 -31.50 -48.18 -15.15
CA ALA B 255 -30.83 -49.05 -16.10
C ALA B 255 -31.66 -49.12 -17.38
N PRO B 256 -31.05 -49.48 -18.51
CA PRO B 256 -31.79 -49.41 -19.79
C PRO B 256 -33.02 -50.29 -19.79
N ASP B 257 -34.14 -49.72 -20.26
CA ASP B 257 -35.39 -50.44 -20.52
C ASP B 257 -35.93 -51.05 -19.24
N GLU B 258 -36.02 -50.20 -18.24
CA GLU B 258 -36.10 -50.59 -16.85
C GLU B 258 -36.47 -49.34 -16.06
N PRO B 259 -37.65 -49.28 -15.46
CA PRO B 259 -38.02 -48.09 -14.66
C PRO B 259 -36.96 -47.81 -13.61
N PRO B 260 -36.88 -46.57 -13.13
CA PRO B 260 -35.77 -46.22 -12.24
C PRO B 260 -35.85 -47.00 -10.95
N GLU B 261 -34.70 -47.17 -10.31
CA GLU B 261 -34.63 -47.91 -9.05
C GLU B 261 -34.14 -47.00 -7.94
N LEU B 262 -34.73 -47.17 -6.76
CA LEU B 262 -34.45 -46.33 -5.62
C LEU B 262 -33.27 -46.88 -4.81
N PHE B 263 -32.34 -46.01 -4.47
CA PHE B 263 -31.17 -46.37 -3.67
C PHE B 263 -30.91 -45.28 -2.64
N LEU B 264 -30.79 -45.67 -1.37
CA LEU B 264 -30.43 -44.74 -0.31
C LEU B 264 -28.91 -44.63 -0.22
N LEU B 265 -28.42 -43.40 -0.21
CA LEU B 265 -27.00 -43.19 -0.01
C LEU B 265 -26.63 -43.55 1.43
N PRO B 266 -25.49 -44.21 1.65
CA PRO B 266 -25.00 -44.38 3.01
C PRO B 266 -24.73 -43.04 3.66
N PRO B 267 -25.41 -42.74 4.76
CA PRO B 267 -25.34 -41.40 5.34
C PRO B 267 -23.92 -40.93 5.61
N GLU B 268 -23.00 -41.86 5.83
CA GLU B 268 -21.61 -41.54 6.10
C GLU B 268 -20.81 -41.29 4.83
N LEU B 269 -21.36 -41.63 3.68
CA LEU B 269 -20.81 -41.21 2.40
C LEU B 269 -21.21 -39.78 2.06
N VAL B 270 -22.26 -39.26 2.70
CA VAL B 270 -22.82 -37.95 2.38
C VAL B 270 -22.28 -36.95 3.40
N LEU B 271 -21.16 -36.30 3.05
CA LEU B 271 -20.53 -35.34 3.96
C LEU B 271 -21.27 -34.01 3.91
N GLU B 272 -21.61 -33.48 5.07
CA GLU B 272 -22.38 -32.25 5.18
C GLU B 272 -21.67 -31.27 6.11
N VAL B 273 -21.95 -30.00 5.91
CA VAL B 273 -21.35 -28.88 6.64
C VAL B 273 -22.45 -28.16 7.39
N PRO B 274 -22.48 -28.21 8.73
CA PRO B 274 -23.32 -27.27 9.48
C PRO B 274 -22.84 -25.85 9.23
N LEU B 275 -23.79 -24.93 9.13
CA LEU B 275 -23.46 -23.54 8.86
C LEU B 275 -23.49 -22.75 10.16
N GLU B 276 -22.37 -22.13 10.47
CA GLU B 276 -22.26 -21.22 11.59
C GLU B 276 -21.58 -19.96 11.08
N HIS B 277 -21.69 -18.88 11.87
CA HIS B 277 -21.02 -17.69 11.38
C HIS B 277 -19.85 -17.36 12.30
N PRO B 278 -18.73 -16.88 11.77
CA PRO B 278 -17.55 -16.69 12.64
C PRO B 278 -17.82 -15.74 13.78
N THR B 279 -18.61 -14.70 13.54
CA THR B 279 -18.97 -13.78 14.59
C THR B 279 -20.45 -13.76 14.94
N LEU B 280 -21.37 -14.21 14.09
CA LEU B 280 -22.77 -14.17 14.49
C LEU B 280 -23.16 -15.51 15.07
N GLU B 281 -23.12 -15.62 16.40
CA GLU B 281 -23.29 -16.89 17.07
C GLU B 281 -24.72 -17.41 16.97
N TRP B 282 -25.70 -16.51 16.83
CA TRP B 282 -27.07 -16.94 16.62
C TRP B 282 -27.26 -17.63 15.28
N PHE B 283 -26.36 -17.39 14.33
CA PHE B 283 -26.50 -17.99 13.01
C PHE B 283 -26.61 -19.50 13.11
N ALA B 284 -25.80 -20.11 13.98
CA ALA B 284 -25.83 -21.56 14.14
C ALA B 284 -27.23 -22.07 14.50
N ALA B 285 -28.02 -21.25 15.19
CA ALA B 285 -29.36 -21.67 15.59
C ALA B 285 -30.34 -21.72 14.41
N LEU B 286 -29.99 -21.13 13.26
CA LEU B 286 -30.81 -21.27 12.07
C LEU B 286 -30.88 -22.72 11.59
N GLY B 287 -29.91 -23.53 11.99
CA GLY B 287 -29.91 -24.93 11.62
C GLY B 287 -29.68 -25.14 10.15
N LEU B 288 -28.84 -24.30 9.54
CA LEU B 288 -28.53 -24.43 8.13
C LEU B 288 -27.41 -25.43 7.92
N ARG B 289 -27.56 -26.23 6.88
CA ARG B 289 -26.58 -27.23 6.47
C ARG B 289 -26.43 -27.12 4.97
N TRP B 290 -25.25 -27.47 4.48
CA TRP B 290 -25.17 -27.80 3.06
C TRP B 290 -24.26 -29.01 2.92
N TYR B 291 -24.29 -29.61 1.75
CA TYR B 291 -23.47 -30.80 1.55
C TYR B 291 -22.16 -30.42 0.89
N ALA B 292 -21.22 -31.33 0.97
CA ALA B 292 -19.87 -30.98 0.57
C ALA B 292 -19.68 -31.08 -0.93
N LEU B 293 -20.37 -32.02 -1.57
CA LEU B 293 -20.03 -32.44 -2.93
C LEU B 293 -21.10 -31.98 -3.92
N PRO B 294 -20.76 -31.07 -4.81
CA PRO B 294 -21.63 -30.74 -5.95
C PRO B 294 -21.37 -31.72 -7.09
N ALA B 295 -22.35 -32.57 -7.36
CA ALA B 295 -22.15 -33.70 -8.27
C ALA B 295 -23.35 -33.73 -9.21
N VAL B 296 -23.21 -33.07 -10.35
CA VAL B 296 -24.29 -33.00 -11.32
C VAL B 296 -24.39 -34.34 -12.05
N SER B 297 -25.61 -34.86 -12.15
CA SER B 297 -25.85 -36.22 -12.62
C SER B 297 -26.84 -36.28 -13.78
N ASN B 298 -27.30 -35.14 -14.28
CA ASN B 298 -28.38 -35.15 -15.24
C ASN B 298 -27.97 -34.60 -16.60
N MET B 299 -26.73 -34.22 -16.78
CA MET B 299 -26.29 -33.82 -18.10
C MET B 299 -25.77 -35.00 -18.91
N LEU B 300 -25.64 -34.74 -20.20
CA LEU B 300 -25.22 -35.72 -21.16
C LEU B 300 -23.82 -35.36 -21.60
N LEU B 301 -22.97 -36.35 -21.62
CA LEU B 301 -21.62 -36.19 -22.10
C LEU B 301 -21.55 -36.69 -23.52
N GLU B 302 -21.09 -35.83 -24.42
CA GLU B 302 -21.01 -36.13 -25.85
C GLU B 302 -19.55 -36.04 -26.24
N ILE B 303 -19.03 -37.12 -26.81
CA ILE B 303 -17.62 -37.23 -27.19
C ILE B 303 -17.54 -37.84 -28.57
N GLY B 304 -16.98 -37.09 -29.52
CA GLY B 304 -16.83 -37.60 -30.88
C GLY B 304 -18.07 -38.26 -31.43
N GLY B 305 -19.23 -37.65 -31.20
CA GLY B 305 -20.49 -38.17 -31.68
C GLY B 305 -21.15 -39.19 -30.78
N LEU B 306 -20.43 -39.80 -29.85
CA LEU B 306 -21.06 -40.73 -28.93
C LEU B 306 -21.70 -39.96 -27.79
N GLU B 307 -22.79 -40.52 -27.27
CA GLU B 307 -23.54 -39.87 -26.22
C GLU B 307 -23.54 -40.75 -24.99
N PHE B 308 -23.35 -40.12 -23.85
CA PHE B 308 -23.31 -40.81 -22.57
C PHE B 308 -24.37 -40.15 -21.70
N PRO B 309 -25.63 -40.60 -21.78
CA PRO B 309 -26.69 -39.93 -21.01
C PRO B 309 -26.51 -39.97 -19.51
N ALA B 310 -25.64 -40.83 -18.98
CA ALA B 310 -25.38 -40.90 -17.54
C ALA B 310 -23.87 -40.86 -17.38
N ALA B 311 -23.38 -39.75 -16.82
CA ALA B 311 -21.97 -39.53 -16.61
C ALA B 311 -21.80 -38.47 -15.53
N PRO B 312 -22.27 -38.74 -14.31
CA PRO B 312 -22.24 -37.72 -13.27
C PRO B 312 -20.82 -37.23 -13.02
N PHE B 313 -20.68 -35.93 -12.75
CA PHE B 313 -19.36 -35.36 -12.55
C PHE B 313 -19.41 -34.38 -11.38
N SER B 314 -18.27 -34.20 -10.71
CA SER B 314 -18.31 -33.43 -9.48
C SER B 314 -17.01 -32.70 -9.30
N GLY B 315 -17.07 -31.59 -8.58
CA GLY B 315 -15.87 -30.87 -8.20
C GLY B 315 -16.00 -30.47 -6.76
N TRP B 316 -15.92 -29.18 -6.50
CA TRP B 316 -16.15 -28.61 -5.18
C TRP B 316 -16.92 -27.30 -5.39
N TYR B 317 -17.57 -26.85 -4.33
CA TYR B 317 -18.44 -25.69 -4.43
C TYR B 317 -17.64 -24.41 -4.57
N MET B 318 -18.22 -23.46 -5.30
CA MET B 318 -17.89 -22.06 -5.11
C MET B 318 -18.93 -21.51 -4.14
N SER B 319 -18.48 -20.77 -3.12
CA SER B 319 -19.36 -20.48 -1.99
C SER B 319 -20.59 -19.67 -2.38
N THR B 320 -20.50 -18.83 -3.40
CA THR B 320 -21.72 -18.12 -3.79
C THR B 320 -22.79 -19.09 -4.29
N GLU B 321 -22.43 -20.28 -4.77
CA GLU B 321 -23.49 -21.22 -5.15
C GLU B 321 -24.34 -21.57 -3.95
N ILE B 322 -23.70 -21.82 -2.81
CA ILE B 322 -24.44 -22.17 -1.60
C ILE B 322 -25.00 -20.92 -0.94
N GLY B 323 -24.14 -19.93 -0.71
CA GLY B 323 -24.54 -18.81 0.13
C GLY B 323 -25.57 -17.92 -0.53
N THR B 324 -25.35 -17.56 -1.80
CA THR B 324 -26.21 -16.61 -2.47
C THR B 324 -27.34 -17.29 -3.22
N ARG B 325 -27.03 -18.27 -4.06
CA ARG B 325 -28.10 -18.86 -4.84
C ARG B 325 -28.92 -19.83 -4.00
N ASN B 326 -28.30 -20.88 -3.49
CA ASN B 326 -29.09 -21.91 -2.83
C ASN B 326 -29.78 -21.38 -1.57
N LEU B 327 -29.16 -20.46 -0.84
CA LEU B 327 -29.80 -20.03 0.40
C LEU B 327 -30.55 -18.70 0.28
N CYS B 328 -30.22 -17.87 -0.70
CA CYS B 328 -30.86 -16.56 -0.81
C CYS B 328 -31.73 -16.37 -2.05
N ASP B 329 -31.71 -17.29 -3.00
CA ASP B 329 -32.65 -17.17 -4.10
C ASP B 329 -34.06 -17.16 -3.53
N PRO B 330 -34.93 -16.25 -3.97
CA PRO B 330 -36.30 -16.26 -3.43
C PRO B 330 -37.01 -17.57 -3.68
N HIS B 331 -36.71 -18.23 -4.79
CA HIS B 331 -37.31 -19.49 -5.14
C HIS B 331 -36.52 -20.68 -4.62
N ARG B 332 -35.62 -20.45 -3.67
CA ARG B 332 -34.92 -21.55 -3.02
C ARG B 332 -35.15 -21.48 -1.50
N TYR B 333 -34.09 -21.54 -0.71
CA TYR B 333 -34.32 -21.51 0.74
C TYR B 333 -34.73 -20.12 1.22
N ASN B 334 -34.45 -19.08 0.44
CA ASN B 334 -35.01 -17.75 0.66
C ASN B 334 -34.91 -17.32 2.13
N ILE B 335 -33.70 -17.36 2.67
CA ILE B 335 -33.47 -17.00 4.07
C ILE B 335 -33.02 -15.56 4.24
N LEU B 336 -32.88 -14.79 3.16
CA LEU B 336 -32.23 -13.49 3.22
C LEU B 336 -32.87 -12.59 4.27
N GLU B 337 -34.20 -12.56 4.31
CA GLU B 337 -34.88 -11.63 5.21
C GLU B 337 -34.73 -12.07 6.67
N ASP B 338 -34.77 -13.38 6.94
CA ASP B 338 -34.63 -13.85 8.32
C ASP B 338 -33.27 -13.46 8.89
N VAL B 339 -32.21 -13.74 8.15
CA VAL B 339 -30.87 -13.38 8.57
C VAL B 339 -30.77 -11.87 8.81
N ALA B 340 -31.32 -11.09 7.88
CA ALA B 340 -31.27 -9.63 7.99
C ALA B 340 -32.01 -9.13 9.21
N VAL B 341 -33.21 -9.67 9.46
CA VAL B 341 -33.94 -9.30 10.67
C VAL B 341 -33.10 -9.64 11.90
N CYS B 342 -32.50 -10.83 11.91
CA CYS B 342 -31.66 -11.23 13.04
C CYS B 342 -30.45 -10.34 13.15
N MET B 343 -29.92 -9.86 12.02
CA MET B 343 -28.80 -8.94 12.08
C MET B 343 -29.22 -7.56 12.54
N ASP B 344 -30.53 -7.36 12.73
CA ASP B 344 -31.11 -6.09 13.16
C ASP B 344 -30.91 -5.00 12.12
N LEU B 345 -31.08 -5.36 10.85
CA LEU B 345 -31.00 -4.42 9.76
C LEU B 345 -32.38 -3.84 9.47
N ASP B 346 -32.38 -2.66 8.85
CA ASP B 346 -33.65 -2.01 8.52
C ASP B 346 -34.17 -2.62 7.23
N THR B 347 -34.94 -3.70 7.36
CA THR B 347 -35.52 -4.34 6.19
C THR B 347 -36.71 -3.56 5.62
N ARG B 348 -37.08 -2.44 6.23
CA ARG B 348 -38.21 -1.67 5.73
C ARG B 348 -37.88 -0.90 4.46
N THR B 349 -36.62 -0.61 4.20
CA THR B 349 -36.26 0.14 3.00
C THR B 349 -35.09 -0.52 2.29
N THR B 350 -35.14 -0.51 0.96
CA THR B 350 -34.10 -1.13 0.16
C THR B 350 -32.78 -0.39 0.31
N SER B 351 -32.85 0.92 0.56
CA SER B 351 -31.68 1.78 0.48
C SER B 351 -30.70 1.57 1.64
N SER B 352 -31.11 0.87 2.69
CA SER B 352 -30.14 0.46 3.71
C SER B 352 -29.24 -0.66 3.22
N LEU B 353 -29.56 -1.29 2.09
CA LEU B 353 -28.78 -2.40 1.56
C LEU B 353 -28.75 -3.57 2.53
N TRP B 354 -29.85 -3.76 3.27
CA TRP B 354 -29.93 -4.92 4.14
C TRP B 354 -29.76 -6.23 3.37
N LYS B 355 -30.32 -6.31 2.16
CA LYS B 355 -30.22 -7.54 1.39
C LYS B 355 -28.77 -7.86 1.07
N ASP B 356 -28.01 -6.84 0.62
CA ASP B 356 -26.61 -7.04 0.31
C ASP B 356 -25.82 -7.38 1.57
N LYS B 357 -26.16 -6.74 2.68
CA LYS B 357 -25.47 -6.99 3.94
C LYS B 357 -25.73 -8.40 4.45
N ALA B 358 -27.01 -8.81 4.52
CA ALA B 358 -27.30 -10.16 4.96
C ALA B 358 -26.67 -11.18 4.03
N ALA B 359 -26.75 -10.94 2.72
CA ALA B 359 -26.22 -11.92 1.78
C ALA B 359 -24.72 -12.09 1.95
N VAL B 360 -24.00 -10.99 2.14
CA VAL B 360 -22.57 -11.07 2.36
C VAL B 360 -22.27 -11.90 3.59
N GLU B 361 -22.96 -11.63 4.71
CA GLU B 361 -22.71 -12.41 5.91
C GLU B 361 -23.07 -13.88 5.72
N ILE B 362 -24.11 -14.17 4.92
CA ILE B 362 -24.43 -15.56 4.67
C ILE B 362 -23.32 -16.23 3.89
N ASN B 363 -22.73 -15.52 2.93
CA ASN B 363 -21.59 -16.10 2.23
C ASN B 363 -20.39 -16.27 3.14
N VAL B 364 -20.16 -15.31 4.05
CA VAL B 364 -19.08 -15.48 5.03
C VAL B 364 -19.27 -16.75 5.84
N ALA B 365 -20.51 -16.97 6.31
CA ALA B 365 -20.78 -18.16 7.11
C ALA B 365 -20.48 -19.44 6.33
N VAL B 366 -20.87 -19.49 5.06
CA VAL B 366 -20.62 -20.67 4.24
C VAL B 366 -19.13 -20.96 4.18
N LEU B 367 -18.33 -19.93 3.83
CA LEU B 367 -16.89 -20.13 3.68
C LEU B 367 -16.25 -20.51 5.00
N HIS B 368 -16.60 -19.77 6.05
CA HIS B 368 -16.12 -20.09 7.38
C HIS B 368 -16.45 -21.53 7.75
N SER B 369 -17.70 -21.94 7.50
CA SER B 369 -18.19 -23.23 7.91
C SER B 369 -17.51 -24.36 7.14
N TYR B 370 -17.27 -24.16 5.84
CA TYR B 370 -16.55 -25.18 5.09
C TYR B 370 -15.10 -25.23 5.51
N GLN B 371 -14.48 -24.07 5.71
CA GLN B 371 -13.09 -24.06 6.15
C GLN B 371 -12.96 -24.70 7.53
N LEU B 372 -13.92 -24.41 8.42
CA LEU B 372 -13.94 -25.04 9.73
C LEU B 372 -14.09 -26.54 9.63
N ALA B 373 -15.03 -27.01 8.80
CA ALA B 373 -15.22 -28.45 8.64
C ALA B 373 -14.12 -29.10 7.81
N LYS B 374 -13.17 -28.34 7.28
CA LYS B 374 -12.12 -28.85 6.41
C LYS B 374 -12.72 -29.54 5.19
N VAL B 375 -13.69 -28.85 4.59
CA VAL B 375 -14.30 -29.26 3.33
C VAL B 375 -13.88 -28.24 2.29
N THR B 376 -13.33 -28.72 1.18
CA THR B 376 -12.87 -27.83 0.13
C THR B 376 -13.97 -26.88 -0.28
N ILE B 377 -13.62 -25.61 -0.45
CA ILE B 377 -14.55 -24.63 -0.96
C ILE B 377 -13.73 -23.49 -1.51
N VAL B 378 -14.29 -22.77 -2.48
CA VAL B 378 -13.58 -21.67 -3.09
C VAL B 378 -14.50 -20.48 -3.11
N ASP B 379 -13.97 -19.32 -2.73
CA ASP B 379 -14.81 -18.14 -2.75
C ASP B 379 -14.83 -17.59 -4.17
N HIS B 380 -15.79 -16.70 -4.43
CA HIS B 380 -15.94 -16.23 -5.80
C HIS B 380 -14.79 -15.34 -6.23
N HIS B 381 -13.99 -14.83 -5.29
CA HIS B 381 -12.83 -14.02 -5.67
C HIS B 381 -11.68 -14.86 -6.16
N ALA B 382 -11.41 -15.97 -5.48
CA ALA B 382 -10.33 -16.84 -5.93
C ALA B 382 -10.76 -17.57 -7.18
N ALA B 383 -12.01 -18.01 -7.23
CA ALA B 383 -12.50 -18.76 -8.39
C ALA B 383 -12.39 -17.93 -9.66
N THR B 384 -12.85 -16.69 -9.61
CA THR B 384 -12.81 -15.85 -10.80
C THR B 384 -11.39 -15.46 -11.18
N ALA B 385 -10.51 -15.26 -10.17
CA ALA B 385 -9.11 -15.03 -10.49
C ALA B 385 -8.48 -16.28 -11.11
N SER B 386 -8.88 -17.46 -10.67
CA SER B 386 -8.32 -18.65 -11.29
C SER B 386 -8.85 -18.79 -12.71
N PHE B 387 -10.09 -18.38 -12.93
CA PHE B 387 -10.64 -18.41 -14.27
C PHE B 387 -9.90 -17.44 -15.20
N MET B 388 -9.52 -16.25 -14.70
CA MET B 388 -8.72 -15.36 -15.52
C MET B 388 -7.42 -16.02 -15.95
N LYS B 389 -6.78 -16.76 -15.05
CA LYS B 389 -5.60 -17.53 -15.44
C LYS B 389 -5.95 -18.55 -16.52
N HIS B 390 -7.11 -19.21 -16.38
CA HIS B 390 -7.52 -20.19 -17.36
C HIS B 390 -7.70 -19.57 -18.74
N LEU B 391 -8.40 -18.43 -18.81
CA LEU B 391 -8.57 -17.75 -20.09
C LEU B 391 -7.22 -17.50 -20.75
N GLU B 392 -6.24 -17.05 -19.95
CA GLU B 392 -4.92 -16.77 -20.49
C GLU B 392 -4.25 -18.04 -20.98
N ASN B 393 -4.35 -19.13 -20.21
CA ASN B 393 -3.82 -20.41 -20.66
C ASN B 393 -4.46 -20.81 -21.99
N GLU B 394 -5.79 -20.70 -22.06
CA GLU B 394 -6.53 -21.18 -23.20
C GLU B 394 -6.30 -20.33 -24.45
N GLN B 395 -6.10 -19.02 -24.28
CA GLN B 395 -5.72 -18.20 -25.43
C GLN B 395 -4.42 -18.70 -26.05
N LYS B 396 -3.42 -18.97 -25.20
CA LYS B 396 -2.18 -19.59 -25.69
C LYS B 396 -2.45 -20.98 -26.27
N ALA B 397 -3.17 -21.83 -25.52
CA ALA B 397 -3.29 -23.23 -25.90
C ALA B 397 -4.15 -23.40 -27.15
N ARG B 398 -5.29 -22.71 -27.21
CA ARG B 398 -6.25 -22.93 -28.28
C ARG B 398 -6.68 -21.66 -29.00
N GLY B 399 -6.18 -20.50 -28.61
CA GLY B 399 -6.58 -19.28 -29.27
C GLY B 399 -7.96 -18.80 -28.88
N GLY B 400 -8.46 -19.24 -27.73
CA GLY B 400 -9.75 -18.79 -27.27
C GLY B 400 -10.28 -19.72 -26.21
N CYS B 401 -11.46 -19.39 -25.74
CA CYS B 401 -12.09 -20.15 -24.68
C CYS B 401 -13.57 -19.81 -24.60
N PRO B 402 -14.47 -20.77 -24.85
CA PRO B 402 -15.90 -20.43 -24.79
C PRO B 402 -16.31 -20.12 -23.37
N ALA B 403 -16.90 -18.94 -23.19
CA ALA B 403 -17.24 -18.51 -21.84
C ALA B 403 -18.54 -17.71 -21.91
N ASP B 404 -19.43 -18.03 -20.99
CA ASP B 404 -20.74 -17.46 -20.87
C ASP B 404 -20.65 -16.39 -19.77
N TRP B 405 -20.45 -15.14 -20.19
CA TRP B 405 -20.20 -14.07 -19.23
C TRP B 405 -21.22 -14.07 -18.09
N ALA B 406 -22.50 -14.19 -18.41
CA ALA B 406 -23.52 -14.09 -17.37
C ALA B 406 -23.44 -15.22 -16.35
N TRP B 407 -22.86 -16.34 -16.71
CA TRP B 407 -22.71 -17.42 -15.75
C TRP B 407 -21.35 -17.41 -15.05
N ILE B 408 -20.33 -16.85 -15.71
CA ILE B 408 -18.99 -16.78 -15.11
C ILE B 408 -18.95 -15.70 -14.03
N VAL B 409 -19.69 -14.60 -14.23
CA VAL B 409 -19.74 -13.55 -13.23
C VAL B 409 -20.55 -14.04 -12.03
N PRO B 410 -19.97 -13.98 -10.84
CA PRO B 410 -20.62 -14.47 -9.61
C PRO B 410 -21.91 -13.72 -9.34
N PRO B 411 -22.85 -14.32 -8.60
CA PRO B 411 -24.15 -13.67 -8.38
C PRO B 411 -24.14 -12.56 -7.35
N ILE B 412 -23.06 -12.40 -6.59
CA ILE B 412 -22.86 -11.20 -5.78
C ILE B 412 -21.52 -10.61 -6.18
N SER B 413 -21.40 -9.30 -5.97
CA SER B 413 -20.14 -8.57 -6.08
C SER B 413 -19.50 -8.70 -7.46
N GLY B 414 -20.33 -8.82 -8.50
CA GLY B 414 -19.81 -9.18 -9.82
C GLY B 414 -18.65 -8.33 -10.28
N SER B 415 -18.84 -7.01 -10.33
CA SER B 415 -17.76 -6.17 -10.81
C SER B 415 -16.58 -6.10 -9.84
N LEU B 416 -16.71 -6.65 -8.65
CA LEU B 416 -15.54 -6.75 -7.79
C LEU B 416 -14.61 -7.88 -8.20
N THR B 417 -15.08 -8.81 -9.08
CA THR B 417 -14.27 -9.89 -9.60
C THR B 417 -13.74 -9.53 -10.98
N PRO B 418 -12.56 -10.03 -11.34
CA PRO B 418 -11.96 -9.62 -12.63
C PRO B 418 -12.73 -10.13 -13.83
N VAL B 419 -13.52 -11.19 -13.71
CA VAL B 419 -14.19 -11.71 -14.90
C VAL B 419 -15.29 -10.74 -15.35
N PHE B 420 -15.81 -9.90 -14.45
CA PHE B 420 -16.79 -8.89 -14.84
C PHE B 420 -16.28 -8.04 -15.99
N HIS B 421 -15.03 -7.63 -15.92
CA HIS B 421 -14.48 -6.71 -16.90
C HIS B 421 -13.86 -7.43 -18.08
N GLN B 422 -14.08 -8.75 -18.22
CA GLN B 422 -13.51 -9.52 -19.30
C GLN B 422 -14.61 -9.78 -20.33
N GLU B 423 -14.47 -9.19 -21.52
CA GLU B 423 -15.33 -9.60 -22.61
C GLU B 423 -15.10 -11.08 -22.88
N MET B 424 -16.16 -11.79 -23.22
CA MET B 424 -16.11 -13.23 -23.39
C MET B 424 -16.92 -13.62 -24.63
N VAL B 425 -16.50 -14.70 -25.27
CA VAL B 425 -17.16 -15.19 -26.48
C VAL B 425 -17.77 -16.54 -26.10
N ASN B 426 -19.07 -16.68 -26.34
CA ASN B 426 -19.77 -17.89 -25.96
C ASN B 426 -20.00 -18.71 -27.23
N TYR B 427 -19.62 -19.98 -27.20
CA TYR B 427 -19.84 -20.84 -28.35
C TYR B 427 -19.74 -22.30 -27.90
N PHE B 428 -20.19 -23.19 -28.78
CA PHE B 428 -20.29 -24.61 -28.42
C PHE B 428 -19.18 -25.38 -29.09
N LEU B 429 -18.30 -25.97 -28.27
CA LEU B 429 -17.35 -26.92 -28.81
C LEU B 429 -17.72 -28.31 -28.32
N SER B 430 -17.13 -29.30 -28.98
CA SER B 430 -17.28 -30.71 -28.63
C SER B 430 -15.90 -31.32 -28.44
N PRO B 431 -15.75 -32.29 -27.51
CA PRO B 431 -16.69 -32.88 -26.56
C PRO B 431 -17.40 -31.87 -25.64
N ALA B 432 -18.60 -32.22 -25.21
CA ALA B 432 -19.43 -31.26 -24.51
C ALA B 432 -20.29 -31.95 -23.48
N PHE B 433 -20.56 -31.25 -22.40
CA PHE B 433 -21.67 -31.57 -21.54
C PHE B 433 -22.90 -30.83 -22.04
N ARG B 434 -24.00 -31.55 -22.17
CA ARG B 434 -25.22 -31.01 -22.72
C ARG B 434 -26.34 -31.27 -21.74
N TYR B 435 -27.24 -30.31 -21.64
CA TYR B 435 -28.52 -30.57 -21.01
C TYR B 435 -29.31 -31.53 -21.89
N GLN B 436 -30.14 -32.33 -21.25
CA GLN B 436 -30.96 -33.34 -21.89
C GLN B 436 -32.28 -33.36 -21.14
N PRO B 437 -33.35 -33.79 -21.79
CA PRO B 437 -34.65 -33.78 -21.13
C PRO B 437 -34.66 -34.71 -19.92
N ASP B 438 -35.51 -34.38 -18.96
CA ASP B 438 -35.71 -35.25 -17.83
C ASP B 438 -36.27 -36.58 -18.31
N PRO B 439 -35.83 -37.69 -17.75
CA PRO B 439 -36.18 -39.00 -18.33
C PRO B 439 -37.60 -39.46 -18.00
N TRP B 440 -38.40 -38.56 -17.44
CA TRP B 440 -39.80 -38.89 -17.19
C TRP B 440 -40.72 -37.96 -17.97
N LYS C 27 28.61 13.70 41.32
CA LYS C 27 29.81 13.17 40.68
C LYS C 27 29.45 11.95 39.86
N PHE C 28 28.19 11.56 39.94
CA PHE C 28 27.68 10.39 39.25
C PHE C 28 26.61 10.81 38.25
N PRO C 29 26.92 10.82 36.95
CA PRO C 29 26.02 11.42 35.95
C PRO C 29 24.63 10.82 35.99
N ARG C 30 23.64 11.66 36.21
CA ARG C 30 22.25 11.27 36.03
C ARG C 30 22.02 10.96 34.56
N VAL C 31 21.44 9.80 34.29
CA VAL C 31 21.16 9.34 32.93
C VAL C 31 19.69 8.98 32.85
N LYS C 32 19.01 9.58 31.88
CA LYS C 32 17.58 9.46 31.73
C LYS C 32 17.27 8.76 30.43
N ASN C 33 16.24 7.91 30.44
CA ASN C 33 15.61 7.42 29.21
C ASN C 33 14.35 8.23 29.00
N TRP C 34 14.25 8.86 27.84
CA TRP C 34 13.20 9.82 27.55
C TRP C 34 11.93 9.17 27.02
N GLU C 35 12.00 7.90 26.64
CA GLU C 35 10.83 7.16 26.23
C GLU C 35 10.02 6.71 27.44
N VAL C 36 10.71 6.25 28.49
CA VAL C 36 10.04 5.69 29.66
C VAL C 36 10.01 6.71 30.80
N GLY C 37 11.02 7.56 30.85
CA GLY C 37 11.16 8.49 31.97
C GLY C 37 11.96 7.94 33.12
N SER C 38 12.66 6.83 32.90
CA SER C 38 13.44 6.17 33.93
C SER C 38 14.81 6.84 34.08
N ILE C 39 15.32 6.82 35.30
CA ILE C 39 16.53 7.54 35.68
C ILE C 39 17.50 6.53 36.28
N THR C 40 18.75 6.54 35.79
CA THR C 40 19.85 5.81 36.41
C THR C 40 21.04 6.74 36.56
N TYR C 41 21.97 6.36 37.43
CA TYR C 41 23.24 7.05 37.59
C TYR C 41 24.37 6.14 37.15
N ASP C 42 25.28 6.66 36.35
CA ASP C 42 26.45 5.90 35.91
C ASP C 42 27.53 6.10 36.95
N THR C 43 27.64 5.14 37.88
CA THR C 43 28.75 5.16 38.82
C THR C 43 29.99 4.49 38.25
N LEU C 44 29.82 3.63 37.23
CA LEU C 44 30.99 2.99 36.62
C LEU C 44 31.91 4.01 35.98
N SER C 45 31.32 5.12 35.50
CA SER C 45 32.06 6.25 34.95
C SER C 45 33.22 6.69 35.83
N ALA C 46 33.16 6.38 37.14
CA ALA C 46 34.22 6.80 38.05
C ALA C 46 35.56 6.19 37.66
N GLN C 47 35.57 4.91 37.28
CA GLN C 47 36.83 4.23 36.95
C GLN C 47 37.42 4.67 35.62
N ALA C 48 36.94 5.70 34.93
CA ALA C 48 37.47 6.07 33.63
C ALA C 48 38.99 6.27 33.67
N GLN C 49 39.73 5.40 32.97
CA GLN C 49 41.18 5.50 32.91
C GLN C 49 41.62 6.54 31.89
N GLN C 50 41.87 6.12 30.66
CA GLN C 50 42.38 6.99 29.62
C GLN C 50 41.47 8.21 29.46
N ASP C 51 42.08 9.34 29.10
CA ASP C 51 41.33 10.58 28.94
C ASP C 51 40.70 10.64 27.55
N GLY C 52 39.40 10.94 27.50
CA GLY C 52 38.72 11.16 26.24
C GLY C 52 39.02 12.53 25.67
N PRO C 53 38.36 12.83 24.54
CA PRO C 53 38.65 14.06 23.81
C PRO C 53 37.91 15.30 24.29
N CYS C 54 36.97 15.14 25.21
CA CYS C 54 36.05 16.22 25.53
C CYS C 54 36.57 17.05 26.69
N THR C 55 36.26 18.34 26.65
CA THR C 55 36.57 19.25 27.74
C THR C 55 35.31 20.00 28.12
N PRO C 56 35.28 20.58 29.32
CA PRO C 56 34.09 21.37 29.72
C PRO C 56 33.71 22.44 28.70
N ARG C 57 34.65 22.88 27.86
CA ARG C 57 34.38 23.95 26.90
C ARG C 57 33.99 23.47 25.50
N ARG C 58 34.11 22.19 25.19
CA ARG C 58 33.76 21.71 23.86
C ARG C 58 33.62 20.20 23.90
N CYS C 59 32.61 19.68 23.22
CA CYS C 59 32.38 18.26 23.11
C CYS C 59 32.93 17.75 21.78
N LEU C 60 33.78 16.73 21.84
CA LEU C 60 34.31 16.13 20.63
C LEU C 60 33.78 14.73 20.39
N GLY C 61 32.66 14.38 21.03
CA GLY C 61 32.17 13.02 21.00
C GLY C 61 31.84 12.50 19.60
N SER C 62 31.56 13.39 18.64
CA SER C 62 31.23 12.94 17.31
C SER C 62 32.46 12.62 16.45
N LEU C 63 33.67 12.80 16.99
CA LEU C 63 34.89 12.55 16.22
C LEU C 63 35.20 11.06 16.21
N VAL C 64 35.42 10.50 15.02
CA VAL C 64 35.67 9.07 14.87
C VAL C 64 36.95 8.68 15.61
N PHE C 65 38.02 9.44 15.40
CA PHE C 65 39.25 9.27 16.17
C PHE C 65 39.46 10.48 17.06
N PRO C 66 39.20 10.36 18.38
CA PRO C 66 39.32 11.43 19.37
C PRO C 66 40.60 12.26 19.26
N PRO C 80 59.19 0.41 33.02
CA PRO C 80 57.86 0.93 33.35
C PRO C 80 57.25 0.25 34.59
N GLU C 81 57.34 0.91 35.74
CA GLU C 81 56.56 0.55 36.93
C GLU C 81 55.12 1.10 36.85
N GLN C 82 54.66 1.46 35.64
CA GLN C 82 53.25 1.72 35.42
C GLN C 82 52.63 0.81 34.37
N LEU C 83 53.42 -0.02 33.67
CA LEU C 83 52.88 -1.24 33.09
C LEU C 83 52.33 -2.14 34.19
N LEU C 84 52.98 -2.14 35.35
CA LEU C 84 52.52 -2.94 36.48
C LEU C 84 51.30 -2.33 37.15
N SER C 85 51.14 -1.01 37.12
CA SER C 85 49.91 -0.40 37.61
C SER C 85 48.71 -0.90 36.81
N GLN C 86 48.82 -0.88 35.47
CA GLN C 86 47.79 -1.48 34.62
C GLN C 86 47.67 -2.98 34.84
N ALA C 87 48.79 -3.65 35.16
CA ALA C 87 48.75 -5.08 35.45
C ALA C 87 48.03 -5.35 36.77
N ARG C 88 48.38 -4.61 37.82
CA ARG C 88 47.69 -4.77 39.10
C ARG C 88 46.19 -4.62 38.91
N ASP C 89 45.76 -3.51 38.29
CA ASP C 89 44.34 -3.26 38.06
C ASP C 89 43.67 -4.44 37.38
N PHE C 90 44.24 -4.89 36.26
CA PHE C 90 43.58 -5.93 35.48
C PHE C 90 43.48 -7.21 36.30
N ILE C 91 44.54 -7.56 37.02
CA ILE C 91 44.51 -8.74 37.89
C ILE C 91 43.45 -8.58 38.97
N ASN C 92 43.37 -7.39 39.56
CA ASN C 92 42.34 -7.12 40.56
C ASN C 92 40.95 -7.24 39.95
N GLN C 93 40.77 -6.76 38.71
CA GLN C 93 39.52 -6.97 38.01
C GLN C 93 39.19 -8.46 37.93
N TYR C 94 40.10 -9.24 37.35
CA TYR C 94 39.85 -10.66 37.10
C TYR C 94 39.40 -11.38 38.37
N TYR C 95 40.14 -11.20 39.47
CA TYR C 95 39.81 -11.94 40.68
C TYR C 95 38.54 -11.42 41.34
N SER C 96 38.18 -10.16 41.10
CA SER C 96 36.89 -9.70 41.58
C SER C 96 35.76 -10.23 40.71
N SER C 97 36.03 -10.43 39.42
CA SER C 97 35.04 -11.04 38.52
C SER C 97 34.69 -12.47 38.94
N ILE C 98 35.65 -13.22 39.48
CA ILE C 98 35.40 -14.59 39.88
C ILE C 98 35.28 -14.72 41.40
N LYS C 99 34.95 -13.62 42.09
CA LYS C 99 34.70 -13.62 43.54
C LYS C 99 35.93 -14.10 44.32
N ARG C 100 37.11 -13.62 43.93
CA ARG C 100 38.35 -14.02 44.56
C ARG C 100 39.18 -12.81 44.98
N SER C 101 38.51 -11.78 45.48
CA SER C 101 39.21 -10.60 45.99
C SER C 101 39.74 -10.89 47.38
N GLY C 102 41.03 -10.60 47.59
CA GLY C 102 41.68 -10.83 48.86
C GLY C 102 41.68 -12.29 49.27
N SER C 103 42.59 -13.08 48.71
CA SER C 103 42.58 -14.52 48.94
C SER C 103 43.82 -15.15 48.30
N GLN C 104 43.96 -16.45 48.55
CA GLN C 104 44.82 -17.44 47.93
C GLN C 104 45.54 -16.95 46.65
N ALA C 105 44.94 -17.13 45.48
CA ALA C 105 45.68 -16.99 44.23
C ALA C 105 45.75 -15.55 43.77
N HIS C 106 44.87 -14.70 44.27
CA HIS C 106 44.90 -13.28 43.93
C HIS C 106 46.22 -12.65 44.35
N GLU C 107 46.51 -12.68 45.65
CA GLU C 107 47.78 -12.16 46.13
C GLU C 107 48.95 -12.90 45.48
N GLN C 108 48.83 -14.22 45.33
CA GLN C 108 49.85 -15.03 44.68
C GLN C 108 50.13 -14.54 43.26
N ARG C 109 49.07 -14.45 42.43
CA ARG C 109 49.22 -14.00 41.05
C ARG C 109 49.75 -12.57 40.97
N LEU C 110 49.48 -11.75 41.98
CA LEU C 110 50.06 -10.41 42.01
C LEU C 110 51.57 -10.47 42.15
N GLN C 111 52.08 -11.39 42.96
CA GLN C 111 53.52 -11.48 43.18
C GLN C 111 54.25 -11.89 41.91
N GLU C 112 53.75 -12.91 41.22
CA GLU C 112 54.46 -13.42 40.05
C GLU C 112 54.47 -12.42 38.89
N VAL C 113 53.40 -11.65 38.69
CA VAL C 113 53.49 -10.58 37.68
C VAL C 113 54.46 -9.50 38.14
N GLU C 114 54.42 -9.14 39.43
CA GLU C 114 55.49 -8.32 39.99
C GLU C 114 56.86 -8.88 39.62
N ALA C 115 57.08 -10.17 39.90
CA ALA C 115 58.36 -10.79 39.63
C ALA C 115 58.62 -10.90 38.13
N GLU C 116 57.59 -11.23 37.34
CA GLU C 116 57.77 -11.33 35.89
C GLU C 116 58.25 -10.02 35.29
N VAL C 117 57.56 -8.91 35.62
CA VAL C 117 58.00 -7.61 35.15
C VAL C 117 59.35 -7.25 35.75
N ALA C 118 59.51 -7.45 37.07
CA ALA C 118 60.81 -7.25 37.70
C ALA C 118 61.92 -7.95 36.90
N ALA C 119 61.73 -9.23 36.62
CA ALA C 119 62.74 -9.98 35.86
C ALA C 119 62.81 -9.51 34.42
N THR C 120 61.68 -9.54 33.69
CA THR C 120 61.68 -9.39 32.24
C THR C 120 61.25 -8.03 31.75
N GLY C 121 60.59 -7.22 32.59
CA GLY C 121 60.08 -5.95 32.11
C GLY C 121 58.79 -6.07 31.34
N THR C 122 58.02 -7.13 31.59
CA THR C 122 56.78 -7.45 30.89
C THR C 122 56.20 -8.66 31.57
N TYR C 123 55.13 -9.23 31.03
CA TYR C 123 54.58 -10.45 31.62
C TYR C 123 53.69 -11.13 30.60
N GLN C 124 53.52 -12.44 30.81
CA GLN C 124 52.59 -13.25 30.04
C GLN C 124 51.31 -13.42 30.84
N LEU C 125 50.17 -13.29 30.17
CA LEU C 125 48.88 -13.55 30.77
C LEU C 125 48.61 -15.04 30.87
N ARG C 126 48.05 -15.47 32.00
CA ARG C 126 47.39 -16.77 32.07
C ARG C 126 46.26 -16.84 31.04
N GLU C 127 46.07 -18.02 30.45
CA GLU C 127 45.04 -18.20 29.43
C GLU C 127 43.68 -17.73 29.93
N SER C 128 43.35 -18.02 31.19
CA SER C 128 42.08 -17.58 31.74
C SER C 128 42.00 -16.06 31.85
N GLU C 129 43.13 -15.41 32.12
CA GLU C 129 43.15 -13.95 32.14
C GLU C 129 43.05 -13.39 30.73
N LEU C 130 43.74 -14.02 29.78
CA LEU C 130 43.63 -13.56 28.39
C LEU C 130 42.21 -13.72 27.89
N VAL C 131 41.55 -14.80 28.28
CA VAL C 131 40.12 -14.99 28.00
C VAL C 131 39.31 -13.86 28.64
N PHE C 132 39.53 -13.63 29.92
CA PHE C 132 38.72 -12.63 30.62
C PHE C 132 38.97 -11.23 30.06
N GLY C 133 40.21 -10.94 29.65
CA GLY C 133 40.51 -9.61 29.13
C GLY C 133 39.91 -9.37 27.75
N ALA C 134 39.90 -10.39 26.90
CA ALA C 134 39.27 -10.21 25.59
C ALA C 134 37.79 -9.93 25.75
N LYS C 135 37.10 -10.75 26.55
CA LYS C 135 35.69 -10.51 26.83
C LYS C 135 35.45 -9.12 27.39
N GLN C 136 36.31 -8.68 28.32
CA GLN C 136 36.11 -7.38 28.94
C GLN C 136 36.32 -6.25 27.93
N ALA C 137 37.38 -6.34 27.12
CA ALA C 137 37.64 -5.33 26.09
C ALA C 137 36.47 -5.21 25.10
N TRP C 138 35.80 -6.31 24.79
CA TRP C 138 34.56 -6.19 24.02
C TRP C 138 33.47 -5.54 24.85
N ARG C 139 33.33 -5.99 26.11
CA ARG C 139 32.32 -5.42 27.00
C ARG C 139 32.51 -3.92 27.23
N ASN C 140 33.74 -3.45 27.09
CA ASN C 140 34.06 -2.04 27.30
C ASN C 140 34.10 -1.22 26.02
N ALA C 141 33.81 -1.83 24.86
CA ALA C 141 33.82 -1.13 23.58
C ALA C 141 32.62 -0.17 23.48
N PRO C 142 32.81 1.13 23.67
CA PRO C 142 31.63 2.02 23.76
C PRO C 142 30.79 2.04 22.50
N ARG C 143 31.40 1.87 21.32
CA ARG C 143 30.69 2.00 20.06
C ARG C 143 30.02 0.71 19.62
N CYS C 144 30.23 -0.40 20.33
CA CYS C 144 29.70 -1.69 19.88
C CYS C 144 28.28 -1.89 20.40
N VAL C 145 27.33 -2.06 19.49
CA VAL C 145 25.94 -2.25 19.89
C VAL C 145 25.63 -3.72 20.21
N GLY C 146 26.54 -4.63 19.89
CA GLY C 146 26.28 -6.04 20.10
C GLY C 146 26.78 -6.60 21.42
N ARG C 147 26.98 -5.75 22.42
CA ARG C 147 27.64 -6.22 23.63
C ARG C 147 26.76 -7.09 24.51
N ILE C 148 25.46 -7.26 24.18
CA ILE C 148 24.65 -8.25 24.91
C ILE C 148 25.27 -9.63 24.78
N GLN C 149 26.11 -9.85 23.78
CA GLN C 149 26.80 -11.11 23.52
C GLN C 149 28.19 -11.18 24.15
N TRP C 150 28.60 -10.15 24.89
CA TRP C 150 30.02 -10.04 25.28
C TRP C 150 30.49 -11.28 26.01
N GLY C 151 29.63 -11.91 26.82
CA GLY C 151 30.05 -13.08 27.57
C GLY C 151 30.29 -14.31 26.73
N LYS C 152 29.67 -14.38 25.55
CA LYS C 152 29.76 -15.52 24.65
C LYS C 152 30.83 -15.18 23.61
N LEU C 153 32.08 -15.55 23.89
CA LEU C 153 33.18 -15.23 23.00
C LEU C 153 34.25 -16.32 23.09
N GLN C 154 34.64 -16.82 21.92
CA GLN C 154 35.64 -17.87 21.82
C GLN C 154 37.00 -17.23 21.58
N VAL C 155 37.95 -17.51 22.46
CA VAL C 155 39.28 -16.87 22.42
C VAL C 155 40.31 -17.92 22.00
N PHE C 156 40.92 -17.72 20.84
CA PHE C 156 41.96 -18.60 20.33
C PHE C 156 43.31 -18.00 20.68
N ASP C 157 44.08 -18.72 21.49
CA ASP C 157 45.37 -18.22 21.94
C ASP C 157 46.40 -18.52 20.86
N ALA C 158 46.84 -17.48 20.17
CA ALA C 158 47.85 -17.60 19.14
C ALA C 158 49.15 -16.95 19.59
N ARG C 159 49.36 -16.87 20.91
CA ARG C 159 50.54 -16.21 21.45
C ARG C 159 51.83 -16.95 21.09
N ASP C 160 51.74 -18.25 20.82
CA ASP C 160 52.91 -19.01 20.36
C ASP C 160 52.92 -19.02 18.83
N CYS C 161 53.21 -17.85 18.28
CA CYS C 161 53.22 -17.67 16.83
C CYS C 161 54.52 -17.04 16.38
N ARG C 162 54.86 -17.28 15.11
CA ARG C 162 55.92 -16.60 14.37
C ARG C 162 55.85 -17.06 12.92
N SER C 163 56.24 -16.16 12.01
CA SER C 163 56.06 -16.25 10.56
C SER C 163 54.61 -16.00 10.14
N ALA C 164 54.44 -15.27 9.04
CA ALA C 164 53.10 -15.00 8.52
C ALA C 164 52.40 -16.27 8.06
N GLN C 165 53.18 -17.29 7.67
CA GLN C 165 52.58 -18.57 7.33
C GLN C 165 51.79 -19.14 8.51
N GLU C 166 52.33 -19.00 9.72
CA GLU C 166 51.62 -19.45 10.91
C GLU C 166 50.34 -18.67 11.11
N MET C 167 50.42 -17.34 11.06
CA MET C 167 49.25 -16.50 11.20
C MET C 167 48.13 -16.96 10.28
N PHE C 168 48.48 -17.27 9.03
CA PHE C 168 47.47 -17.57 8.02
C PHE C 168 46.56 -18.71 8.47
N THR C 169 47.14 -19.83 8.93
CA THR C 169 46.28 -20.92 9.38
C THR C 169 45.55 -20.57 10.68
N TYR C 170 46.16 -19.75 11.54
CA TYR C 170 45.42 -19.21 12.68
C TYR C 170 44.23 -18.41 12.22
N ILE C 171 44.46 -17.44 11.34
CA ILE C 171 43.37 -16.66 10.78
C ILE C 171 42.37 -17.57 10.10
N CYS C 172 42.87 -18.57 9.39
CA CYS C 172 41.98 -19.51 8.70
C CYS C 172 41.22 -20.40 9.68
N ASN C 173 41.84 -20.77 10.81
CA ASN C 173 41.09 -21.50 11.82
C ASN C 173 39.97 -20.63 12.37
N HIS C 174 40.29 -19.36 12.64
CA HIS C 174 39.30 -18.39 13.11
C HIS C 174 38.16 -18.22 12.10
N ILE C 175 38.50 -17.84 10.86
CA ILE C 175 37.48 -17.59 9.84
C ILE C 175 36.55 -18.79 9.72
N LYS C 176 37.12 -19.99 9.64
CA LYS C 176 36.29 -21.19 9.52
C LYS C 176 35.47 -21.43 10.78
N TYR C 177 36.10 -21.32 11.96
CA TYR C 177 35.36 -21.49 13.21
C TYR C 177 34.29 -20.42 13.35
N ALA C 178 34.65 -19.17 13.08
CA ALA C 178 33.69 -18.09 13.19
C ALA C 178 32.56 -18.27 12.20
N THR C 179 32.89 -18.55 10.92
CA THR C 179 31.86 -18.65 9.90
C THR C 179 30.91 -19.81 10.18
N ASN C 180 31.45 -21.01 10.37
CA ASN C 180 30.67 -22.14 10.86
C ASN C 180 29.46 -22.39 9.97
N ARG C 181 29.69 -22.37 8.66
CA ARG C 181 28.67 -22.63 7.65
C ARG C 181 27.56 -21.56 7.62
N GLY C 182 27.77 -20.43 8.28
CA GLY C 182 26.78 -19.38 8.35
C GLY C 182 26.15 -19.19 9.71
N ASN C 183 26.27 -20.17 10.60
CA ASN C 183 25.86 -19.97 11.99
C ASN C 183 27.06 -19.36 12.70
N LEU C 184 27.14 -18.04 12.67
CA LEU C 184 28.37 -17.35 13.07
C LEU C 184 28.57 -17.38 14.59
N ARG C 185 29.84 -17.37 14.98
CA ARG C 185 30.21 -17.45 16.39
C ARG C 185 31.25 -16.39 16.71
N SER C 186 31.02 -15.64 17.79
CA SER C 186 31.97 -14.59 18.19
C SER C 186 33.33 -15.20 18.47
N ALA C 187 34.36 -14.61 17.89
CA ALA C 187 35.68 -15.19 18.04
C ALA C 187 36.75 -14.12 17.90
N ILE C 188 37.84 -14.32 18.61
CA ILE C 188 39.00 -13.45 18.55
C ILE C 188 40.25 -14.31 18.63
N THR C 189 41.17 -14.12 17.71
CA THR C 189 42.45 -14.80 17.76
C THR C 189 43.48 -13.79 18.24
N VAL C 190 44.25 -14.17 19.26
CA VAL C 190 45.18 -13.27 19.92
C VAL C 190 46.60 -13.71 19.56
N PHE C 191 47.24 -12.96 18.67
CA PHE C 191 48.61 -13.21 18.32
C PHE C 191 49.51 -12.64 19.41
N PRO C 192 50.83 -12.91 19.36
CA PRO C 192 51.70 -12.55 20.49
C PRO C 192 51.64 -11.07 20.86
N GLN C 193 51.82 -10.81 22.15
CA GLN C 193 51.89 -9.43 22.59
C GLN C 193 53.16 -8.77 22.06
N ARG C 194 53.09 -7.45 21.93
CA ARG C 194 54.25 -6.67 21.53
C ARG C 194 55.27 -6.64 22.67
N CYS C 195 56.55 -6.59 22.30
CA CYS C 195 57.61 -6.39 23.27
C CYS C 195 58.64 -5.46 22.68
N PRO C 196 59.26 -4.61 23.50
CA PRO C 196 60.22 -3.64 22.96
C PRO C 196 61.42 -4.33 22.32
N GLY C 197 62.15 -3.56 21.53
CA GLY C 197 63.33 -4.08 20.84
C GLY C 197 63.03 -5.27 19.96
N ARG C 198 61.80 -5.39 19.48
CA ARG C 198 61.37 -6.50 18.65
C ARG C 198 60.23 -6.01 17.77
N GLY C 199 60.06 -6.67 16.62
CA GLY C 199 59.01 -6.30 15.70
C GLY C 199 57.59 -6.45 16.24
N ASP C 200 56.62 -6.47 15.34
CA ASP C 200 55.23 -6.52 15.74
C ASP C 200 54.44 -7.38 14.76
N PHE C 201 53.57 -8.22 15.31
CA PHE C 201 52.56 -8.86 14.49
C PHE C 201 51.51 -7.84 14.08
N ARG C 202 51.20 -7.80 12.78
CA ARG C 202 50.21 -6.89 12.24
C ARG C 202 49.52 -7.54 11.05
N ILE C 203 48.20 -7.38 11.01
CA ILE C 203 47.42 -7.66 9.81
C ILE C 203 47.18 -6.32 9.13
N TRP C 204 47.63 -6.19 7.90
CA TRP C 204 47.54 -4.91 7.20
C TRP C 204 46.12 -4.60 6.72
N ASN C 205 45.28 -5.61 6.55
CA ASN C 205 43.90 -5.39 6.17
C ASN C 205 43.11 -4.91 7.39
N SER C 206 42.18 -3.98 7.14
CA SER C 206 41.28 -3.55 8.22
C SER C 206 40.37 -4.68 8.66
N GLN C 207 39.95 -5.52 7.72
CA GLN C 207 39.13 -6.68 8.02
C GLN C 207 39.77 -7.89 7.37
N LEU C 208 39.39 -9.08 7.85
CA LEU C 208 39.90 -10.29 7.21
C LEU C 208 39.29 -10.47 5.83
N VAL C 209 38.03 -10.07 5.65
CA VAL C 209 37.38 -10.05 4.35
C VAL C 209 37.17 -8.59 3.96
N ARG C 210 37.73 -8.19 2.83
CA ARG C 210 37.55 -6.85 2.27
C ARG C 210 37.51 -6.97 0.75
N TYR C 211 36.70 -6.12 0.12
CA TYR C 211 36.56 -6.12 -1.32
C TYR C 211 37.51 -5.12 -1.96
N ALA C 212 37.99 -5.47 -3.15
CA ALA C 212 39.00 -4.63 -3.78
C ALA C 212 38.41 -3.27 -4.17
N GLY C 213 39.30 -2.30 -4.35
CA GLY C 213 38.96 -1.00 -4.89
C GLY C 213 39.95 -0.57 -5.96
N TYR C 214 39.54 -0.68 -7.23
CA TYR C 214 40.42 -0.43 -8.37
C TYR C 214 40.17 0.97 -8.90
N ARG C 215 41.21 1.80 -8.93
CA ARG C 215 41.07 3.12 -9.54
C ARG C 215 40.93 2.98 -11.05
N GLN C 216 40.49 4.07 -11.69
CA GLN C 216 40.26 4.07 -13.13
C GLN C 216 41.07 5.18 -13.80
N GLN C 217 41.18 5.06 -15.13
CA GLN C 217 41.75 6.11 -15.97
C GLN C 217 40.79 7.28 -16.19
N ASP C 218 39.73 7.24 -15.38
CA ASP C 218 38.86 8.39 -15.17
C ASP C 218 38.75 8.76 -13.69
N GLY C 219 39.54 8.12 -12.83
CA GLY C 219 39.60 8.51 -11.44
C GLY C 219 38.77 7.69 -10.47
N SER C 220 37.51 7.42 -10.82
CA SER C 220 36.60 6.75 -9.91
C SER C 220 37.05 5.31 -9.66
N VAL C 221 36.29 4.61 -8.83
CA VAL C 221 36.68 3.31 -8.29
C VAL C 221 35.70 2.26 -8.76
N ARG C 222 36.23 1.12 -9.20
CA ARG C 222 35.49 -0.13 -9.31
C ARG C 222 35.77 -0.95 -8.07
N GLY C 223 34.70 -1.40 -7.41
CA GLY C 223 34.86 -2.09 -6.13
C GLY C 223 34.64 -1.17 -4.93
N ASP C 224 35.28 -1.50 -3.81
CA ASP C 224 35.04 -0.77 -2.58
C ASP C 224 35.99 0.42 -2.47
N PRO C 225 35.48 1.65 -2.48
CA PRO C 225 36.38 2.81 -2.29
C PRO C 225 37.08 2.81 -0.95
N ALA C 226 36.50 2.23 0.09
CA ALA C 226 37.18 2.18 1.38
C ALA C 226 38.47 1.36 1.34
N ASN C 227 38.64 0.49 0.34
CA ASN C 227 39.81 -0.38 0.25
C ASN C 227 40.64 -0.10 -0.99
N VAL C 228 40.66 1.16 -1.44
CA VAL C 228 41.52 1.55 -2.55
C VAL C 228 42.99 1.43 -2.14
N GLU C 229 43.29 1.76 -0.89
CA GLU C 229 44.68 1.85 -0.45
C GLU C 229 45.28 0.46 -0.22
N ILE C 230 44.54 -0.42 0.45
CA ILE C 230 45.06 -1.77 0.65
C ILE C 230 45.12 -2.52 -0.68
N THR C 231 44.16 -2.26 -1.58
CA THR C 231 44.17 -2.87 -2.90
C THR C 231 45.44 -2.51 -3.66
N GLU C 232 45.85 -1.24 -3.58
CA GLU C 232 47.10 -0.85 -4.24
C GLU C 232 48.31 -1.46 -3.56
N LEU C 233 48.21 -1.78 -2.26
CA LEU C 233 49.30 -2.46 -1.59
C LEU C 233 49.35 -3.93 -1.97
N CYS C 234 48.19 -4.60 -1.97
CA CYS C 234 48.14 -5.99 -2.39
C CYS C 234 48.69 -6.16 -3.81
N ILE C 235 48.30 -5.27 -4.72
CA ILE C 235 48.82 -5.33 -6.08
C ILE C 235 50.31 -5.05 -6.08
N GLN C 236 50.74 -4.07 -5.28
CA GLN C 236 52.16 -3.77 -5.15
C GLN C 236 52.95 -4.99 -4.69
N HIS C 237 52.34 -5.85 -3.87
CA HIS C 237 52.99 -7.04 -3.34
C HIS C 237 52.74 -8.28 -4.18
N GLY C 238 52.36 -8.11 -5.45
CA GLY C 238 52.31 -9.20 -6.38
C GLY C 238 50.95 -9.80 -6.66
N TRP C 239 49.87 -9.21 -6.17
CA TRP C 239 48.55 -9.77 -6.38
C TRP C 239 48.05 -9.44 -7.77
N THR C 240 47.55 -10.46 -8.47
CA THR C 240 46.88 -10.26 -9.74
C THR C 240 45.50 -9.67 -9.47
N PRO C 241 45.25 -8.43 -9.91
CA PRO C 241 43.94 -7.82 -9.65
C PRO C 241 42.85 -8.43 -10.50
N GLY C 242 41.70 -8.69 -9.86
CA GLY C 242 40.53 -9.09 -10.59
C GLY C 242 39.94 -7.92 -11.36
N ASN C 243 38.77 -8.16 -11.94
CA ASN C 243 38.06 -7.13 -12.68
C ASN C 243 36.89 -6.55 -11.92
N GLY C 244 36.33 -7.28 -10.95
CA GLY C 244 34.97 -7.04 -10.49
C GLY C 244 34.84 -6.03 -9.36
N ARG C 245 33.58 -5.79 -9.00
CA ARG C 245 33.24 -4.93 -7.88
C ARG C 245 33.31 -5.64 -6.54
N PHE C 246 33.37 -6.96 -6.53
CA PHE C 246 33.30 -7.72 -5.28
C PHE C 246 34.39 -8.78 -5.23
N ASP C 247 35.61 -8.38 -5.61
CA ASP C 247 36.76 -9.26 -5.49
C ASP C 247 37.24 -9.27 -4.04
N VAL C 248 37.29 -10.46 -3.44
CA VAL C 248 37.82 -10.61 -2.10
C VAL C 248 39.31 -10.35 -2.13
N LEU C 249 39.76 -9.35 -1.38
CA LEU C 249 41.18 -9.03 -1.35
C LEU C 249 41.99 -10.18 -0.74
N PRO C 250 43.24 -10.31 -1.14
CA PRO C 250 44.14 -11.20 -0.41
C PRO C 250 44.47 -10.61 0.95
N LEU C 251 45.22 -11.33 1.77
CA LEU C 251 45.66 -10.84 3.07
C LEU C 251 47.12 -10.41 2.98
N LEU C 252 47.46 -9.35 3.70
CA LEU C 252 48.84 -8.92 3.87
C LEU C 252 49.21 -9.11 5.33
N LEU C 253 49.88 -10.22 5.62
CA LEU C 253 50.21 -10.62 6.98
C LEU C 253 51.67 -10.33 7.28
N GLN C 254 51.91 -9.59 8.36
CA GLN C 254 53.22 -9.04 8.69
C GLN C 254 53.79 -9.78 9.89
N ALA C 255 54.87 -10.54 9.66
CA ALA C 255 55.61 -11.13 10.75
C ALA C 255 56.57 -10.09 11.34
N PRO C 256 56.96 -10.24 12.61
CA PRO C 256 57.83 -9.23 13.23
C PRO C 256 59.12 -9.01 12.44
N ASP C 257 59.44 -7.74 12.21
CA ASP C 257 60.70 -7.29 11.62
C ASP C 257 60.93 -7.80 10.21
N GLU C 258 59.93 -8.42 9.59
CA GLU C 258 60.01 -8.85 8.20
C GLU C 258 58.82 -8.26 7.44
N PRO C 259 58.96 -8.05 6.13
CA PRO C 259 57.90 -7.37 5.37
C PRO C 259 56.67 -8.26 5.25
N PRO C 260 55.52 -7.70 4.87
CA PRO C 260 54.29 -8.50 4.77
C PRO C 260 54.40 -9.57 3.69
N GLU C 261 53.44 -10.49 3.71
CA GLU C 261 53.35 -11.58 2.76
C GLU C 261 51.92 -11.71 2.26
N LEU C 262 51.75 -11.77 0.94
CA LEU C 262 50.44 -12.02 0.36
C LEU C 262 49.92 -13.40 0.73
N PHE C 263 48.60 -13.50 0.92
CA PHE C 263 47.94 -14.78 1.19
C PHE C 263 46.59 -14.78 0.50
N LEU C 264 46.44 -15.63 -0.52
CA LEU C 264 45.15 -15.83 -1.17
C LEU C 264 44.23 -16.61 -0.24
N LEU C 265 43.13 -15.99 0.17
CA LEU C 265 42.19 -16.70 1.04
C LEU C 265 41.56 -17.85 0.27
N PRO C 266 41.41 -19.02 0.88
CA PRO C 266 40.70 -20.13 0.23
C PRO C 266 39.25 -19.76 -0.04
N PRO C 267 38.83 -19.81 -1.31
CA PRO C 267 37.48 -19.31 -1.65
C PRO C 267 36.35 -19.96 -0.86
N GLU C 268 36.38 -21.28 -0.69
CA GLU C 268 35.33 -21.94 0.10
C GLU C 268 35.33 -21.49 1.56
N LEU C 269 36.40 -20.83 2.01
CA LEU C 269 36.47 -20.34 3.38
C LEU C 269 35.82 -18.98 3.55
N VAL C 270 35.67 -18.21 2.46
CA VAL C 270 35.10 -16.87 2.53
C VAL C 270 33.64 -16.97 2.14
N LEU C 271 32.75 -17.05 3.13
CA LEU C 271 31.34 -17.18 2.84
C LEU C 271 30.75 -15.83 2.45
N GLU C 272 30.08 -15.80 1.30
CA GLU C 272 29.45 -14.58 0.81
C GLU C 272 27.99 -14.86 0.52
N VAL C 273 27.22 -13.78 0.53
CA VAL C 273 25.78 -13.85 0.39
C VAL C 273 25.39 -13.00 -0.81
N PRO C 274 24.93 -13.60 -1.90
CA PRO C 274 24.44 -12.79 -3.02
C PRO C 274 23.17 -12.07 -2.59
N LEU C 275 23.09 -10.79 -2.92
CA LEU C 275 22.00 -9.98 -2.41
C LEU C 275 20.82 -10.09 -3.36
N GLU C 276 19.67 -10.42 -2.80
CA GLU C 276 18.43 -10.47 -3.56
C GLU C 276 17.33 -9.90 -2.69
N HIS C 277 16.31 -9.41 -3.33
CA HIS C 277 15.25 -8.82 -2.54
C HIS C 277 14.03 -9.73 -2.61
N PRO C 278 13.29 -9.92 -1.52
CA PRO C 278 12.15 -10.85 -1.57
C PRO C 278 11.16 -10.58 -2.70
N THR C 279 10.81 -9.31 -2.94
CA THR C 279 9.79 -9.01 -3.94
C THR C 279 10.29 -8.21 -5.14
N LEU C 280 11.48 -7.62 -5.07
CA LEU C 280 12.05 -6.85 -6.18
C LEU C 280 12.94 -7.79 -6.98
N GLU C 281 12.34 -8.46 -7.97
CA GLU C 281 13.02 -9.53 -8.67
C GLU C 281 14.31 -9.05 -9.32
N TRP C 282 14.33 -7.80 -9.81
CA TRP C 282 15.52 -7.28 -10.47
C TRP C 282 16.69 -7.02 -9.52
N PHE C 283 16.44 -6.98 -8.20
CA PHE C 283 17.52 -6.62 -7.28
C PHE C 283 18.69 -7.58 -7.42
N ALA C 284 18.39 -8.88 -7.56
CA ALA C 284 19.41 -9.90 -7.78
C ALA C 284 20.30 -9.58 -8.98
N ALA C 285 19.69 -9.09 -10.07
CA ALA C 285 20.44 -8.79 -11.29
C ALA C 285 21.45 -7.68 -11.09
N LEU C 286 21.26 -6.82 -10.09
CA LEU C 286 22.26 -5.81 -9.76
C LEU C 286 23.59 -6.42 -9.36
N GLY C 287 23.62 -7.73 -9.11
CA GLY C 287 24.88 -8.41 -8.85
C GLY C 287 25.56 -8.02 -7.55
N LEU C 288 24.79 -7.56 -6.57
CA LEU C 288 25.38 -7.12 -5.31
C LEU C 288 25.63 -8.32 -4.41
N ARG C 289 26.77 -8.30 -3.71
CA ARG C 289 27.12 -9.32 -2.75
C ARG C 289 27.66 -8.64 -1.49
N TRP C 290 27.61 -9.38 -0.38
CA TRP C 290 28.42 -9.03 0.78
C TRP C 290 28.85 -10.32 1.46
N TYR C 291 29.85 -10.20 2.33
CA TYR C 291 30.45 -11.39 2.94
C TYR C 291 29.88 -11.63 4.33
N ALA C 292 29.87 -12.90 4.74
CA ALA C 292 29.23 -13.33 5.98
C ALA C 292 29.90 -12.73 7.20
N LEU C 293 31.24 -12.67 7.21
CA LEU C 293 31.98 -12.53 8.45
C LEU C 293 32.56 -11.15 8.65
N PRO C 294 32.07 -10.35 9.60
CA PRO C 294 32.75 -9.10 9.96
C PRO C 294 33.89 -9.36 10.94
N ALA C 295 35.12 -9.25 10.46
CA ALA C 295 36.29 -9.70 11.19
C ALA C 295 37.34 -8.60 11.13
N VAL C 296 37.26 -7.66 12.07
CA VAL C 296 38.13 -6.51 12.10
C VAL C 296 39.52 -6.94 12.54
N SER C 297 40.53 -6.58 11.76
CA SER C 297 41.88 -7.11 11.92
C SER C 297 42.94 -6.02 12.00
N ASN C 298 42.57 -4.81 12.41
CA ASN C 298 43.56 -3.75 12.53
C ASN C 298 43.50 -3.03 13.86
N MET C 299 42.74 -3.55 14.82
CA MET C 299 42.64 -2.90 16.12
C MET C 299 43.59 -3.57 17.11
N LEU C 300 44.01 -2.79 18.08
CA LEU C 300 44.99 -3.22 19.06
C LEU C 300 44.26 -3.61 20.34
N LEU C 301 44.38 -4.87 20.73
CA LEU C 301 43.88 -5.34 22.01
C LEU C 301 44.83 -4.92 23.12
N GLU C 302 44.28 -4.25 24.13
CA GLU C 302 45.06 -3.80 25.28
C GLU C 302 44.50 -4.47 26.52
N ILE C 303 45.29 -5.33 27.16
CA ILE C 303 44.88 -6.01 28.37
C ILE C 303 45.96 -5.85 29.43
N GLY C 304 45.57 -5.36 30.61
CA GLY C 304 46.45 -5.28 31.75
C GLY C 304 47.80 -4.63 31.49
N GLY C 305 47.86 -3.77 30.49
CA GLY C 305 49.10 -3.13 30.11
C GLY C 305 49.81 -3.79 28.95
N LEU C 306 49.32 -4.93 28.48
CA LEU C 306 49.89 -5.60 27.32
C LEU C 306 49.12 -5.22 26.07
N GLU C 307 49.85 -5.05 24.97
CA GLU C 307 49.29 -4.59 23.72
C GLU C 307 49.41 -5.69 22.67
N PHE C 308 48.31 -5.99 22.01
CA PHE C 308 48.28 -7.03 20.99
C PHE C 308 47.92 -6.37 19.66
N PRO C 309 48.91 -5.87 18.92
CA PRO C 309 48.61 -5.19 17.65
C PRO C 309 47.94 -6.08 16.61
N ALA C 310 47.97 -7.40 16.78
CA ALA C 310 47.26 -8.34 15.92
C ALA C 310 46.42 -9.23 16.81
N ALA C 311 45.11 -8.95 16.87
CA ALA C 311 44.16 -9.75 17.62
C ALA C 311 42.79 -9.61 16.97
N PRO C 312 42.62 -10.17 15.78
CA PRO C 312 41.38 -9.95 15.03
C PRO C 312 40.20 -10.57 15.74
N PHE C 313 39.10 -9.84 15.77
CA PHE C 313 37.86 -10.34 16.36
C PHE C 313 36.75 -10.28 15.33
N SER C 314 35.78 -11.16 15.50
CA SER C 314 34.70 -11.27 14.57
C SER C 314 33.43 -11.58 15.35
N GLY C 315 32.31 -11.18 14.78
CA GLY C 315 31.03 -11.48 15.36
C GLY C 315 30.08 -11.76 14.23
N TRP C 316 28.95 -11.08 14.20
CA TRP C 316 28.09 -11.16 13.03
C TRP C 316 27.60 -9.76 12.72
N TYR C 317 27.15 -9.57 11.50
CA TYR C 317 26.76 -8.25 11.03
C TYR C 317 25.43 -7.82 11.63
N MET C 318 25.29 -6.50 11.76
CA MET C 318 23.99 -5.87 11.86
C MET C 318 23.64 -5.38 10.46
N SER C 319 22.40 -5.59 10.04
CA SER C 319 22.09 -5.38 8.63
C SER C 319 22.35 -3.94 8.17
N THR C 320 22.22 -2.94 9.05
CA THR C 320 22.46 -1.57 8.62
C THR C 320 23.93 -1.34 8.26
N GLU C 321 24.86 -2.07 8.89
CA GLU C 321 26.27 -1.96 8.51
C GLU C 321 26.48 -2.26 7.04
N ILE C 322 25.86 -3.34 6.56
CA ILE C 322 25.97 -3.70 5.15
C ILE C 322 25.06 -2.82 4.31
N GLY C 323 23.76 -2.86 4.61
CA GLY C 323 22.79 -2.24 3.71
C GLY C 323 22.87 -0.74 3.69
N THR C 324 23.08 -0.12 4.85
CA THR C 324 23.08 1.34 4.87
C THR C 324 24.47 1.93 4.66
N ARG C 325 25.47 1.48 5.42
CA ARG C 325 26.77 2.13 5.34
C ARG C 325 27.60 1.61 4.18
N ASN C 326 27.74 0.29 4.05
CA ASN C 326 28.64 -0.25 3.04
C ASN C 326 28.11 -0.06 1.64
N LEU C 327 26.81 -0.26 1.44
CA LEU C 327 26.24 -0.15 0.12
C LEU C 327 25.80 1.26 -0.23
N CYS C 328 25.32 2.04 0.75
CA CYS C 328 24.70 3.33 0.44
C CYS C 328 25.52 4.56 0.81
N ASP C 329 26.60 4.42 1.58
CA ASP C 329 27.44 5.58 1.86
C ASP C 329 27.96 6.16 0.54
N PRO C 330 27.99 7.48 0.39
CA PRO C 330 28.45 8.05 -0.88
C PRO C 330 29.89 7.74 -1.20
N HIS C 331 30.71 7.45 -0.20
CA HIS C 331 32.11 7.09 -0.41
C HIS C 331 32.33 5.60 -0.30
N ARG C 332 31.27 4.82 -0.32
CA ARG C 332 31.34 3.36 -0.35
C ARG C 332 30.75 2.91 -1.67
N TYR C 333 29.92 1.87 -1.72
CA TYR C 333 29.41 1.43 -3.01
C TYR C 333 28.42 2.40 -3.62
N ASN C 334 27.84 3.29 -2.81
CA ASN C 334 27.04 4.40 -3.32
C ASN C 334 25.98 3.93 -4.32
N ILE C 335 25.26 2.87 -3.95
CA ILE C 335 24.30 2.27 -4.87
C ILE C 335 22.92 2.87 -4.72
N LEU C 336 22.72 3.81 -3.80
CA LEU C 336 21.38 4.24 -3.44
C LEU C 336 20.61 4.72 -4.66
N GLU C 337 21.27 5.51 -5.51
CA GLU C 337 20.60 6.07 -6.66
C GLU C 337 20.31 5.01 -7.71
N ASP C 338 21.21 4.04 -7.85
CA ASP C 338 21.00 2.94 -8.79
C ASP C 338 19.78 2.12 -8.39
N VAL C 339 19.58 1.90 -7.09
CA VAL C 339 18.43 1.13 -6.63
C VAL C 339 17.17 1.94 -6.77
N ALA C 340 17.26 3.26 -6.57
CA ALA C 340 16.09 4.12 -6.71
C ALA C 340 15.60 4.15 -8.16
N VAL C 341 16.50 4.17 -9.13
CA VAL C 341 16.07 4.14 -10.52
C VAL C 341 15.35 2.83 -10.84
N CYS C 342 15.85 1.72 -10.31
CA CYS C 342 15.18 0.44 -10.53
C CYS C 342 13.83 0.40 -9.81
N MET C 343 13.66 1.16 -8.76
CA MET C 343 12.35 1.16 -8.12
C MET C 343 11.43 2.19 -8.72
N ASP C 344 11.88 2.86 -9.78
CA ASP C 344 11.13 3.88 -10.49
C ASP C 344 10.74 5.03 -9.57
N LEU C 345 11.56 5.28 -8.56
CA LEU C 345 11.33 6.37 -7.64
C LEU C 345 11.64 7.70 -8.29
N ASP C 346 11.09 8.75 -7.73
CA ASP C 346 11.34 10.08 -8.25
C ASP C 346 12.63 10.62 -7.62
N THR C 347 13.71 10.60 -8.39
CA THR C 347 14.99 11.03 -7.88
C THR C 347 15.28 12.50 -8.12
N ARG C 348 14.33 13.27 -8.66
CA ARG C 348 14.57 14.67 -8.96
C ARG C 348 14.26 15.59 -7.78
N THR C 349 13.37 15.18 -6.87
CA THR C 349 13.07 15.97 -5.68
C THR C 349 13.39 15.16 -4.42
N THR C 350 14.08 15.81 -3.47
CA THR C 350 14.47 15.13 -2.24
C THR C 350 13.27 14.83 -1.34
N SER C 351 12.16 15.54 -1.55
CA SER C 351 10.98 15.42 -0.70
C SER C 351 10.08 14.25 -1.09
N SER C 352 10.43 13.53 -2.15
CA SER C 352 9.85 12.22 -2.39
C SER C 352 10.39 11.17 -1.43
N LEU C 353 11.46 11.49 -0.70
CA LEU C 353 12.12 10.55 0.20
C LEU C 353 12.57 9.30 -0.55
N TRP C 354 13.02 9.47 -1.80
CA TRP C 354 13.46 8.32 -2.58
C TRP C 354 14.69 7.68 -1.95
N LYS C 355 15.57 8.50 -1.38
CA LYS C 355 16.73 7.99 -0.66
C LYS C 355 16.31 7.07 0.48
N ASP C 356 15.36 7.53 1.29
CA ASP C 356 14.90 6.73 2.40
C ASP C 356 14.23 5.44 1.92
N LYS C 357 13.43 5.51 0.86
CA LYS C 357 12.73 4.33 0.37
C LYS C 357 13.70 3.30 -0.17
N ALA C 358 14.59 3.73 -1.07
CA ALA C 358 15.59 2.83 -1.64
C ALA C 358 16.48 2.24 -0.55
N ALA C 359 16.80 3.05 0.47
CA ALA C 359 17.65 2.55 1.54
C ALA C 359 16.97 1.43 2.32
N VAL C 360 15.71 1.64 2.71
CA VAL C 360 14.98 0.60 3.45
C VAL C 360 14.99 -0.71 2.69
N GLU C 361 14.68 -0.66 1.39
CA GLU C 361 14.61 -1.88 0.61
C GLU C 361 15.98 -2.54 0.50
N ILE C 362 17.06 -1.76 0.43
CA ILE C 362 18.39 -2.34 0.41
C ILE C 362 18.64 -3.10 1.71
N ASN C 363 18.22 -2.53 2.83
CA ASN C 363 18.32 -3.23 4.10
C ASN C 363 17.41 -4.45 4.14
N VAL C 364 16.19 -4.32 3.60
CA VAL C 364 15.33 -5.48 3.45
C VAL C 364 16.07 -6.59 2.70
N ALA C 365 16.67 -6.24 1.57
CA ALA C 365 17.38 -7.22 0.77
C ALA C 365 18.52 -7.87 1.56
N VAL C 366 19.23 -7.09 2.37
CA VAL C 366 20.35 -7.64 3.12
C VAL C 366 19.84 -8.67 4.13
N LEU C 367 18.80 -8.30 4.89
CA LEU C 367 18.26 -9.25 5.86
C LEU C 367 17.68 -10.47 5.19
N HIS C 368 16.94 -10.28 4.09
CA HIS C 368 16.35 -11.43 3.42
C HIS C 368 17.44 -12.36 2.88
N SER C 369 18.40 -11.78 2.16
CA SER C 369 19.46 -12.57 1.54
C SER C 369 20.26 -13.34 2.58
N TYR C 370 20.56 -12.71 3.72
CA TYR C 370 21.32 -13.42 4.77
C TYR C 370 20.48 -14.51 5.42
N GLN C 371 19.19 -14.25 5.63
CA GLN C 371 18.35 -15.28 6.22
C GLN C 371 18.11 -16.43 5.25
N LEU C 372 18.05 -16.14 3.96
CA LEU C 372 17.87 -17.21 2.98
C LEU C 372 19.14 -18.06 2.85
N ALA C 373 20.31 -17.45 3.02
CA ALA C 373 21.56 -18.19 3.04
C ALA C 373 21.89 -18.74 4.42
N LYS C 374 20.96 -18.62 5.38
CA LYS C 374 21.16 -19.03 6.77
C LYS C 374 22.52 -18.56 7.30
N VAL C 375 22.75 -17.26 7.18
CA VAL C 375 23.93 -16.63 7.75
C VAL C 375 23.44 -15.69 8.84
N THR C 376 24.02 -15.83 10.03
CA THR C 376 23.63 -15.01 11.16
C THR C 376 23.71 -13.52 10.81
N ILE C 377 22.58 -12.84 10.92
CA ILE C 377 22.51 -11.39 10.79
C ILE C 377 21.47 -10.87 11.76
N VAL C 378 21.62 -9.63 12.18
CA VAL C 378 20.68 -9.03 13.11
C VAL C 378 20.26 -7.66 12.58
N ASP C 379 18.96 -7.40 12.63
CA ASP C 379 18.43 -6.12 12.19
C ASP C 379 18.62 -5.09 13.31
N HIS C 380 18.58 -3.80 12.92
CA HIS C 380 18.93 -2.77 13.89
C HIS C 380 17.88 -2.61 14.99
N HIS C 381 16.64 -3.04 14.76
CA HIS C 381 15.67 -3.05 15.84
C HIS C 381 15.98 -4.11 16.89
N ALA C 382 16.19 -5.36 16.45
CA ALA C 382 16.56 -6.40 17.41
C ALA C 382 17.84 -6.04 18.13
N ALA C 383 18.86 -5.62 17.38
CA ALA C 383 20.16 -5.33 17.97
C ALA C 383 20.05 -4.24 19.03
N THR C 384 19.32 -3.16 18.72
CA THR C 384 19.24 -2.06 19.68
C THR C 384 18.40 -2.43 20.89
N ALA C 385 17.34 -3.23 20.69
CA ALA C 385 16.56 -3.66 21.83
C ALA C 385 17.40 -4.55 22.73
N SER C 386 18.27 -5.37 22.13
CA SER C 386 19.17 -6.20 22.92
CA SER C 386 19.15 -6.20 22.96
C SER C 386 20.17 -5.33 23.68
N PHE C 387 20.60 -4.23 23.05
CA PHE C 387 21.54 -3.34 23.70
C PHE C 387 20.91 -2.67 24.91
N MET C 388 19.64 -2.29 24.79
CA MET C 388 18.92 -1.75 25.94
C MET C 388 18.91 -2.75 27.07
N LYS C 389 18.60 -4.00 26.75
CA LYS C 389 18.72 -5.07 27.73
C LYS C 389 20.13 -5.14 28.27
N HIS C 390 21.13 -4.94 27.41
CA HIS C 390 22.51 -4.90 27.89
C HIS C 390 22.71 -3.77 28.88
N LEU C 391 22.22 -2.56 28.56
CA LEU C 391 22.38 -1.44 29.49
C LEU C 391 21.81 -1.80 30.86
N GLU C 392 20.67 -2.47 30.91
CA GLU C 392 20.03 -2.74 32.19
C GLU C 392 20.80 -3.81 32.96
N ASN C 393 21.27 -4.85 32.27
CA ASN C 393 22.21 -5.80 32.88
C ASN C 393 23.42 -5.09 33.45
N GLU C 394 24.09 -4.29 32.60
CA GLU C 394 25.32 -3.65 33.02
C GLU C 394 25.09 -2.67 34.15
N GLN C 395 23.94 -2.00 34.15
CA GLN C 395 23.56 -1.17 35.30
C GLN C 395 23.52 -2.00 36.56
N LYS C 396 22.79 -3.12 36.51
CA LYS C 396 22.75 -4.03 37.64
C LYS C 396 24.13 -4.58 37.96
N ALA C 397 24.95 -4.85 36.94
CA ALA C 397 26.23 -5.50 37.17
C ALA C 397 27.29 -4.51 37.66
N ARG C 398 27.72 -3.57 36.80
CA ARG C 398 28.84 -2.69 37.12
C ARG C 398 28.42 -1.24 37.36
N GLY C 399 27.11 -0.96 37.45
CA GLY C 399 26.67 0.40 37.70
C GLY C 399 26.81 1.33 36.52
N GLY C 400 26.62 0.84 35.30
CA GLY C 400 26.68 1.67 34.14
C GLY C 400 27.28 0.93 32.97
N CYS C 401 27.54 1.67 31.90
CA CYS C 401 28.05 1.11 30.66
C CYS C 401 28.53 2.22 29.75
N PRO C 402 29.81 2.24 29.37
CA PRO C 402 30.25 3.20 28.37
C PRO C 402 29.55 2.91 27.04
N ALA C 403 28.85 3.91 26.55
CA ALA C 403 28.13 3.77 25.30
C ALA C 403 28.32 5.06 24.55
N ASP C 404 28.63 4.94 23.27
CA ASP C 404 28.85 6.08 22.40
C ASP C 404 27.55 6.26 21.61
N TRP C 405 26.73 7.21 22.06
CA TRP C 405 25.40 7.40 21.48
C TRP C 405 25.46 7.42 19.96
N ALA C 406 26.35 8.24 19.39
CA ALA C 406 26.40 8.41 17.95
C ALA C 406 26.68 7.11 17.19
N TRP C 407 27.23 6.09 17.83
CA TRP C 407 27.44 4.84 17.11
C TRP C 407 26.51 3.73 17.56
N ILE C 408 25.90 3.85 18.74
CA ILE C 408 24.93 2.86 19.17
C ILE C 408 23.62 3.04 18.40
N VAL C 409 23.24 4.28 18.16
CA VAL C 409 22.07 4.62 17.35
C VAL C 409 22.34 4.27 15.89
N PRO C 410 21.51 3.47 15.26
CA PRO C 410 21.84 2.97 13.92
C PRO C 410 21.69 4.05 12.85
N PRO C 411 22.33 3.87 11.69
CA PRO C 411 22.38 4.95 10.69
C PRO C 411 21.08 5.17 9.92
N ILE C 412 20.08 4.31 10.08
CA ILE C 412 18.74 4.59 9.61
C ILE C 412 17.81 4.40 10.78
N SER C 413 16.67 5.10 10.72
CA SER C 413 15.56 4.92 11.66
C SER C 413 16.00 5.04 13.12
N GLY C 414 17.03 5.84 13.36
CA GLY C 414 17.49 6.15 14.70
C GLY C 414 16.40 6.24 15.74
N SER C 415 15.53 7.25 15.65
CA SER C 415 14.55 7.47 16.70
C SER C 415 13.50 6.39 16.76
N LEU C 416 13.45 5.48 15.79
CA LEU C 416 12.57 4.34 15.87
C LEU C 416 13.15 3.24 16.76
N THR C 417 14.39 3.37 17.15
CA THR C 417 14.98 2.41 18.05
C THR C 417 15.05 3.01 19.44
N PRO C 418 15.01 2.14 20.47
CA PRO C 418 14.95 2.63 21.84
C PRO C 418 16.24 3.29 22.30
N VAL C 419 17.39 2.97 21.69
CA VAL C 419 18.63 3.57 22.15
C VAL C 419 18.67 5.06 21.86
N PHE C 420 17.93 5.49 20.84
CA PHE C 420 17.87 6.92 20.51
C PHE C 420 17.44 7.76 21.71
N HIS C 421 16.45 7.29 22.44
CA HIS C 421 15.92 8.03 23.55
C HIS C 421 16.66 7.75 24.85
N GLN C 422 17.72 6.95 24.79
CA GLN C 422 18.51 6.62 25.97
C GLN C 422 19.70 7.54 26.01
N GLU C 423 19.75 8.39 27.02
CA GLU C 423 20.98 9.12 27.29
C GLU C 423 22.09 8.14 27.65
N MET C 424 23.30 8.47 27.24
CA MET C 424 24.44 7.58 27.39
C MET C 424 25.66 8.36 27.84
N VAL C 425 26.54 7.64 28.53
CA VAL C 425 27.77 8.17 29.07
C VAL C 425 28.92 7.43 28.43
N ASN C 426 29.87 8.17 27.88
CA ASN C 426 30.96 7.63 27.10
C ASN C 426 32.25 7.87 27.85
N TYR C 427 33.03 6.81 28.03
CA TYR C 427 34.31 6.88 28.73
C TYR C 427 35.10 5.63 28.37
N PHE C 428 36.39 5.65 28.72
CA PHE C 428 37.31 4.59 28.40
C PHE C 428 37.57 3.73 29.65
N LEU C 429 37.28 2.43 29.55
CA LEU C 429 37.72 1.45 30.54
C LEU C 429 38.75 0.50 29.94
N SER C 430 39.51 -0.15 30.83
CA SER C 430 40.43 -1.19 30.40
C SER C 430 40.02 -2.53 31.02
N PRO C 431 40.21 -3.66 30.31
CA PRO C 431 40.83 -3.78 28.97
C PRO C 431 40.00 -3.15 27.86
N ALA C 432 40.66 -2.86 26.74
CA ALA C 432 39.97 -2.16 25.67
C ALA C 432 40.52 -2.60 24.32
N PHE C 433 39.70 -2.45 23.30
CA PHE C 433 40.19 -2.39 21.94
C PHE C 433 40.52 -0.94 21.61
N ARG C 434 41.74 -0.70 21.12
CA ARG C 434 42.20 0.64 20.75
C ARG C 434 42.54 0.67 19.27
N TYR C 435 42.19 1.79 18.64
CA TYR C 435 42.65 2.08 17.29
C TYR C 435 44.16 2.27 17.29
N GLN C 436 44.79 1.96 16.17
CA GLN C 436 46.25 2.01 16.11
C GLN C 436 46.69 2.50 14.74
N PRO C 437 47.88 3.09 14.66
CA PRO C 437 48.37 3.56 13.36
C PRO C 437 48.47 2.43 12.35
N ASP C 438 48.29 2.79 11.08
CA ASP C 438 48.57 1.86 10.01
C ASP C 438 50.05 1.47 10.06
N PRO C 439 50.40 0.22 9.78
CA PRO C 439 51.80 -0.25 9.86
C PRO C 439 52.67 0.22 8.70
N TRP C 440 52.55 1.50 8.34
CA TRP C 440 53.43 2.12 7.35
C TRP C 440 53.30 3.65 7.37
N LYS D 27 46.61 24.40 19.94
CA LYS D 27 45.90 23.87 18.79
C LYS D 27 44.40 23.66 19.09
N PHE D 28 43.62 23.53 18.04
CA PHE D 28 42.16 23.49 18.08
C PHE D 28 41.68 22.17 17.47
N PRO D 29 40.44 21.76 17.74
CA PRO D 29 39.96 20.46 17.27
C PRO D 29 40.01 20.33 15.75
N ARG D 30 40.63 19.24 15.28
CA ARG D 30 40.56 18.88 13.88
C ARG D 30 39.26 18.15 13.61
N VAL D 31 38.59 18.51 12.51
CA VAL D 31 37.24 18.08 12.21
C VAL D 31 37.21 17.56 10.79
N LYS D 32 36.87 16.29 10.63
CA LYS D 32 36.91 15.66 9.32
C LYS D 32 35.50 15.48 8.79
N ASN D 33 35.33 15.67 7.49
CA ASN D 33 34.15 15.20 6.79
C ASN D 33 34.50 13.85 6.16
N TRP D 34 33.80 12.80 6.58
CA TRP D 34 34.20 11.47 6.19
C TRP D 34 33.70 11.09 4.80
N GLU D 35 32.63 11.72 4.32
CA GLU D 35 32.19 11.46 2.96
C GLU D 35 33.15 12.03 1.92
N VAL D 36 33.78 13.17 2.23
CA VAL D 36 34.64 13.86 1.28
C VAL D 36 36.12 13.80 1.66
N GLY D 37 36.44 13.63 2.94
CA GLY D 37 37.82 13.68 3.38
C GLY D 37 38.32 15.05 3.76
N SER D 38 37.53 16.10 3.53
CA SER D 38 37.94 17.45 3.85
C SER D 38 38.18 17.59 5.35
N ILE D 39 39.01 18.57 5.71
CA ILE D 39 39.46 18.74 7.10
C ILE D 39 39.55 20.22 7.42
N THR D 40 38.92 20.63 8.50
CA THR D 40 39.05 21.97 9.05
C THR D 40 39.41 21.86 10.53
N TYR D 41 39.79 22.98 11.11
CA TYR D 41 40.05 23.10 12.54
C TYR D 41 39.10 24.14 13.11
N ASP D 42 38.42 23.79 14.20
CA ASP D 42 37.41 24.66 14.79
C ASP D 42 38.10 25.60 15.77
N THR D 43 38.54 26.76 15.27
CA THR D 43 39.14 27.77 16.13
C THR D 43 38.10 28.54 16.92
N LEU D 44 36.84 28.54 16.49
CA LEU D 44 35.80 29.19 17.25
C LEU D 44 35.58 28.52 18.60
N SER D 45 35.84 27.22 18.70
CA SER D 45 35.59 26.53 19.96
C SER D 45 36.42 27.11 21.10
N ALA D 46 37.58 27.69 20.79
CA ALA D 46 38.42 28.26 21.83
C ALA D 46 37.76 29.45 22.53
N GLN D 47 36.81 30.11 21.89
CA GLN D 47 36.13 31.23 22.53
C GLN D 47 34.92 30.80 23.35
N ALA D 48 34.61 29.51 23.39
CA ALA D 48 33.45 28.99 24.13
C ALA D 48 33.28 29.69 25.46
N GLN D 49 32.29 30.60 25.53
CA GLN D 49 32.13 31.54 26.63
C GLN D 49 31.54 30.91 27.89
N GLN D 50 31.11 29.64 27.84
CA GLN D 50 30.63 28.95 29.02
C GLN D 50 31.06 27.49 28.91
N ASP D 51 30.73 26.71 29.93
CA ASP D 51 31.17 25.32 30.00
C ASP D 51 29.97 24.38 30.03
N GLY D 52 30.10 23.27 29.31
CA GLY D 52 29.07 22.26 29.21
C GLY D 52 29.37 21.04 30.07
N PRO D 53 28.77 19.90 29.69
CA PRO D 53 28.71 18.74 30.58
C PRO D 53 29.86 17.76 30.50
N CYS D 54 30.76 17.90 29.53
CA CYS D 54 31.80 16.91 29.27
C CYS D 54 33.09 17.22 30.00
N THR D 55 33.80 16.17 30.38
CA THR D 55 35.14 16.25 30.90
C THR D 55 36.01 15.31 30.10
N PRO D 56 37.34 15.36 30.28
CA PRO D 56 38.19 14.35 29.64
C PRO D 56 37.89 12.94 30.12
N ARG D 57 37.23 12.78 31.27
CA ARG D 57 36.92 11.46 31.81
C ARG D 57 35.63 10.90 31.21
N ARG D 58 34.65 11.73 30.93
CA ARG D 58 33.38 11.23 30.40
C ARG D 58 32.74 12.26 29.49
N CYS D 59 32.26 11.81 28.34
CA CYS D 59 31.45 12.63 27.47
C CYS D 59 29.99 12.46 27.89
N LEU D 60 29.31 13.58 28.19
CA LEU D 60 27.87 13.58 28.39
C LEU D 60 27.14 14.30 27.27
N GLY D 61 27.67 14.19 26.04
CA GLY D 61 27.10 14.92 24.92
C GLY D 61 25.66 14.54 24.62
N SER D 62 25.27 13.29 24.89
CA SER D 62 23.92 12.83 24.59
C SER D 62 22.90 13.31 25.62
N LEU D 63 23.31 13.98 26.67
CA LEU D 63 22.34 14.47 27.64
C LEU D 63 21.47 15.55 27.00
N VAL D 64 20.16 15.46 27.26
CA VAL D 64 19.24 16.43 26.66
C VAL D 64 19.40 17.79 27.32
N PHE D 65 19.43 17.81 28.65
CA PHE D 65 19.74 19.01 29.40
C PHE D 65 21.16 18.91 29.91
N PRO D 66 22.16 19.46 29.19
CA PRO D 66 23.60 19.36 29.49
C PRO D 66 24.01 20.17 30.72
N ALA D 79 26.55 40.82 41.70
CA ALA D 79 27.53 40.34 40.72
C ALA D 79 27.64 41.24 39.49
N PRO D 80 28.12 42.48 39.67
CA PRO D 80 28.18 43.42 38.53
C PRO D 80 29.33 43.13 37.58
N GLU D 81 30.45 42.64 38.13
CA GLU D 81 31.66 42.44 37.33
C GLU D 81 31.42 41.47 36.19
N GLN D 82 30.52 40.51 36.37
CA GLN D 82 30.31 39.42 35.45
C GLN D 82 29.26 39.76 34.42
N LEU D 83 28.21 40.47 34.83
CA LEU D 83 27.34 41.15 33.88
C LEU D 83 28.15 42.05 32.96
N LEU D 84 29.18 42.70 33.50
CA LEU D 84 29.97 43.65 32.71
C LEU D 84 30.83 42.94 31.67
N SER D 85 31.43 41.81 32.01
CA SER D 85 32.30 41.16 31.04
C SER D 85 31.50 40.49 29.94
N GLN D 86 30.31 39.95 30.25
CA GLN D 86 29.41 39.47 29.21
C GLN D 86 28.96 40.63 28.33
N ALA D 87 28.48 41.71 28.95
CA ALA D 87 28.09 42.89 28.19
C ALA D 87 29.25 43.37 27.32
N ARG D 88 30.43 43.49 27.90
CA ARG D 88 31.60 43.92 27.16
C ARG D 88 31.83 43.02 25.96
N ASP D 89 31.73 41.71 26.16
CA ASP D 89 31.96 40.76 25.08
C ASP D 89 30.88 40.88 24.00
N PHE D 90 29.63 41.05 24.41
CA PHE D 90 28.57 41.20 23.42
C PHE D 90 28.73 42.50 22.64
N ILE D 91 28.98 43.60 23.34
CA ILE D 91 29.18 44.89 22.66
C ILE D 91 30.39 44.80 21.73
N ASN D 92 31.47 44.15 22.17
CA ASN D 92 32.58 43.88 21.28
C ASN D 92 32.09 43.13 20.04
N GLN D 93 31.23 42.13 20.24
CA GLN D 93 30.70 41.38 19.11
C GLN D 93 29.87 42.28 18.20
N TYR D 94 28.97 43.06 18.78
CA TYR D 94 28.14 43.94 17.95
C TYR D 94 29.01 44.89 17.13
N TYR D 95 29.93 45.61 17.78
CA TYR D 95 30.78 46.54 17.08
C TYR D 95 31.76 45.87 16.11
N SER D 96 32.07 44.59 16.29
CA SER D 96 32.80 43.87 15.24
C SER D 96 31.90 43.63 14.03
N SER D 97 30.62 43.32 14.28
CA SER D 97 29.70 42.96 13.22
C SER D 97 29.34 44.13 12.31
N ILE D 98 29.38 45.37 12.80
CA ILE D 98 29.09 46.53 11.94
C ILE D 98 30.38 47.11 11.36
N LYS D 99 31.49 46.36 11.43
CA LYS D 99 32.77 46.79 10.85
C LYS D 99 33.21 48.13 11.42
N ARG D 100 33.05 48.28 12.74
CA ARG D 100 33.39 49.51 13.46
C ARG D 100 34.04 49.16 14.79
N SER D 101 34.89 48.13 14.78
CA SER D 101 35.59 47.72 16.00
CA SER D 101 35.58 47.71 15.99
C SER D 101 36.63 48.75 16.41
N GLY D 102 36.67 49.05 17.70
CA GLY D 102 37.59 50.05 18.20
C GLY D 102 37.25 51.47 17.82
N SER D 103 36.08 51.70 17.22
CA SER D 103 35.67 53.03 16.79
C SER D 103 35.23 53.87 17.98
N GLN D 104 35.00 55.16 17.71
CA GLN D 104 34.51 56.07 18.74
C GLN D 104 33.27 55.49 19.43
N ALA D 105 32.25 55.14 18.63
CA ALA D 105 31.00 54.64 19.17
C ALA D 105 31.19 53.39 20.02
N HIS D 106 32.25 52.61 19.77
CA HIS D 106 32.46 51.34 20.44
C HIS D 106 32.70 51.55 21.93
N GLU D 107 33.82 52.17 22.30
CA GLU D 107 34.09 52.40 23.71
C GLU D 107 33.09 53.38 24.32
N GLN D 108 32.52 54.25 23.50
CA GLN D 108 31.37 55.05 23.95
C GLN D 108 30.31 54.13 24.54
N ARG D 109 29.91 53.10 23.79
CA ARG D 109 28.92 52.16 24.28
C ARG D 109 29.44 51.38 25.49
N LEU D 110 30.70 50.97 25.45
CA LEU D 110 31.29 50.31 26.61
C LEU D 110 31.17 51.18 27.86
N GLN D 111 31.69 52.40 27.79
CA GLN D 111 31.61 53.29 28.96
C GLN D 111 30.16 53.51 29.35
N GLU D 112 29.27 53.66 28.37
CA GLU D 112 27.86 53.78 28.65
C GLU D 112 27.35 52.59 29.47
N VAL D 113 27.60 51.37 28.97
CA VAL D 113 27.04 50.18 29.62
C VAL D 113 27.56 50.06 31.05
N GLU D 114 28.87 50.29 31.26
CA GLU D 114 29.42 50.26 32.61
C GLU D 114 28.76 51.30 33.50
N ALA D 115 28.55 52.51 33.00
CA ALA D 115 27.88 53.53 33.79
C ALA D 115 26.49 53.06 34.22
N GLU D 116 25.78 52.37 33.32
CA GLU D 116 24.41 51.98 33.63
C GLU D 116 24.35 50.81 34.59
N VAL D 117 25.33 49.91 34.54
CA VAL D 117 25.35 48.82 35.51
C VAL D 117 25.77 49.35 36.87
N ALA D 118 26.57 50.41 36.89
CA ALA D 118 26.93 51.03 38.17
C ALA D 118 25.72 51.70 38.81
N ALA D 119 24.90 52.38 38.02
CA ALA D 119 23.78 53.15 38.55
C ALA D 119 22.52 52.34 38.74
N THR D 120 22.24 51.40 37.83
CA THR D 120 21.02 50.63 37.91
C THR D 120 21.22 49.13 38.13
N GLY D 121 22.47 48.65 38.14
CA GLY D 121 22.72 47.22 38.24
C GLY D 121 22.48 46.43 36.98
N THR D 122 22.08 47.08 35.88
CA THR D 122 21.74 46.42 34.63
C THR D 122 21.90 47.46 33.51
N TYR D 123 21.61 47.06 32.28
CA TYR D 123 21.65 48.02 31.18
C TYR D 123 20.61 47.64 30.14
N GLN D 124 20.36 48.56 29.23
CA GLN D 124 19.36 48.40 28.19
C GLN D 124 20.06 48.25 26.85
N LEU D 125 19.63 47.25 26.07
CA LEU D 125 20.08 47.12 24.70
C LEU D 125 19.45 48.20 23.82
N ARG D 126 20.23 48.74 22.89
CA ARG D 126 19.67 49.49 21.78
C ARG D 126 18.96 48.53 20.83
N GLU D 127 18.09 49.09 19.98
CA GLU D 127 17.27 48.25 19.10
C GLU D 127 18.14 47.41 18.16
N SER D 128 19.10 48.05 17.49
CA SER D 128 19.99 47.33 16.58
CA SER D 128 19.97 47.31 16.58
C SER D 128 20.81 46.27 17.33
N GLU D 129 21.15 46.54 18.58
CA GLU D 129 21.87 45.54 19.37
C GLU D 129 20.98 44.35 19.67
N LEU D 130 19.71 44.59 19.94
CA LEU D 130 18.81 43.49 20.26
C LEU D 130 18.61 42.58 19.04
N VAL D 131 18.47 43.17 17.86
CA VAL D 131 18.31 42.40 16.63
C VAL D 131 19.55 41.57 16.36
N PHE D 132 20.73 42.19 16.42
CA PHE D 132 21.96 41.44 16.24
C PHE D 132 22.06 40.31 17.27
N GLY D 133 21.77 40.62 18.53
CA GLY D 133 21.80 39.62 19.59
C GLY D 133 20.85 38.46 19.34
N ALA D 134 19.63 38.74 18.90
CA ALA D 134 18.69 37.67 18.60
C ALA D 134 19.19 36.81 17.44
N LYS D 135 19.77 37.44 16.41
CA LYS D 135 20.32 36.68 15.29
C LYS D 135 21.52 35.84 15.71
N GLN D 136 22.40 36.38 16.57
CA GLN D 136 23.55 35.58 16.98
C GLN D 136 23.12 34.40 17.84
N ALA D 137 22.09 34.62 18.66
CA ALA D 137 21.61 33.55 19.53
C ALA D 137 21.11 32.39 18.70
N TRP D 138 20.44 32.69 17.60
CA TRP D 138 20.04 31.63 16.68
C TRP D 138 21.27 31.04 16.01
N ARG D 139 22.15 31.90 15.51
CA ARG D 139 23.39 31.43 14.90
C ARG D 139 24.16 30.49 15.81
N ASN D 140 24.12 30.75 17.12
CA ASN D 140 24.94 30.06 18.11
C ASN D 140 24.33 28.75 18.63
N ALA D 141 23.09 28.45 18.23
CA ALA D 141 22.25 27.37 18.76
C ALA D 141 22.70 26.01 18.23
N PRO D 142 23.42 25.21 19.04
CA PRO D 142 24.10 24.01 18.50
C PRO D 142 23.17 22.97 17.90
N ARG D 143 21.94 22.86 18.37
CA ARG D 143 21.05 21.78 17.95
C ARG D 143 20.11 22.20 16.83
N CYS D 144 20.27 23.41 16.28
CA CYS D 144 19.38 23.93 15.24
C CYS D 144 20.01 23.63 13.90
N VAL D 145 19.35 22.76 13.13
CA VAL D 145 19.80 22.45 11.78
C VAL D 145 19.35 23.49 10.77
N GLY D 146 18.43 24.37 11.17
CA GLY D 146 17.93 25.40 10.27
C GLY D 146 18.71 26.70 10.27
N ARG D 147 19.95 26.68 10.76
CA ARG D 147 20.67 27.94 10.96
C ARG D 147 21.19 28.57 9.68
N ILE D 148 21.14 27.90 8.51
CA ILE D 148 21.46 28.63 7.29
C ILE D 148 20.68 29.94 7.19
N GLN D 149 19.48 29.98 7.77
CA GLN D 149 18.55 31.10 7.75
C GLN D 149 18.82 32.15 8.83
N TRP D 150 19.91 32.04 9.58
CA TRP D 150 20.01 32.79 10.84
C TRP D 150 19.96 34.30 10.63
N GLY D 151 20.50 34.80 9.51
CA GLY D 151 20.48 36.23 9.25
C GLY D 151 19.15 36.76 8.79
N LYS D 152 18.23 35.88 8.43
CA LYS D 152 16.89 36.28 7.97
C LYS D 152 15.93 35.98 9.12
N LEU D 153 15.85 36.92 10.05
CA LEU D 153 15.01 36.76 11.23
C LEU D 153 14.35 38.09 11.56
N GLN D 154 13.04 38.06 11.71
CA GLN D 154 12.29 39.25 12.06
C GLN D 154 12.24 39.35 13.57
N VAL D 155 12.76 40.46 14.11
CA VAL D 155 12.82 40.64 15.55
C VAL D 155 11.76 41.67 15.92
N PHE D 156 10.77 41.25 16.71
CA PHE D 156 9.77 42.14 17.25
C PHE D 156 10.18 42.57 18.66
N ASP D 157 10.35 43.87 18.83
CA ASP D 157 10.79 44.45 20.09
C ASP D 157 9.54 44.70 20.91
N ALA D 158 9.21 43.76 21.79
CA ALA D 158 8.10 43.92 22.73
C ALA D 158 8.60 44.24 24.14
N ARG D 159 9.78 44.83 24.25
CA ARG D 159 10.35 45.18 25.54
C ARG D 159 9.60 46.30 26.24
N ASP D 160 8.63 46.91 25.59
CA ASP D 160 7.77 47.89 26.24
C ASP D 160 6.50 47.26 26.78
N CYS D 161 6.37 45.95 26.70
CA CYS D 161 5.17 45.26 27.15
C CYS D 161 4.96 45.47 28.65
N ARG D 162 3.69 45.50 29.04
CA ARG D 162 3.30 46.01 30.35
C ARG D 162 2.42 45.01 31.08
N SER D 163 1.70 44.18 30.33
CA SER D 163 0.76 43.26 30.95
C SER D 163 0.70 41.97 30.16
N ALA D 164 0.01 40.98 30.74
CA ALA D 164 -0.29 39.76 30.03
C ALA D 164 -1.18 40.02 28.83
N GLN D 165 -2.09 40.98 28.93
CA GLN D 165 -2.99 41.24 27.81
C GLN D 165 -2.22 41.76 26.61
N GLU D 166 -1.39 42.78 26.83
CA GLU D 166 -0.51 43.29 25.79
C GLU D 166 0.36 42.17 25.23
N MET D 167 0.91 41.35 26.14
CA MET D 167 1.73 40.22 25.76
C MET D 167 1.00 39.31 24.78
N PHE D 168 -0.28 39.01 25.07
CA PHE D 168 -1.06 38.20 24.14
C PHE D 168 -1.18 38.85 22.77
N THR D 169 -1.33 40.17 22.74
CA THR D 169 -1.48 40.90 21.47
C THR D 169 -0.20 40.83 20.66
N TYR D 170 0.95 41.00 21.31
CA TYR D 170 2.23 40.85 20.64
C TYR D 170 2.39 39.43 20.11
N ILE D 171 1.89 38.45 20.86
CA ILE D 171 2.07 37.06 20.47
C ILE D 171 1.21 36.74 19.28
N CYS D 172 -0.07 37.12 19.35
CA CYS D 172 -0.96 36.97 18.21
C CYS D 172 -0.37 37.59 16.96
N ASN D 173 0.22 38.79 17.06
CA ASN D 173 0.79 39.38 15.86
CA ASN D 173 0.83 39.42 15.89
C ASN D 173 2.03 38.62 15.38
N HIS D 174 2.85 38.11 16.31
CA HIS D 174 3.97 37.25 15.94
C HIS D 174 3.46 36.06 15.13
N ILE D 175 2.48 35.33 15.67
CA ILE D 175 1.90 34.18 14.98
C ILE D 175 1.39 34.60 13.61
N LYS D 176 0.62 35.69 13.57
CA LYS D 176 0.09 36.16 12.29
C LYS D 176 1.22 36.45 11.30
N TYR D 177 2.25 37.17 11.74
CA TYR D 177 3.35 37.50 10.84
C TYR D 177 4.13 36.27 10.42
N ALA D 178 4.46 35.41 11.38
CA ALA D 178 5.30 34.25 11.08
C ALA D 178 4.58 33.27 10.17
N THR D 179 3.29 33.07 10.41
CA THR D 179 2.54 32.10 9.63
C THR D 179 2.35 32.61 8.21
N ASN D 180 1.97 33.89 8.09
CA ASN D 180 1.98 34.54 6.78
C ASN D 180 1.22 33.69 5.76
N ARG D 181 0.09 33.14 6.21
CA ARG D 181 -0.84 32.37 5.37
C ARG D 181 -0.20 31.08 4.82
N GLY D 182 0.89 30.61 5.42
CA GLY D 182 1.57 29.41 5.00
C GLY D 182 2.94 29.63 4.41
N ASN D 183 3.25 30.86 4.01
CA ASN D 183 4.60 31.20 3.56
C ASN D 183 5.36 31.72 4.77
N LEU D 184 5.88 30.78 5.56
CA LEU D 184 6.33 31.10 6.90
C LEU D 184 7.60 31.94 6.91
N ARG D 185 7.71 32.80 7.91
CA ARG D 185 8.83 33.69 8.08
C ARG D 185 9.37 33.49 9.49
N SER D 186 10.69 33.36 9.60
CA SER D 186 11.33 33.28 10.92
C SER D 186 11.11 34.59 11.69
N ALA D 187 10.79 34.46 12.98
CA ALA D 187 10.51 35.63 13.79
C ALA D 187 10.83 35.31 15.22
N ILE D 188 11.15 36.35 15.97
CA ILE D 188 11.25 36.28 17.42
C ILE D 188 10.64 37.56 17.98
N THR D 189 9.86 37.43 19.04
CA THR D 189 9.35 38.58 19.78
C THR D 189 10.03 38.61 21.15
N VAL D 190 10.63 39.74 21.49
CA VAL D 190 11.42 39.89 22.71
C VAL D 190 10.65 40.71 23.73
N PHE D 191 10.20 40.06 24.78
CA PHE D 191 9.49 40.68 25.87
C PHE D 191 10.48 41.24 26.89
N PRO D 192 10.01 42.03 27.86
CA PRO D 192 10.97 42.75 28.72
C PRO D 192 11.93 41.83 29.44
N GLN D 193 13.17 42.28 29.52
CA GLN D 193 14.23 41.51 30.13
C GLN D 193 14.01 41.36 31.63
N ARG D 194 14.64 40.32 32.18
CA ARG D 194 14.74 40.16 33.60
C ARG D 194 15.44 41.37 34.19
N CYS D 195 14.88 41.91 35.27
CA CYS D 195 15.50 43.08 35.89
C CYS D 195 15.25 43.02 37.37
N PRO D 196 16.20 43.50 38.18
CA PRO D 196 15.97 43.59 39.62
C PRO D 196 14.77 44.48 39.93
N GLY D 197 13.84 43.92 40.69
CA GLY D 197 12.69 44.67 41.18
C GLY D 197 11.39 43.99 40.87
N ARG D 198 11.34 43.30 39.73
CA ARG D 198 10.11 42.78 39.20
C ARG D 198 10.32 41.33 38.79
N GLY D 199 9.25 40.55 38.87
CA GLY D 199 9.26 39.19 38.35
C GLY D 199 9.49 39.16 36.85
N ASP D 200 9.55 37.96 36.29
CA ASP D 200 9.79 37.75 34.88
C ASP D 200 8.46 37.72 34.11
N PHE D 201 8.48 38.22 32.89
CA PHE D 201 7.48 37.79 31.93
C PHE D 201 7.75 36.33 31.59
N ARG D 202 6.71 35.51 31.55
CA ARG D 202 6.88 34.12 31.14
C ARG D 202 5.69 33.67 30.32
N ILE D 203 5.99 33.02 29.22
CA ILE D 203 5.04 32.16 28.54
C ILE D 203 5.19 30.78 29.16
N TRP D 204 4.13 30.27 29.79
CA TRP D 204 4.21 28.96 30.42
C TRP D 204 4.25 27.84 29.38
N ASN D 205 3.57 28.03 28.25
CA ASN D 205 3.54 27.03 27.18
C ASN D 205 4.91 26.87 26.57
N SER D 206 5.29 25.62 26.28
CA SER D 206 6.59 25.38 25.68
C SER D 206 6.65 25.83 24.23
N GLN D 207 5.52 25.78 23.52
CA GLN D 207 5.40 26.41 22.20
C GLN D 207 4.08 27.18 22.15
N LEU D 208 4.03 28.18 21.26
CA LEU D 208 2.80 28.96 21.12
C LEU D 208 1.63 28.08 20.68
N VAL D 209 1.88 27.07 19.86
CA VAL D 209 0.84 26.19 19.35
C VAL D 209 1.16 24.79 19.80
N ARG D 210 0.30 24.22 20.65
CA ARG D 210 0.51 22.88 21.17
C ARG D 210 -0.83 22.18 21.24
N TYR D 211 -0.80 20.87 21.09
CA TYR D 211 -2.03 20.11 21.22
C TYR D 211 -2.14 19.61 22.63
N ALA D 212 -3.34 19.72 23.18
CA ALA D 212 -3.61 19.23 24.51
C ALA D 212 -3.32 17.75 24.59
N GLY D 213 -2.95 17.31 25.78
CA GLY D 213 -2.82 15.90 26.08
C GLY D 213 -3.61 15.63 27.34
N TYR D 214 -4.79 15.03 27.20
CA TYR D 214 -5.64 14.71 28.33
C TYR D 214 -5.31 13.31 28.83
N ARG D 215 -4.87 13.22 30.09
CA ARG D 215 -4.70 11.93 30.73
C ARG D 215 -6.05 11.20 30.79
N GLN D 216 -6.12 10.03 30.18
CA GLN D 216 -7.40 9.34 30.06
C GLN D 216 -7.81 8.71 31.39
N GLN D 217 -8.97 8.05 31.38
CA GLN D 217 -9.46 7.36 32.56
C GLN D 217 -8.81 6.00 32.74
N ASP D 218 -8.24 5.42 31.68
CA ASP D 218 -7.55 4.13 31.75
C ASP D 218 -6.03 4.28 31.59
N GLY D 219 -5.47 5.32 32.21
CA GLY D 219 -4.03 5.51 32.23
C GLY D 219 -3.42 6.17 31.00
N SER D 220 -4.06 6.04 29.85
CA SER D 220 -3.48 6.53 28.61
C SER D 220 -3.68 8.03 28.47
N VAL D 221 -3.16 8.59 27.39
CA VAL D 221 -3.24 10.01 27.07
C VAL D 221 -4.02 10.15 25.77
N ARG D 222 -4.98 11.04 25.75
CA ARG D 222 -5.62 11.44 24.50
C ARG D 222 -4.98 12.74 24.05
N GLY D 223 -4.54 12.77 22.79
CA GLY D 223 -3.84 13.95 22.31
C GLY D 223 -2.35 13.79 22.45
N ASP D 224 -1.61 14.86 22.74
CA ASP D 224 -0.15 14.80 22.76
C ASP D 224 0.34 14.53 24.18
N PRO D 225 0.96 13.38 24.46
CA PRO D 225 1.46 13.12 25.81
C PRO D 225 2.56 14.07 26.25
N ALA D 226 3.26 14.72 25.33
CA ALA D 226 4.27 15.67 25.76
C ALA D 226 3.68 16.87 26.48
N ASN D 227 2.36 17.03 26.49
CA ASN D 227 1.72 18.27 26.91
C ASN D 227 0.69 18.02 28.01
N VAL D 228 0.81 16.91 28.73
CA VAL D 228 -0.13 16.61 29.81
C VAL D 228 -0.03 17.67 30.89
N GLU D 229 1.19 18.07 31.26
CA GLU D 229 1.39 18.96 32.39
C GLU D 229 0.80 20.33 32.11
N ILE D 230 1.18 20.91 30.96
CA ILE D 230 0.66 22.21 30.56
C ILE D 230 -0.85 22.15 30.33
N THR D 231 -1.35 21.02 29.81
CA THR D 231 -2.78 20.81 29.70
C THR D 231 -3.44 20.89 31.08
N GLU D 232 -2.88 20.20 32.07
CA GLU D 232 -3.47 20.23 33.40
C GLU D 232 -3.41 21.64 33.98
N LEU D 233 -2.31 22.36 33.74
CA LEU D 233 -2.21 23.74 34.20
C LEU D 233 -3.29 24.60 33.59
N CYS D 234 -3.56 24.43 32.29
CA CYS D 234 -4.60 25.23 31.65
C CYS D 234 -5.95 24.96 32.29
N ILE D 235 -6.31 23.68 32.42
CA ILE D 235 -7.55 23.29 33.08
C ILE D 235 -7.62 23.90 34.47
N GLN D 236 -6.54 23.74 35.23
CA GLN D 236 -6.47 24.28 36.58
C GLN D 236 -6.67 25.79 36.61
N HIS D 237 -6.33 26.49 35.52
CA HIS D 237 -6.52 27.92 35.43
C HIS D 237 -7.80 28.29 34.70
N GLY D 238 -8.80 27.41 34.75
CA GLY D 238 -10.10 27.74 34.23
C GLY D 238 -10.31 27.45 32.76
N TRP D 239 -9.37 26.79 32.09
CA TRP D 239 -9.62 26.39 30.72
C TRP D 239 -10.63 25.26 30.70
N THR D 240 -11.63 25.37 29.82
CA THR D 240 -12.59 24.30 29.60
C THR D 240 -11.98 23.35 28.58
N PRO D 241 -11.56 22.14 28.99
CA PRO D 241 -10.80 21.29 28.09
C PRO D 241 -11.71 20.55 27.11
N GLY D 242 -11.22 20.37 25.89
CA GLY D 242 -11.89 19.54 24.92
C GLY D 242 -11.59 18.08 25.17
N ASN D 243 -11.88 17.26 24.16
CA ASN D 243 -11.49 15.86 24.27
C ASN D 243 -11.03 15.27 22.94
N GLY D 244 -10.58 16.11 22.01
CA GLY D 244 -9.98 15.61 20.79
C GLY D 244 -8.49 15.30 20.96
N ARG D 245 -7.91 14.73 19.91
CA ARG D 245 -6.47 14.45 19.91
C ARG D 245 -5.64 15.64 19.48
N PHE D 246 -6.25 16.65 18.89
CA PHE D 246 -5.54 17.76 18.29
C PHE D 246 -6.17 19.09 18.71
N ASP D 247 -6.47 19.21 20.00
CA ASP D 247 -7.03 20.44 20.56
C ASP D 247 -5.90 21.41 20.82
N VAL D 248 -5.95 22.58 20.18
CA VAL D 248 -4.92 23.58 20.39
C VAL D 248 -5.07 24.16 21.79
N LEU D 249 -3.97 24.21 22.51
CA LEU D 249 -3.97 24.68 23.89
C LEU D 249 -4.11 26.20 23.95
N PRO D 250 -4.76 26.70 24.99
CA PRO D 250 -4.71 28.15 25.26
C PRO D 250 -3.32 28.53 25.73
N LEU D 251 -3.06 29.82 25.72
CA LEU D 251 -1.82 30.36 26.23
C LEU D 251 -1.94 30.69 27.71
N LEU D 252 -0.94 30.30 28.50
CA LEU D 252 -0.80 30.74 29.88
C LEU D 252 0.31 31.77 29.91
N LEU D 253 -0.05 33.03 30.18
CA LEU D 253 0.87 34.15 30.06
C LEU D 253 1.03 34.81 31.41
N GLN D 254 2.27 34.89 31.86
CA GLN D 254 2.61 35.42 33.17
C GLN D 254 3.24 36.79 32.97
N ALA D 255 2.58 37.81 33.49
CA ALA D 255 3.12 39.16 33.67
C ALA D 255 3.87 39.22 35.00
N PRO D 256 4.84 40.13 35.14
CA PRO D 256 5.67 40.17 36.35
C PRO D 256 4.84 40.17 37.63
N ASP D 257 5.19 39.25 38.54
CA ASP D 257 4.61 39.19 39.88
C ASP D 257 3.10 38.99 39.83
N GLU D 258 2.62 38.39 38.75
CA GLU D 258 1.22 38.14 38.51
C GLU D 258 1.01 36.65 38.34
N PRO D 259 -0.19 36.14 38.61
CA PRO D 259 -0.51 34.75 38.22
C PRO D 259 -0.50 34.63 36.70
N PRO D 260 -0.28 33.43 36.15
CA PRO D 260 -0.43 33.29 34.70
C PRO D 260 -1.88 33.54 34.34
N GLU D 261 -2.08 34.25 33.24
CA GLU D 261 -3.41 34.49 32.73
C GLU D 261 -3.63 33.61 31.52
N LEU D 262 -4.86 33.11 31.37
CA LEU D 262 -5.20 32.22 30.28
C LEU D 262 -5.70 33.03 29.09
N PHE D 263 -5.20 32.70 27.90
CA PHE D 263 -5.66 33.37 26.68
C PHE D 263 -5.87 32.35 25.58
N LEU D 264 -7.03 32.43 24.95
CA LEU D 264 -7.38 31.54 23.85
C LEU D 264 -6.84 32.12 22.55
N LEU D 265 -6.21 31.27 21.74
CA LEU D 265 -5.78 31.70 20.41
C LEU D 265 -6.97 31.68 19.46
N PRO D 266 -7.26 32.78 18.77
CA PRO D 266 -8.28 32.74 17.70
C PRO D 266 -8.00 31.60 16.76
N PRO D 267 -8.96 30.68 16.59
CA PRO D 267 -8.73 29.52 15.70
C PRO D 267 -8.17 29.86 14.34
N GLU D 268 -8.55 31.00 13.75
CA GLU D 268 -8.05 31.40 12.44
C GLU D 268 -6.64 31.96 12.49
N LEU D 269 -6.06 32.11 13.68
CA LEU D 269 -4.67 32.48 13.76
C LEU D 269 -3.77 31.25 13.65
N VAL D 270 -4.28 30.10 14.08
CA VAL D 270 -3.51 28.86 14.15
C VAL D 270 -3.75 28.08 12.86
N LEU D 271 -2.86 28.24 11.90
CA LEU D 271 -2.94 27.49 10.65
C LEU D 271 -2.51 26.04 10.88
N GLU D 272 -3.37 25.11 10.49
CA GLU D 272 -3.09 23.69 10.66
C GLU D 272 -3.12 22.99 9.30
N VAL D 273 -2.54 21.79 9.28
CA VAL D 273 -2.45 21.02 8.05
C VAL D 273 -3.06 19.65 8.30
N PRO D 274 -4.17 19.31 7.67
CA PRO D 274 -4.63 17.92 7.73
C PRO D 274 -3.60 17.05 7.03
N LEU D 275 -3.32 15.88 7.59
CA LEU D 275 -2.32 14.98 7.02
C LEU D 275 -3.00 13.94 6.14
N GLU D 276 -2.59 13.89 4.88
CA GLU D 276 -2.99 12.87 3.95
C GLU D 276 -1.76 12.31 3.27
N HIS D 277 -1.94 11.20 2.58
CA HIS D 277 -0.78 10.62 1.96
C HIS D 277 -0.99 10.57 0.46
N PRO D 278 0.04 10.89 -0.33
CA PRO D 278 -0.17 10.99 -1.78
C PRO D 278 -0.73 9.73 -2.42
N THR D 279 -0.34 8.56 -1.95
CA THR D 279 -0.88 7.32 -2.50
C THR D 279 -1.70 6.50 -1.51
N LEU D 280 -1.40 6.48 -0.22
CA LEU D 280 -2.20 5.70 0.73
C LEU D 280 -3.42 6.51 1.13
N GLU D 281 -4.58 6.24 0.52
CA GLU D 281 -5.73 7.12 0.71
C GLU D 281 -6.38 6.95 2.07
N TRP D 282 -6.33 5.75 2.65
CA TRP D 282 -6.85 5.56 4.00
C TRP D 282 -6.11 6.41 5.02
N PHE D 283 -4.92 6.92 4.68
CA PHE D 283 -4.13 7.70 5.63
C PHE D 283 -4.88 8.92 6.09
N ALA D 284 -5.65 9.53 5.17
CA ALA D 284 -6.44 10.69 5.55
C ALA D 284 -7.46 10.35 6.63
N ALA D 285 -7.92 9.09 6.66
CA ALA D 285 -8.92 8.66 7.63
C ALA D 285 -8.36 8.53 9.03
N LEU D 286 -7.06 8.72 9.20
CA LEU D 286 -6.50 8.74 10.53
C LEU D 286 -6.87 10.03 11.26
N GLY D 287 -7.33 11.05 10.55
CA GLY D 287 -7.69 12.29 11.18
C GLY D 287 -6.52 13.02 11.80
N LEU D 288 -5.31 12.73 11.34
CA LEU D 288 -4.12 13.38 11.87
C LEU D 288 -3.98 14.78 11.31
N ARG D 289 -3.56 15.69 12.18
CA ARG D 289 -3.31 17.07 11.83
C ARG D 289 -1.94 17.45 12.40
N TRP D 290 -1.34 18.48 11.82
CA TRP D 290 -0.30 19.18 12.55
C TRP D 290 -0.41 20.66 12.25
N TYR D 291 0.19 21.46 13.12
CA TYR D 291 0.09 22.89 12.96
C TYR D 291 1.27 23.43 12.15
N ALA D 292 1.06 24.59 11.54
CA ALA D 292 2.02 25.15 10.59
C ALA D 292 3.25 25.70 11.28
N LEU D 293 3.07 26.28 12.45
CA LEU D 293 4.09 27.16 13.00
C LEU D 293 4.80 26.51 14.19
N PRO D 294 6.11 26.19 14.11
CA PRO D 294 6.84 25.81 15.32
C PRO D 294 7.37 27.05 16.01
N ALA D 295 6.76 27.42 17.14
CA ALA D 295 7.10 28.66 17.84
C ALA D 295 7.41 28.30 19.27
N VAL D 296 8.70 28.12 19.56
CA VAL D 296 9.13 27.72 20.89
C VAL D 296 9.13 28.95 21.78
N SER D 297 8.48 28.82 22.94
CA SER D 297 8.14 29.95 23.77
C SER D 297 8.65 29.83 25.20
N ASN D 298 9.33 28.74 25.55
CA ASN D 298 9.78 28.57 26.94
C ASN D 298 11.29 28.68 27.10
N MET D 299 12.02 29.12 26.08
CA MET D 299 13.46 29.26 26.27
C MET D 299 13.82 30.67 26.70
N LEU D 300 14.98 30.79 27.34
CA LEU D 300 15.51 32.09 27.72
C LEU D 300 16.50 32.58 26.67
N LEU D 301 16.32 33.81 26.22
CA LEU D 301 17.28 34.46 25.34
C LEU D 301 18.26 35.25 26.19
N GLU D 302 19.55 34.97 26.05
CA GLU D 302 20.60 35.71 26.76
C GLU D 302 21.43 36.51 25.77
N ILE D 303 21.56 37.81 26.03
CA ILE D 303 22.35 38.72 25.21
C ILE D 303 23.15 39.60 26.16
N GLY D 304 24.48 39.54 26.06
CA GLY D 304 25.35 40.37 26.88
C GLY D 304 25.07 40.33 28.36
N GLY D 305 24.77 39.14 28.89
CA GLY D 305 24.42 39.04 30.28
C GLY D 305 22.99 39.39 30.61
N LEU D 306 22.27 40.07 29.73
CA LEU D 306 20.86 40.28 29.98
C LEU D 306 20.11 39.00 29.69
N GLU D 307 18.98 38.83 30.37
CA GLU D 307 18.16 37.63 30.25
C GLU D 307 16.74 38.03 29.91
N PHE D 308 16.23 37.43 28.82
CA PHE D 308 14.86 37.61 28.37
C PHE D 308 14.16 36.26 28.54
N PRO D 309 13.52 36.02 29.69
CA PRO D 309 12.88 34.71 29.93
C PRO D 309 11.66 34.50 29.06
N ALA D 310 11.20 35.55 28.38
CA ALA D 310 10.09 35.44 27.47
C ALA D 310 10.53 36.06 26.15
N ALA D 311 10.84 35.21 25.18
CA ALA D 311 11.22 35.68 23.84
C ALA D 311 10.91 34.56 22.85
N PRO D 312 9.63 34.29 22.59
CA PRO D 312 9.29 33.17 21.71
C PRO D 312 9.80 33.41 20.31
N PHE D 313 10.21 32.33 19.64
CA PHE D 313 10.75 32.44 18.30
C PHE D 313 10.20 31.30 17.46
N SER D 314 10.13 31.55 16.16
CA SER D 314 9.48 30.57 15.30
C SER D 314 10.18 30.55 13.96
N GLY D 315 10.16 29.39 13.31
CA GLY D 315 10.65 29.24 11.96
C GLY D 315 9.63 28.44 11.19
N TRP D 316 10.06 27.38 10.53
CA TRP D 316 9.15 26.45 9.92
C TRP D 316 9.65 25.05 10.23
N TYR D 317 8.80 24.06 10.03
CA TYR D 317 9.13 22.71 10.45
C TYR D 317 10.09 22.02 9.51
N MET D 318 10.90 21.13 10.06
CA MET D 318 11.49 20.08 9.26
C MET D 318 10.62 18.85 9.43
N SER D 319 10.34 18.15 8.32
CA SER D 319 9.26 17.18 8.30
C SER D 319 9.47 16.05 9.29
N THR D 320 10.72 15.70 9.55
CA THR D 320 10.98 14.60 10.47
C THR D 320 10.59 14.98 11.89
N GLU D 321 10.61 16.28 12.22
CA GLU D 321 10.14 16.66 13.56
C GLU D 321 8.71 16.22 13.75
N ILE D 322 7.89 16.40 12.71
CA ILE D 322 6.49 16.04 12.81
C ILE D 322 6.31 14.55 12.55
N GLY D 323 6.82 14.08 11.41
CA GLY D 323 6.49 12.74 10.96
C GLY D 323 7.13 11.66 11.80
N THR D 324 8.41 11.83 12.13
CA THR D 324 9.10 10.83 12.93
C THR D 324 8.90 11.05 14.42
N ARG D 325 9.27 12.22 14.93
CA ARG D 325 9.26 12.41 16.38
C ARG D 325 7.84 12.58 16.89
N ASN D 326 7.13 13.61 16.40
CA ASN D 326 5.86 13.95 17.02
C ASN D 326 4.84 12.85 16.82
N LEU D 327 4.86 12.22 15.67
CA LEU D 327 3.85 11.23 15.37
C LEU D 327 4.27 9.80 15.72
N CYS D 328 5.57 9.49 15.65
CA CYS D 328 6.03 8.10 15.83
C CYS D 328 6.82 7.83 17.11
N ASP D 329 7.23 8.83 17.87
CA ASP D 329 7.81 8.53 19.18
C ASP D 329 6.82 7.69 19.98
N PRO D 330 7.27 6.57 20.59
CA PRO D 330 6.37 5.76 21.40
C PRO D 330 5.67 6.55 22.49
N HIS D 331 6.34 7.60 22.97
CA HIS D 331 5.81 8.45 24.02
C HIS D 331 5.17 9.72 23.49
N ARG D 332 4.99 9.84 22.18
CA ARG D 332 4.22 10.93 21.60
C ARG D 332 2.92 10.35 21.01
N TYR D 333 2.56 10.67 19.77
CA TYR D 333 1.33 10.12 19.21
C TYR D 333 1.43 8.62 18.93
N ASN D 334 2.64 8.10 18.73
CA ASN D 334 2.85 6.67 18.68
C ASN D 334 1.94 6.01 17.66
N ILE D 335 1.98 6.49 16.41
CA ILE D 335 1.06 5.95 15.40
C ILE D 335 1.69 4.84 14.58
N LEU D 336 3.00 4.58 14.75
CA LEU D 336 3.76 3.81 13.77
C LEU D 336 3.15 2.46 13.52
N GLU D 337 2.77 1.76 14.58
CA GLU D 337 2.26 0.41 14.41
C GLU D 337 0.87 0.43 13.78
N ASP D 338 0.04 1.42 14.12
CA ASP D 338 -1.25 1.53 13.44
C ASP D 338 -1.04 1.76 11.94
N VAL D 339 -0.12 2.65 11.58
CA VAL D 339 0.14 2.87 10.16
C VAL D 339 0.70 1.61 9.52
N ALA D 340 1.59 0.91 10.23
CA ALA D 340 2.17 -0.30 9.63
C ALA D 340 1.10 -1.37 9.41
N VAL D 341 0.19 -1.54 10.37
CA VAL D 341 -0.91 -2.49 10.22
C VAL D 341 -1.75 -2.13 9.00
N CYS D 342 -2.09 -0.85 8.88
CA CYS D 342 -2.87 -0.40 7.72
C CYS D 342 -2.12 -0.64 6.41
N MET D 343 -0.82 -0.36 6.39
CA MET D 343 -0.01 -0.63 5.19
C MET D 343 0.07 -2.11 4.86
N ASP D 344 -0.49 -2.98 5.70
CA ASP D 344 -0.41 -4.44 5.57
C ASP D 344 1.03 -4.93 5.63
N LEU D 345 1.85 -4.26 6.44
CA LEU D 345 3.17 -4.78 6.69
C LEU D 345 3.13 -5.87 7.75
N ASP D 346 4.18 -6.68 7.76
CA ASP D 346 4.32 -7.78 8.70
C ASP D 346 4.98 -7.22 9.95
N THR D 347 4.16 -6.93 10.96
CA THR D 347 4.61 -6.30 12.19
C THR D 347 4.96 -7.32 13.28
N ARG D 348 5.00 -8.62 12.96
CA ARG D 348 5.34 -9.61 13.97
C ARG D 348 6.83 -9.91 14.01
N THR D 349 7.56 -9.54 12.96
CA THR D 349 9.01 -9.66 12.92
C THR D 349 9.60 -8.28 12.66
N THR D 350 10.74 -7.98 13.30
CA THR D 350 11.39 -6.71 13.08
C THR D 350 12.22 -6.71 11.82
N SER D 351 12.67 -7.89 11.40
CA SER D 351 13.55 -8.01 10.24
C SER D 351 12.84 -7.60 8.95
N SER D 352 11.51 -7.55 8.95
CA SER D 352 10.82 -7.01 7.78
C SER D 352 10.92 -5.50 7.66
N LEU D 353 11.45 -4.80 8.68
CA LEU D 353 11.65 -3.35 8.65
C LEU D 353 10.34 -2.60 8.48
N TRP D 354 9.27 -3.11 9.10
CA TRP D 354 7.98 -2.46 9.00
C TRP D 354 7.99 -1.09 9.67
N LYS D 355 8.75 -0.95 10.76
CA LYS D 355 8.87 0.34 11.40
C LYS D 355 9.46 1.37 10.44
N ASP D 356 10.58 1.02 9.82
CA ASP D 356 11.23 1.94 8.88
C ASP D 356 10.30 2.27 7.71
N LYS D 357 9.63 1.26 7.13
CA LYS D 357 8.75 1.48 6.00
C LYS D 357 7.61 2.41 6.36
N ALA D 358 6.97 2.16 7.51
CA ALA D 358 5.79 2.95 7.86
C ALA D 358 6.20 4.37 8.27
N ALA D 359 7.37 4.54 8.90
CA ALA D 359 7.85 5.87 9.25
C ALA D 359 8.15 6.69 8.01
N VAL D 360 8.78 6.07 7.01
CA VAL D 360 9.07 6.80 5.78
C VAL D 360 7.77 7.27 5.15
N GLU D 361 6.75 6.41 5.12
CA GLU D 361 5.48 6.85 4.54
C GLU D 361 4.82 7.93 5.39
N ILE D 362 4.94 7.86 6.72
CA ILE D 362 4.42 8.94 7.54
C ILE D 362 5.12 10.24 7.19
N ASN D 363 6.42 10.19 6.96
CA ASN D 363 7.15 11.40 6.60
C ASN D 363 6.75 11.90 5.22
N VAL D 364 6.57 10.97 4.26
CA VAL D 364 6.05 11.35 2.95
C VAL D 364 4.70 12.03 3.10
N ALA D 365 3.81 11.47 3.93
CA ALA D 365 2.50 12.08 4.12
C ALA D 365 2.63 13.51 4.64
N VAL D 366 3.58 13.74 5.52
CA VAL D 366 3.72 15.05 6.12
C VAL D 366 4.15 16.06 5.08
N LEU D 367 5.21 15.74 4.32
CA LEU D 367 5.73 16.65 3.30
C LEU D 367 4.68 16.93 2.24
N HIS D 368 3.98 15.89 1.81
CA HIS D 368 2.92 16.05 0.83
C HIS D 368 1.83 16.97 1.35
N SER D 369 1.39 16.72 2.58
CA SER D 369 0.29 17.48 3.15
C SER D 369 0.68 18.95 3.30
N TYR D 370 1.90 19.22 3.75
CA TYR D 370 2.30 20.62 3.91
C TYR D 370 2.46 21.30 2.56
N GLN D 371 2.99 20.59 1.57
CA GLN D 371 3.09 21.17 0.23
C GLN D 371 1.70 21.35 -0.37
N LEU D 372 0.83 20.36 -0.21
CA LEU D 372 -0.55 20.51 -0.67
C LEU D 372 -1.19 21.73 -0.04
N ALA D 373 -1.07 21.87 1.29
CA ALA D 373 -1.62 23.02 1.99
C ALA D 373 -0.86 24.32 1.68
N LYS D 374 0.27 24.24 0.98
CA LYS D 374 1.08 25.42 0.69
C LYS D 374 1.59 26.04 2.00
N VAL D 375 2.15 25.20 2.84
CA VAL D 375 2.71 25.60 4.11
C VAL D 375 4.18 25.19 4.09
N THR D 376 5.07 26.16 4.32
CA THR D 376 6.50 25.91 4.27
C THR D 376 6.88 24.68 5.09
N ILE D 377 7.67 23.83 4.48
CA ILE D 377 8.24 22.67 5.14
C ILE D 377 9.53 22.35 4.41
N VAL D 378 10.50 21.83 5.17
CA VAL D 378 11.77 21.38 4.61
C VAL D 378 11.93 19.92 4.99
N ASP D 379 12.27 19.09 4.02
CA ASP D 379 12.57 17.71 4.34
C ASP D 379 14.00 17.64 4.87
N HIS D 380 14.31 16.53 5.54
CA HIS D 380 15.60 16.38 6.22
C HIS D 380 16.78 16.32 5.25
N HIS D 381 16.58 15.90 4.01
CA HIS D 381 17.68 15.94 3.05
C HIS D 381 18.06 17.37 2.69
N ALA D 382 17.08 18.18 2.30
CA ALA D 382 17.35 19.58 1.98
C ALA D 382 17.87 20.33 3.20
N ALA D 383 17.21 20.14 4.34
CA ALA D 383 17.64 20.81 5.57
C ALA D 383 19.09 20.51 5.89
N THR D 384 19.46 19.23 5.88
CA THR D 384 20.84 18.90 6.21
C THR D 384 21.82 19.34 5.11
N ALA D 385 21.38 19.34 3.84
CA ALA D 385 22.24 19.91 2.81
C ALA D 385 22.43 21.41 3.02
N SER D 386 21.40 22.09 3.51
CA SER D 386 21.58 23.50 3.78
C SER D 386 22.47 23.69 5.01
N PHE D 387 22.35 22.80 5.99
CA PHE D 387 23.20 22.93 7.17
C PHE D 387 24.66 22.69 6.84
N MET D 388 24.94 21.88 5.81
CA MET D 388 26.31 21.73 5.33
C MET D 388 26.84 23.03 4.74
N LYS D 389 26.01 23.70 3.95
CA LYS D 389 26.42 25.01 3.45
C LYS D 389 26.70 25.96 4.62
N HIS D 390 25.83 25.93 5.64
CA HIS D 390 26.00 26.82 6.79
C HIS D 390 27.32 26.60 7.49
N LEU D 391 27.70 25.34 7.72
CA LEU D 391 28.99 25.02 8.32
C LEU D 391 30.13 25.57 7.48
N GLU D 392 30.00 25.46 6.17
CA GLU D 392 31.01 26.01 5.27
C GLU D 392 31.03 27.53 5.39
N ASN D 393 29.87 28.16 5.30
CA ASN D 393 29.81 29.61 5.51
C ASN D 393 30.43 29.98 6.86
N GLU D 394 30.06 29.26 7.92
CA GLU D 394 30.52 29.62 9.26
C GLU D 394 32.00 29.35 9.45
N GLN D 395 32.55 28.36 8.75
CA GLN D 395 33.99 28.12 8.87
C GLN D 395 34.79 29.28 8.28
N LYS D 396 34.35 29.81 7.15
CA LYS D 396 35.02 30.96 6.56
C LYS D 396 34.76 32.24 7.33
N ALA D 397 33.62 32.33 8.01
CA ALA D 397 33.18 33.53 8.73
C ALA D 397 33.73 33.62 10.15
N ARG D 398 33.69 32.53 10.92
CA ARG D 398 34.10 32.56 12.31
C ARG D 398 35.15 31.54 12.66
N GLY D 399 35.54 30.67 11.72
CA GLY D 399 36.48 29.61 12.03
C GLY D 399 35.86 28.46 12.77
N GLY D 400 34.61 28.10 12.44
CA GLY D 400 33.96 26.99 13.08
C GLY D 400 32.48 27.22 13.34
N CYS D 401 31.82 26.23 13.91
CA CYS D 401 30.39 26.28 14.15
C CYS D 401 29.99 25.32 15.26
N PRO D 402 29.39 25.80 16.35
CA PRO D 402 28.91 24.88 17.40
C PRO D 402 27.76 24.05 16.88
N ALA D 403 27.88 22.74 16.97
CA ALA D 403 26.88 21.85 16.41
C ALA D 403 26.80 20.59 17.24
N ASP D 404 25.59 20.18 17.54
CA ASP D 404 25.33 18.97 18.32
C ASP D 404 24.94 17.88 17.34
N TRP D 405 25.94 17.11 16.91
CA TRP D 405 25.76 16.02 15.96
C TRP D 405 24.49 15.22 16.22
N ALA D 406 24.27 14.82 17.47
CA ALA D 406 23.15 13.93 17.76
C ALA D 406 21.80 14.59 17.51
N TRP D 407 21.73 15.92 17.55
CA TRP D 407 20.52 16.67 17.24
C TRP D 407 20.49 17.15 15.79
N ILE D 408 21.67 17.32 15.18
CA ILE D 408 21.72 17.76 13.78
C ILE D 408 21.37 16.61 12.85
N VAL D 409 21.84 15.41 13.15
CA VAL D 409 21.52 14.21 12.36
C VAL D 409 20.04 13.89 12.51
N PRO D 410 19.29 13.78 11.42
CA PRO D 410 17.85 13.52 11.51
C PRO D 410 17.57 12.15 12.13
N PRO D 411 16.38 11.98 12.72
CA PRO D 411 16.05 10.74 13.43
C PRO D 411 15.70 9.57 12.54
N ILE D 412 15.50 9.79 11.25
CA ILE D 412 15.45 8.72 10.26
C ILE D 412 16.49 9.03 9.20
N SER D 413 16.96 7.99 8.53
CA SER D 413 17.87 8.12 7.39
C SER D 413 19.12 8.92 7.73
N GLY D 414 19.55 8.88 8.99
CA GLY D 414 20.74 9.59 9.44
C GLY D 414 21.90 9.59 8.46
N SER D 415 22.43 8.40 8.12
CA SER D 415 23.63 8.38 7.28
C SER D 415 23.33 8.64 5.81
N LEU D 416 22.08 8.80 5.44
CA LEU D 416 21.77 9.21 4.08
C LEU D 416 21.85 10.71 3.89
N THR D 417 22.02 11.46 4.97
CA THR D 417 22.20 12.90 4.94
C THR D 417 23.67 13.23 5.15
N PRO D 418 24.15 14.34 4.58
CA PRO D 418 25.59 14.61 4.65
C PRO D 418 26.08 14.95 6.04
N VAL D 419 25.20 15.39 6.93
CA VAL D 419 25.65 15.75 8.27
C VAL D 419 26.08 14.53 9.06
N PHE D 420 25.61 13.33 8.70
CA PHE D 420 26.04 12.13 9.42
C PHE D 420 27.54 11.97 9.34
N HIS D 421 28.14 12.26 8.18
CA HIS D 421 29.55 12.01 7.92
C HIS D 421 30.41 13.21 8.29
N GLN D 422 29.83 14.22 8.90
CA GLN D 422 30.53 15.42 9.32
C GLN D 422 30.77 15.35 10.82
N GLU D 423 32.04 15.33 11.22
CA GLU D 423 32.36 15.55 12.62
C GLU D 423 31.98 16.98 12.99
N MET D 424 31.57 17.15 14.24
CA MET D 424 31.11 18.45 14.71
C MET D 424 31.66 18.70 16.09
N VAL D 425 31.82 19.98 16.41
CA VAL D 425 32.32 20.42 17.71
C VAL D 425 31.17 21.16 18.38
N ASN D 426 30.76 20.66 19.55
CA ASN D 426 29.67 21.26 20.30
C ASN D 426 30.22 22.09 21.43
N TYR D 427 29.66 23.29 21.60
CA TYR D 427 30.13 24.21 22.63
C TYR D 427 29.15 25.38 22.70
N PHE D 428 29.20 26.10 23.81
CA PHE D 428 28.24 27.15 24.10
C PHE D 428 28.83 28.51 23.75
N LEU D 429 28.19 29.23 22.84
CA LEU D 429 28.50 30.63 22.64
C LEU D 429 27.34 31.48 23.13
N SER D 430 27.65 32.69 23.51
CA SER D 430 26.68 33.71 23.82
C SER D 430 26.83 34.83 22.79
N PRO D 431 25.73 35.45 22.33
CA PRO D 431 24.33 35.23 22.77
C PRO D 431 23.76 33.87 22.41
N ALA D 432 22.72 33.49 23.16
CA ALA D 432 22.34 32.10 23.21
C ALA D 432 20.89 31.98 23.64
N PHE D 433 20.23 30.96 23.14
CA PHE D 433 18.98 30.49 23.73
C PHE D 433 19.33 29.38 24.71
N ARG D 434 18.78 29.47 25.91
CA ARG D 434 19.06 28.51 26.98
C ARG D 434 17.72 27.95 27.45
N TYR D 435 17.77 26.73 27.97
CA TYR D 435 16.63 26.21 28.69
C TYR D 435 16.53 26.87 30.06
N GLN D 436 15.33 26.89 30.59
CA GLN D 436 15.07 27.46 31.89
C GLN D 436 14.03 26.57 32.56
N PRO D 437 13.99 26.57 33.88
CA PRO D 437 12.98 25.75 34.55
C PRO D 437 11.59 26.25 34.23
N ASP D 438 10.65 25.31 34.20
CA ASP D 438 9.26 25.68 34.05
C ASP D 438 8.86 26.58 35.21
N PRO D 439 8.18 27.70 34.94
CA PRO D 439 7.95 28.69 36.00
C PRO D 439 6.97 28.22 37.07
N TRP D 440 6.43 27.02 36.97
CA TRP D 440 5.57 26.49 38.02
C TRP D 440 6.27 25.43 38.89
CHA HEM E . -27.21 3.34 -19.65
CHB HEM E . -29.50 4.13 -15.43
CHC HEM E . -31.77 7.88 -17.56
CHD HEM E . -30.19 6.46 -21.90
C1A HEM E . -27.55 3.27 -18.31
C2A HEM E . -26.94 2.44 -17.29
C3A HEM E . -27.57 2.65 -16.13
C4A HEM E . -28.61 3.62 -16.35
CMA HEM E . -27.22 1.97 -14.78
CAA HEM E . -25.76 1.48 -17.50
CBA HEM E . -24.48 2.26 -17.74
CGA HEM E . -23.41 1.75 -16.82
O1A HEM E . -23.75 1.18 -15.76
O2A HEM E . -22.20 1.92 -17.14
C1B HEM E . -30.31 5.23 -15.62
C2B HEM E . -31.15 5.87 -14.64
C3B HEM E . -31.79 6.89 -15.23
C4B HEM E . -31.36 6.95 -16.61
CMB HEM E . -31.34 5.48 -13.15
CAB HEM E . -32.76 7.83 -14.48
CBB HEM E . -33.68 8.60 -15.09
C1C HEM E . -31.52 7.86 -18.91
C2C HEM E . -31.87 8.89 -19.86
C3C HEM E . -31.42 8.51 -21.08
C4C HEM E . -30.78 7.22 -20.91
CMC HEM E . -32.63 10.16 -19.45
CAC HEM E . -31.56 9.19 -22.46
CBC HEM E . -32.53 10.06 -22.77
C1D HEM E . -29.20 5.53 -21.67
C2D HEM E . -28.32 4.96 -22.67
C3D HEM E . -27.50 4.10 -22.04
C4D HEM E . -27.84 4.10 -20.63
CMD HEM E . -28.33 5.29 -24.19
CAD HEM E . -26.43 3.25 -22.70
CBD HEM E . -27.20 2.09 -23.30
CGD HEM E . -26.46 1.41 -24.43
O1D HEM E . -25.26 1.71 -24.64
O2D HEM E . -27.11 0.58 -25.11
NA HEM E . -28.57 3.95 -17.70
NB HEM E . -30.47 5.92 -16.83
NC HEM E . -30.86 6.86 -19.59
ND HEM E . -28.88 5.00 -20.44
FE HEM E . -29.93 5.18 -18.69
N1 H4B F . -23.06 -3.24 -16.88
C2 H4B F . -23.22 -1.93 -16.62
N2 H4B F . -24.37 -1.50 -16.06
N3 H4B F . -22.22 -1.06 -16.92
C4 H4B F . -21.06 -1.49 -17.47
O4 H4B F . -20.17 -0.67 -17.74
C4A H4B F . -20.91 -2.85 -17.75
C8A H4B F . -21.93 -3.72 -17.44
N5 H4B F . -19.78 -3.33 -18.31
N8 H4B F . -21.83 -5.04 -17.68
C6 H4B F . -19.87 -4.58 -19.04
C7 H4B F . -20.64 -5.64 -18.28
C9 H4B F . -18.48 -5.11 -19.43
O9 H4B F . -17.64 -5.24 -18.28
C10 H4B F . -18.63 -6.49 -20.07
C11 H4B F . -17.27 -7.08 -20.45
O10 H4B F . -19.48 -6.40 -21.22
C02 A1BU3 G . -27.32 6.96 -15.43
C03 A1BU3 G . -28.04 7.85 -16.23
C04 A1BU3 G . -27.71 8.00 -17.56
C05 A1BU3 G . -26.66 7.24 -18.08
C06 A1BU3 G . -26.29 7.35 -19.42
C07 A1BU3 G . -25.25 6.58 -19.94
C08 A1BU3 G . -24.55 5.70 -19.14
C09 A1BU3 G . -24.92 5.61 -17.80
C10 A1BU3 G . -25.97 6.36 -17.28
C11 A1BU3 G . -28.47 8.97 -18.43
C21 A1BU3 G . -23.41 4.89 -19.68
C22 A1BU3 G . -23.40 4.34 -20.96
C23 A1BU3 G . -22.30 3.61 -21.40
C24 A1BU3 G . -21.20 3.38 -20.56
C25 A1BU3 G . -21.21 3.92 -19.28
C26 A1BU3 G . -22.30 4.67 -18.86
C27 A1BU3 G . -20.06 3.73 -18.31
C30 A1BU3 G . -18.95 3.32 -21.47
C31 A1BU3 G . -18.15 2.49 -22.48
C32 A1BU3 G . -16.70 2.38 -22.03
C33 A1BU3 G . -17.09 3.42 -23.07
F07 A1BU3 G . -24.92 6.71 -21.22
N01 A1BU3 G . -26.31 6.25 -15.98
N02 A1BU3 G . -27.63 6.80 -14.12
N28 A1BU3 G . -20.02 2.31 -17.88
O29 A1BU3 G . -20.14 2.65 -21.04
C1 BTB H . -7.89 3.50 9.12
O1 BTB H . -7.79 4.88 8.78
C2 BTB H . -7.89 3.18 10.61
C3 BTB H . -8.13 1.66 10.67
O3 BTB H . -8.35 1.03 11.94
C4 BTB H . -6.53 3.53 11.22
O4 BTB H . -6.19 2.71 12.34
N BTB H . -8.95 3.94 11.34
C5 BTB H . -10.27 3.80 10.72
C6 BTB H . -11.13 3.07 11.73
O6 BTB H . -10.86 3.63 13.02
C7 BTB H . -8.59 5.37 11.52
C8 BTB H . -9.40 6.00 12.65
O8 BTB H . -9.16 5.26 13.85
C1 BTB I . -0.21 -5.63 -0.37
O1 BTB I . 0.25 -4.39 -0.94
C2 BTB I . -1.43 -6.04 -1.15
C3 BTB I . -2.39 -4.86 -1.17
O3 BTB I . -3.60 -5.31 -1.79
C4 BTB I . -1.01 -6.35 -2.57
O4 BTB I . -2.07 -5.97 -3.46
N BTB I . -2.15 -7.16 -0.54
C5 BTB I . -1.39 -7.77 0.55
C6 BTB I . -2.44 -8.40 1.46
O6 BTB I . -3.47 -7.43 1.60
C7 BTB I . -2.43 -8.25 -1.51
C8 BTB I . -3.92 -8.37 -1.87
O8 BTB I . -4.66 -7.24 -1.38
C1 GOL J . -40.14 25.88 -30.14
O1 GOL J . -38.95 25.28 -29.65
C2 GOL J . -41.22 25.72 -29.07
O2 GOL J . -40.88 24.61 -28.25
C3 GOL J . -42.58 25.52 -29.72
O3 GOL J . -43.24 24.42 -29.12
C1 GOL K . -11.39 28.78 -37.11
O1 GOL K . -11.30 29.43 -35.85
C2 GOL K . -12.09 29.68 -38.11
O2 GOL K . -13.43 29.88 -37.72
C3 GOL K . -12.07 29.02 -39.49
O3 GOL K . -13.31 28.39 -39.72
C1 GOL L . -16.41 -0.67 -19.57
O1 GOL L . -17.71 -0.84 -19.06
C2 GOL L . -15.52 0.02 -18.54
O2 GOL L . -15.32 -0.78 -17.39
C3 GOL L . -16.11 1.37 -18.14
O3 GOL L . -15.22 2.00 -17.25
CL CL M . -20.94 7.53 -14.24
GD GD N . -8.43 2.58 13.88
ZN ZN O . -25.69 -13.34 -28.16
CA CA P . 10.42 8.10 -13.12
CHA HEM Q . -21.05 -24.96 -14.24
CHB HEM Q . -17.82 -24.14 -10.71
CHC HEM Q . -15.86 -28.46 -11.50
CHD HEM Q . -18.57 -28.90 -15.48
C1A HEM Q . -20.43 -24.41 -13.15
C2A HEM Q . -20.87 -23.27 -12.39
C3A HEM Q . -19.97 -23.05 -11.40
C4A HEM Q . -18.93 -24.04 -11.53
CMA HEM Q . -19.96 -21.97 -10.31
CAA HEM Q . -22.16 -22.47 -12.67
CBA HEM Q . -23.29 -23.21 -11.97
CGA HEM Q . -24.32 -22.25 -11.42
O1A HEM Q . -23.97 -21.07 -11.28
O2A HEM Q . -25.48 -22.65 -11.11
C1B HEM Q . -17.01 -25.23 -10.59
C2B HEM Q . -15.95 -25.42 -9.61
C3B HEM Q . -15.40 -26.62 -9.84
C4B HEM Q . -16.10 -27.24 -10.95
CMB HEM Q . -15.51 -24.41 -8.53
CAB HEM Q . -14.22 -27.22 -9.03
CBB HEM Q . -13.44 -28.15 -9.56
C1C HEM Q . -16.44 -28.99 -12.64
C2C HEM Q . -16.19 -30.30 -13.19
C3C HEM Q . -16.98 -30.44 -14.29
C4C HEM Q . -17.70 -29.17 -14.47
CMC HEM Q . -15.22 -31.32 -12.53
CAC HEM Q . -17.09 -31.61 -15.29
CBC HEM Q . -16.11 -32.53 -15.42
C1D HEM Q . -19.51 -27.91 -15.47
C2D HEM Q . -20.61 -27.79 -16.39
C3D HEM Q . -21.29 -26.69 -16.06
C4D HEM Q . -20.65 -26.10 -14.90
CMD HEM Q . -20.82 -28.81 -17.54
CAD HEM Q . -22.57 -26.05 -16.67
CBD HEM Q . -22.86 -26.24 -18.16
CGD HEM Q . -21.98 -25.29 -18.90
O1D HEM Q . -20.80 -25.17 -18.49
O2D HEM Q . -22.45 -24.66 -19.89
NA HEM Q . -19.24 -24.84 -12.59
NB HEM Q . -17.08 -26.36 -11.38
NC HEM Q . -17.37 -28.33 -13.45
ND HEM Q . -19.56 -26.86 -14.59
FE HEM Q . -18.16 -26.43 -13.15
N1 H4B R . -25.11 -17.56 -13.68
C2 H4B R . -24.75 -18.61 -12.91
N2 H4B R . -23.45 -18.81 -12.64
N3 H4B R . -25.69 -19.45 -12.41
C4 H4B R . -27.00 -19.27 -12.67
O4 H4B R . -27.83 -20.09 -12.19
C4A H4B R . -27.38 -18.20 -13.47
C8A H4B R . -26.41 -17.35 -13.97
N5 H4B R . -28.68 -17.96 -13.77
N8 H4B R . -26.72 -16.29 -14.75
C6 H4B R . -28.95 -17.22 -14.99
C7 H4B R . -28.09 -15.97 -15.11
C9 H4B R . -30.44 -16.92 -15.15
O9 H4B R . -31.02 -16.62 -13.87
C10 H4B R . -30.65 -15.79 -16.14
C11 H4B R . -32.12 -15.47 -16.37
O10 H4B R . -30.03 -16.14 -17.39
C02 A1BU3 S . -19.59 -26.70 -8.84
C03 A1BU3 S . -19.01 -27.85 -9.38
C04 A1BU3 S . -19.63 -28.48 -10.46
C05 A1BU3 S . -20.78 -27.97 -10.99
C06 A1BU3 S . -21.39 -28.56 -12.09
C07 A1BU3 S . -22.56 -28.03 -12.61
C08 A1BU3 S . -23.12 -26.89 -12.04
C09 A1BU3 S . -22.51 -26.28 -10.95
C10 A1BU3 S . -21.33 -26.81 -10.44
C11 A1BU3 S . -19.04 -29.74 -11.06
C21 A1BU3 S . -24.39 -26.33 -12.58
C22 A1BU3 S . -24.68 -26.24 -13.93
C23 A1BU3 S . -25.91 -25.72 -14.33
C24 A1BU3 S . -26.83 -25.30 -13.38
C25 A1BU3 S . -26.55 -25.41 -12.04
C26 A1BU3 S . -25.33 -25.93 -11.64
C27 A1BU3 S . -27.59 -24.93 -11.06
C30 A1BU3 S . -28.75 -25.53 -14.72
C31 A1BU3 S . -29.36 -24.51 -15.66
C32 A1BU3 S . -30.81 -24.94 -15.79
C33 A1BU3 S . -29.83 -25.23 -16.91
F07 A1BU3 S . -23.18 -28.62 -13.66
N01 A1BU3 S . -20.74 -26.23 -9.38
N02 A1BU3 S . -19.06 -26.04 -7.79
N28 A1BU3 S . -27.77 -23.47 -11.29
O29 A1BU3 S . -28.03 -24.79 -13.74
C1 BTB T . -16.39 -11.00 19.95
O1 BTB T . -15.67 -12.15 20.40
C2 BTB T . -17.61 -11.41 19.12
C3 BTB T . -17.63 -10.53 17.87
O3 BTB T . -18.74 -10.90 17.05
C4 BTB T . -17.49 -12.87 18.68
O4 BTB T . -18.78 -13.50 18.64
N BTB T . -18.84 -11.23 19.93
C5 BTB T . -19.19 -9.81 20.14
C6 BTB T . -20.49 -9.44 19.46
O6 BTB T . -21.61 -10.12 20.03
C7 BTB T . -18.71 -11.95 21.23
C8 BTB T . -20.06 -12.41 21.78
O8 BTB T . -21.01 -12.72 20.76
C1 BTB U . -38.10 -57.72 -13.82
O1 BTB U . -37.54 -58.02 -12.53
C2 BTB U . -37.39 -56.47 -14.36
C3 BTB U . -37.44 -55.38 -13.28
O3 BTB U . -38.75 -55.17 -12.73
C4 BTB U . -35.92 -56.79 -14.61
O4 BTB U . -35.65 -58.20 -14.69
N BTB U . -37.98 -56.03 -15.65
C5 BTB U . -39.41 -55.67 -15.57
C6 BTB U . -39.64 -54.21 -15.98
O6 BTB U . -38.71 -53.86 -17.01
C7 BTB U . -37.87 -57.13 -16.62
C8 BTB U . -38.37 -56.68 -17.99
O8 BTB U . -37.70 -55.45 -18.29
C1 GOL V . -40.05 -14.13 6.24
O1 GOL V . -39.51 -13.67 7.46
C2 GOL V . -40.46 -15.60 6.38
O2 GOL V . -39.64 -16.25 7.33
C3 GOL V . -40.36 -16.29 5.03
O3 GOL V . -41.04 -17.51 5.06
CL CL W . -25.88 -26.65 -6.03
GD GD X . -20.87 -11.97 18.14
CA CA Y . -13.92 -53.03 -30.29
CHA HEM Z . 31.77 -1.66 16.98
CHB HEM Z . 28.14 -4.72 15.91
CHC HEM Z . 30.46 -8.42 18.02
CHD HEM Z . 34.10 -5.37 19.02
C1A HEM Z . 30.60 -2.17 16.46
C2A HEM Z . 29.62 -1.48 15.63
C3A HEM Z . 28.63 -2.33 15.35
C4A HEM Z . 28.93 -3.59 15.97
CMA HEM Z . 27.38 -2.05 14.51
CAA HEM Z . 29.67 -0.01 15.14
CBA HEM Z . 30.97 0.23 14.38
CGA HEM Z . 30.70 0.81 13.02
O1A HEM Z . 29.59 0.62 12.48
O2A HEM Z . 31.62 1.47 12.45
C1B HEM Z . 28.44 -5.97 16.40
C2B HEM Z . 27.56 -7.11 16.33
C3B HEM Z . 28.18 -8.14 16.91
C4B HEM Z . 29.48 -7.69 17.37
CMB HEM Z . 26.17 -7.11 15.68
CAB HEM Z . 27.56 -9.56 17.02
CBB HEM Z . 28.07 -10.53 17.79
C1C HEM Z . 31.68 -7.93 18.44
C2C HEM Z . 32.77 -8.70 19.01
C3C HEM Z . 33.78 -7.84 19.28
C4C HEM Z . 33.35 -6.52 18.89
CMC HEM Z . 32.74 -10.23 19.23
CAC HEM Z . 35.17 -8.10 19.91
CBC HEM Z . 35.46 -9.20 20.62
C1D HEM Z . 33.78 -4.12 18.56
C2D HEM Z . 34.62 -2.96 18.70
C3D HEM Z . 34.01 -1.92 18.15
C4D HEM Z . 32.73 -2.39 17.64
CMD HEM Z . 36.01 -2.94 19.39
CAD HEM Z . 34.60 -0.49 18.13
CBD HEM Z . 34.22 0.09 19.49
CGD HEM Z . 34.78 1.47 19.67
O1D HEM Z . 35.56 1.94 18.80
O2D HEM Z . 34.44 2.10 20.71
NA HEM Z . 30.12 -3.45 16.64
NB HEM Z . 29.60 -6.35 17.04
NC HEM Z . 32.07 -6.61 18.39
ND HEM Z . 32.64 -3.73 17.91
FE HEM Z . 30.98 -4.91 17.83
N1 H4B AA . 28.32 4.98 13.75
C2 H4B AA . 28.75 3.76 13.35
N2 H4B AA . 28.18 2.66 13.87
N3 H4B AA . 29.75 3.66 12.43
C4 H4B AA . 30.32 4.78 11.91
O4 H4B AA . 31.23 4.70 11.05
C4A H4B AA . 29.87 6.02 12.32
C8A H4B AA . 28.85 6.11 13.25
N5 H4B AA . 30.40 7.15 11.83
N8 H4B AA . 28.40 7.31 13.68
C6 H4B AA . 30.36 8.31 12.70
C7 H4B AA . 28.94 8.57 13.17
C9 H4B AA . 31.02 9.52 12.05
O9 H4B AA . 30.71 9.52 10.65
C10 H4B AA . 30.59 10.84 12.69
C11 H4B AA . 31.32 12.02 12.07
O10 H4B AA . 30.87 10.82 14.09
C02 A1BU3 BA . 30.08 -6.10 13.63
C03 A1BU3 BA . 30.90 -6.98 14.34
C04 A1BU3 BA . 32.16 -6.55 14.72
C05 A1BU3 BA . 32.56 -5.26 14.40
C06 A1BU3 BA . 33.82 -4.81 14.79
C07 A1BU3 BA . 34.24 -3.53 14.47
C08 A1BU3 BA . 33.40 -2.68 13.77
C09 A1BU3 BA . 32.14 -3.12 13.37
C10 A1BU3 BA . 31.72 -4.42 13.69
C11 A1BU3 BA . 33.07 -7.48 15.48
C21 A1BU3 BA . 33.90 -1.32 13.40
C22 A1BU3 BA . 34.56 -0.49 14.31
C23 A1BU3 BA . 35.03 0.76 13.89
C24 A1BU3 BA . 34.82 1.18 12.58
C25 A1BU3 BA . 34.19 0.35 11.67
C26 A1BU3 BA . 33.72 -0.90 12.10
C27 A1BU3 BA . 33.96 0.78 10.25
C30 A1BU3 BA . 36.67 2.45 11.82
C31 A1BU3 BA . 37.06 3.77 11.17
C32 A1BU3 BA . 37.13 3.59 9.65
C33 A1BU3 BA . 38.41 3.59 10.48
F07 A1BU3 BA . 35.46 -3.13 14.83
N01 A1BU3 BA . 30.51 -4.86 13.33
N02 A1BU3 BA . 28.85 -6.50 13.24
N28 A1BU3 BA . 32.67 1.50 10.18
O29 A1BU3 BA . 35.30 2.40 12.18
C1 BTB CA . 12.87 -1.37 -12.85
O1 BTB CA . 11.50 -0.96 -12.76
C2 BTB CA . 13.32 -1.54 -14.29
C3 BTB CA . 12.68 -0.45 -15.14
O3 BTB CA . 12.46 0.75 -14.38
C4 BTB CA . 14.83 -1.38 -14.31
O4 BTB CA . 15.15 0.02 -14.22
N BTB CA . 12.92 -2.91 -14.75
C5 BTB CA . 12.76 -3.87 -13.65
C6 BTB CA . 11.34 -4.46 -13.62
O6 BTB CA . 10.38 -3.41 -13.46
C7 BTB CA . 13.86 -3.44 -15.75
C8 BTB CA . 13.12 -4.49 -16.58
O8 BTB CA . 11.77 -4.06 -16.75
C1 BTB DA . 21.17 14.36 -12.71
O1 BTB DA . 20.37 13.41 -13.43
C2 BTB DA . 21.33 13.93 -11.25
C3 BTB DA . 21.10 12.45 -11.11
O3 BTB DA . 20.58 12.24 -9.79
C4 BTB DA . 22.74 14.19 -10.76
O4 BTB DA . 23.06 13.23 -9.75
N BTB DA . 20.33 14.58 -10.36
C5 BTB DA . 19.17 15.13 -11.10
C6 BTB DA . 17.97 14.19 -10.98
O6 BTB DA . 18.17 13.03 -11.81
C7 BTB DA . 20.91 15.67 -9.55
C8 BTB DA . 20.30 15.58 -8.14
O8 BTB DA . 19.88 14.23 -7.93
C1 GOL EA . 45.38 -25.31 25.86
O1 GOL EA . 46.10 -24.31 26.55
C2 GOL EA . 43.89 -25.08 26.07
O2 GOL EA . 43.63 -23.70 25.94
C3 GOL EA . 43.51 -25.50 27.49
O3 GOL EA . 43.79 -24.42 28.34
C1 GOL FA . 65.66 -12.80 6.64
O1 GOL FA . 64.78 -12.76 7.74
C2 GOL FA . 65.24 -11.80 5.56
O2 GOL FA . 65.01 -10.52 6.12
C3 GOL FA . 63.98 -12.29 4.85
O3 GOL FA . 62.87 -12.15 5.71
CL CL GA . 31.79 -3.77 7.42
GD GD HA . 10.98 -1.12 -15.72
ZN ZN IA . 31.51 15.08 24.89
CHA HEM JA . 16.44 23.40 17.40
CHB HEM JA . 15.15 23.29 12.75
CHC HEM JA . 14.31 28.07 13.00
CHD HEM JA . 16.32 28.25 17.38
C1A HEM JA . 16.03 22.95 16.18
C2A HEM JA . 15.77 21.57 15.82
C3A HEM JA . 15.40 21.54 14.54
C4A HEM JA . 15.45 22.90 14.03
CMA HEM JA . 15.01 20.33 13.66
CAA HEM JA . 15.88 20.39 16.82
CBA HEM JA . 14.41 20.10 17.12
CGA HEM JA . 14.29 18.84 17.91
O1A HEM JA . 13.80 17.82 17.35
O2A HEM JA . 14.67 18.87 19.09
C1B HEM JA . 14.80 24.59 12.41
C2B HEM JA . 14.33 25.04 11.12
C3B HEM JA . 14.11 26.36 11.17
C4B HEM JA . 14.42 26.79 12.51
CMB HEM JA . 14.12 24.20 9.85
CAB HEM JA . 13.58 27.15 9.93
CBB HEM JA . 13.57 28.50 9.87
C1C HEM JA . 14.77 28.55 14.19
C2C HEM JA . 14.70 29.92 14.64
C3C HEM JA . 15.25 29.98 15.88
C4C HEM JA . 15.69 28.63 16.22
CMC HEM JA . 14.07 31.07 13.85
CAC HEM JA . 15.45 31.19 16.80
CBC HEM JA . 15.52 32.46 16.39
C1D HEM JA . 16.50 26.95 17.80
C2D HEM JA . 16.98 26.50 19.09
C3D HEM JA . 17.00 25.16 19.09
C4D HEM JA . 16.56 24.71 17.81
CMD HEM JA . 17.36 27.44 20.23
CAD HEM JA . 17.47 24.27 20.26
CBD HEM JA . 19.00 24.41 20.19
CGD HEM JA . 19.76 23.95 21.41
O1D HEM JA . 19.13 23.62 22.45
O2D HEM JA . 21.00 23.94 21.30
NA HEM JA . 15.84 23.72 15.06
NB HEM JA . 14.85 25.67 13.23
NC HEM JA . 15.37 27.80 15.17
ND HEM JA . 16.28 25.82 17.05
FE HEM JA . 15.86 25.79 14.98
N1 H4B KA . 17.83 15.32 18.04
C2 H4B KA . 16.83 16.21 17.77
N2 H4B KA . 16.88 17.02 16.67
N3 H4B KA . 15.77 16.28 18.60
C4 H4B KA . 15.68 15.51 19.70
O4 H4B KA . 14.69 15.58 20.44
C4A H4B KA . 16.71 14.62 19.98
C8A H4B KA . 17.80 14.53 19.13
N5 H4B KA . 16.65 13.82 21.06
N8 H4B KA . 18.81 13.67 19.38
C6 H4B KA . 17.89 13.34 21.60
C7 H4B KA . 18.81 12.76 20.52
C9 H4B KA . 17.57 12.37 22.74
O9 H4B KA . 16.60 11.41 22.32
C10 H4B KA . 18.77 11.63 23.28
C11 H4B KA . 18.37 11.16 24.67
O10 H4B KA . 19.92 12.49 23.34
C02 A1BU3 LA . 11.80 24.07 14.09
C03 A1BU3 LA . 11.80 25.47 14.24
C04 A1BU3 LA . 12.11 26.01 15.49
C05 A1BU3 LA . 12.42 25.17 16.56
C06 A1BU3 LA . 12.77 25.68 17.81
C07 A1BU3 LA . 13.07 24.81 18.85
C08 A1BU3 LA . 13.06 23.43 18.66
C09 A1BU3 LA . 12.71 22.94 17.41
C10 A1BU3 LA . 12.41 23.79 16.36
C11 A1BU3 LA . 12.10 27.52 15.67
C21 A1BU3 LA . 13.35 22.49 19.78
C22 A1BU3 LA . 14.29 22.73 20.78
C23 A1BU3 LA . 14.47 21.81 21.81
C24 A1BU3 LA . 13.71 20.65 21.87
C25 A1BU3 LA . 12.76 20.41 20.88
C26 A1BU3 LA . 12.58 21.33 19.85
C27 A1BU3 LA . 11.93 19.15 20.89
C30 A1BU3 LA . 13.83 20.15 24.25
C31 A1BU3 LA . 13.47 18.93 25.10
C32 A1BU3 LA . 11.98 18.92 25.40
C33 A1BU3 LA . 12.96 19.41 26.46
F07 A1BU3 LA . 13.39 25.30 20.06
N01 A1BU3 LA . 12.09 23.27 15.14
N02 A1BU3 LA . 11.50 23.50 12.93
N28 A1BU3 LA . 12.83 17.98 20.87
O29 A1BU3 LA . 13.91 19.74 22.88
C1 BTB MA . -3.46 4.10 -8.08
O1 BTB MA . -2.57 3.07 -8.51
C2 BTB MA . -3.25 4.35 -6.60
C3 BTB MA . -1.81 4.04 -6.18
O3 BTB MA . -1.58 4.44 -4.82
C4 BTB MA . -3.54 5.82 -6.29
O4 BTB MA . -3.76 5.98 -4.88
N BTB MA . -4.19 3.51 -5.79
C5 BTB MA . -3.66 2.14 -5.60
C6 BTB MA . -4.43 1.45 -4.49
O6 BTB MA . -3.56 1.14 -3.40
C7 BTB MA . -5.60 3.55 -6.19
C8 BTB MA . -6.43 4.21 -5.08
O8 BTB MA . -6.21 3.56 -3.82
C1 BTB NA . -0.83 42.48 41.10
O1 BTB NA . -0.53 41.21 41.69
C2 BTB NA . -2.25 42.46 40.56
C3 BTB NA . -2.61 41.01 40.21
O3 BTB NA . -2.29 40.20 41.36
C4 BTB NA . -3.19 42.90 41.68
O4 BTB NA . -2.95 42.04 42.81
N BTB NA . -2.38 43.34 39.37
C5 BTB NA . -1.82 44.68 39.70
C6 BTB NA . -0.66 45.10 38.80
O6 BTB NA . -0.73 44.43 37.54
C7 BTB NA . -3.80 43.59 39.13
C8 BTB NA . -4.35 43.05 37.83
O8 BTB NA . -5.73 43.45 37.82
C1 GOL OA . -2.75 1.87 18.70
O1 GOL OA . -3.16 0.85 17.83
C2 GOL OA . -3.71 1.93 19.88
O2 GOL OA . -4.24 0.66 20.15
C3 GOL OA . -4.82 2.93 19.57
O3 GOL OA . -5.42 3.33 20.78
C1 GOL PA . 13.14 15.17 24.18
O1 GOL PA . 13.82 16.27 23.60
C2 GOL PA . 13.81 13.88 23.72
O2 GOL PA . 14.44 14.10 22.48
C3 GOL PA . 12.80 12.75 23.54
O3 GOL PA . 13.47 11.59 23.10
C1 GOL QA . 1.30 -6.06 19.29
O1 GOL QA . 1.28 -6.59 17.98
C2 GOL QA . 2.67 -5.48 19.63
O2 GOL QA . 3.65 -6.49 19.65
C3 GOL QA . 2.60 -4.83 21.00
O3 GOL QA . 2.97 -3.46 20.89
CL CL RA . 7.32 20.23 17.59
GD GD SA . -3.57 3.87 -3.22
#